data_3OBQ
# 
_entry.id   3OBQ 
# 
_audit_conform.dict_name       mmcif_pdbx.dic 
_audit_conform.dict_version    5.379 
_audit_conform.dict_location   http://mmcif.pdb.org/dictionaries/ascii/mmcif_pdbx.dic 
# 
loop_
_database_2.database_id 
_database_2.database_code 
_database_2.pdbx_database_accession 
_database_2.pdbx_DOI 
PDB   3OBQ         pdb_00003obq 10.2210/pdb3obq/pdb 
RCSB  RCSB060914   ?            ?                   
WWPDB D_1000060914 ?            ?                   
# 
loop_
_pdbx_database_related.db_name 
_pdbx_database_related.db_id 
_pdbx_database_related.details 
_pdbx_database_related.content_type 
PDB 1M4Q 'The same protein complexed with HIV-1 PTAP peptide' unspecified 
PDB 3OBU .                                                    unspecified 
PDB 3OBQ .                                                    unspecified 
PDB 3OBX .                                                    unspecified 
# 
_pdbx_database_status.status_code                     REL 
_pdbx_database_status.entry_id                        3OBQ 
_pdbx_database_status.recvd_initial_deposition_date   2010-08-09 
_pdbx_database_status.deposit_site                    RCSB 
_pdbx_database_status.process_site                    RCSB 
_pdbx_database_status.status_code_sf                  REL 
_pdbx_database_status.status_code_mr                  ? 
_pdbx_database_status.SG_entry                        ? 
_pdbx_database_status.status_code_cs                  ? 
_pdbx_database_status.methods_development_category    ? 
_pdbx_database_status.pdb_format_compatible           Y 
_pdbx_database_status.status_code_nmr_data            ? 
# 
loop_
_audit_author.name 
_audit_author.pdbx_ordinal 
'Im, Y.J.'     1 
'Hurley, J.H.' 2 
# 
_citation.id                        primary 
_citation.title                     'Crystallographic and Functional Analysis of the ESCRT-I /HIV-1 Gag PTAP Interaction.' 
_citation.journal_abbrev            Structure 
_citation.journal_volume            18 
_citation.page_first                1536 
_citation.page_last                 1547 
_citation.year                      2010 
_citation.journal_id_ASTM           STRUE6 
_citation.country                   UK 
_citation.journal_id_ISSN           0969-2126 
_citation.journal_id_CSD            2005 
_citation.book_publisher            ? 
_citation.pdbx_database_id_PubMed   21070952 
_citation.pdbx_database_id_DOI      10.1016/j.str.2010.08.010 
# 
loop_
_citation_author.citation_id 
_citation_author.name 
_citation_author.ordinal 
_citation_author.identifier_ORCID 
primary 'Im, Y.J.'         1  ? 
primary 'Kuo, L.'          2  ? 
primary 'Ren, X.'          3  ? 
primary 'Burgos, P.V.'     4  ? 
primary 'Zhao, X.Z.'       5  ? 
primary 'Liu, F.'          6  ? 
primary 'Burke, T.R.'      7  ? 
primary 'Bonifacino, J.S.' 8  ? 
primary 'Freed, E.O.'      9  ? 
primary 'Hurley, J.H.'     10 ? 
# 
_cell.entry_id           3OBQ 
_cell.length_a           33.654 
_cell.length_b           45.126 
_cell.length_c           87.734 
_cell.angle_alpha        90.00 
_cell.angle_beta         90.00 
_cell.angle_gamma        90.00 
_cell.Z_PDB              4 
_cell.pdbx_unique_axis   ? 
_cell.length_a_esd       ? 
_cell.length_b_esd       ? 
_cell.length_c_esd       ? 
_cell.angle_alpha_esd    ? 
_cell.angle_beta_esd     ? 
_cell.angle_gamma_esd    ? 
# 
_symmetry.entry_id                         3OBQ 
_symmetry.space_group_name_H-M             'P 21 21 21' 
_symmetry.pdbx_full_space_group_name_H-M   ? 
_symmetry.cell_setting                     ? 
_symmetry.Int_Tables_number                19 
_symmetry.space_group_name_Hall            ? 
# 
loop_
_entity.id 
_entity.type 
_entity.src_method 
_entity.pdbx_description 
_entity.formula_weight 
_entity.pdbx_number_of_molecules 
_entity.pdbx_ec 
_entity.pdbx_mutation 
_entity.pdbx_fragment 
_entity.details 
1 polymer man 'Tumor susceptibility gene 101 protein'                        16501.195 1   ? '43VFNDGS48 -> GTG' 
'N-terminal UEV domain (UNP residues 2 to 145)' ? 
2 polymer syn 'Hepatocyte growth factor-regulated tyrosine kinase substrate' 878.022   1   ? ?                   
'PSAP sequence (nonapeptide)'                   ? 
3 water   nat water                                                          18.015    198 ? ?                   ? ? 
# 
loop_
_entity_name_com.entity_id 
_entity_name_com.name 
1 'ESCRT-I complex subunit TSG101' 
2 'Protein pp110, Hrs'             
# 
loop_
_entity_poly.entity_id 
_entity_poly.type 
_entity_poly.nstd_linkage 
_entity_poly.nstd_monomer 
_entity_poly.pdbx_seq_one_letter_code 
_entity_poly.pdbx_seq_one_letter_code_can 
_entity_poly.pdbx_strand_id 
_entity_poly.pdbx_target_identifier 
1 'polypeptide(L)' no no 
;GAMGSAVSESQLKKMVSKYKYRDLTVRETVNVITLYKDLKPVLDSYGTGSRELMNLTGTIPVPYRGNTYNIPICLWLLDT
YPYNPPICFVKPTSSMTIKTGKHVDANGKIYLPYLHEWKHPQSDLLGLIQVMIVVFGDEPPVFSRP
;
;GAMGSAVSESQLKKMVSKYKYRDLTVRETVNVITLYKDLKPVLDSYGTGSRELMNLTGTIPVPYRGNTYNIPICLWLLDT
YPYNPPICFVKPTSSMTIKTGKHVDANGKIYLPYLHEWKHPQSDLLGLIQVMIVVFGDEPPVFSRP
;
A ? 
2 'polypeptide(L)' no no PTPSAPVPL PTPSAPVPL B ? 
# 
loop_
_entity_poly_seq.entity_id 
_entity_poly_seq.num 
_entity_poly_seq.mon_id 
_entity_poly_seq.hetero 
1 1   GLY n 
1 2   ALA n 
1 3   MET n 
1 4   GLY n 
1 5   SER n 
1 6   ALA n 
1 7   VAL n 
1 8   SER n 
1 9   GLU n 
1 10  SER n 
1 11  GLN n 
1 12  LEU n 
1 13  LYS n 
1 14  LYS n 
1 15  MET n 
1 16  VAL n 
1 17  SER n 
1 18  LYS n 
1 19  TYR n 
1 20  LYS n 
1 21  TYR n 
1 22  ARG n 
1 23  ASP n 
1 24  LEU n 
1 25  THR n 
1 26  VAL n 
1 27  ARG n 
1 28  GLU n 
1 29  THR n 
1 30  VAL n 
1 31  ASN n 
1 32  VAL n 
1 33  ILE n 
1 34  THR n 
1 35  LEU n 
1 36  TYR n 
1 37  LYS n 
1 38  ASP n 
1 39  LEU n 
1 40  LYS n 
1 41  PRO n 
1 42  VAL n 
1 43  LEU n 
1 44  ASP n 
1 45  SER n 
1 46  TYR n 
1 47  GLY n 
1 48  THR n 
1 49  GLY n 
1 50  SER n 
1 51  ARG n 
1 52  GLU n 
1 53  LEU n 
1 54  MET n 
1 55  ASN n 
1 56  LEU n 
1 57  THR n 
1 58  GLY n 
1 59  THR n 
1 60  ILE n 
1 61  PRO n 
1 62  VAL n 
1 63  PRO n 
1 64  TYR n 
1 65  ARG n 
1 66  GLY n 
1 67  ASN n 
1 68  THR n 
1 69  TYR n 
1 70  ASN n 
1 71  ILE n 
1 72  PRO n 
1 73  ILE n 
1 74  CYS n 
1 75  LEU n 
1 76  TRP n 
1 77  LEU n 
1 78  LEU n 
1 79  ASP n 
1 80  THR n 
1 81  TYR n 
1 82  PRO n 
1 83  TYR n 
1 84  ASN n 
1 85  PRO n 
1 86  PRO n 
1 87  ILE n 
1 88  CYS n 
1 89  PHE n 
1 90  VAL n 
1 91  LYS n 
1 92  PRO n 
1 93  THR n 
1 94  SER n 
1 95  SER n 
1 96  MET n 
1 97  THR n 
1 98  ILE n 
1 99  LYS n 
1 100 THR n 
1 101 GLY n 
1 102 LYS n 
1 103 HIS n 
1 104 VAL n 
1 105 ASP n 
1 106 ALA n 
1 107 ASN n 
1 108 GLY n 
1 109 LYS n 
1 110 ILE n 
1 111 TYR n 
1 112 LEU n 
1 113 PRO n 
1 114 TYR n 
1 115 LEU n 
1 116 HIS n 
1 117 GLU n 
1 118 TRP n 
1 119 LYS n 
1 120 HIS n 
1 121 PRO n 
1 122 GLN n 
1 123 SER n 
1 124 ASP n 
1 125 LEU n 
1 126 LEU n 
1 127 GLY n 
1 128 LEU n 
1 129 ILE n 
1 130 GLN n 
1 131 VAL n 
1 132 MET n 
1 133 ILE n 
1 134 VAL n 
1 135 VAL n 
1 136 PHE n 
1 137 GLY n 
1 138 ASP n 
1 139 GLU n 
1 140 PRO n 
1 141 PRO n 
1 142 VAL n 
1 143 PHE n 
1 144 SER n 
1 145 ARG n 
1 146 PRO n 
2 1   PRO n 
2 2   THR n 
2 3   PRO n 
2 4   SER n 
2 5   ALA n 
2 6   PRO n 
2 7   VAL n 
2 8   PRO n 
2 9   LEU n 
# 
_entity_src_gen.entity_id                          1 
_entity_src_gen.pdbx_src_id                        1 
_entity_src_gen.pdbx_alt_source_flag               sample 
_entity_src_gen.pdbx_seq_type                      ? 
_entity_src_gen.pdbx_beg_seq_num                   ? 
_entity_src_gen.pdbx_end_seq_num                   ? 
_entity_src_gen.gene_src_common_name               human 
_entity_src_gen.gene_src_genus                     ? 
_entity_src_gen.pdbx_gene_src_gene                 TSG101 
_entity_src_gen.gene_src_species                   ? 
_entity_src_gen.gene_src_strain                    ? 
_entity_src_gen.gene_src_tissue                    ? 
_entity_src_gen.gene_src_tissue_fraction           ? 
_entity_src_gen.gene_src_details                   ? 
_entity_src_gen.pdbx_gene_src_fragment             ? 
_entity_src_gen.pdbx_gene_src_scientific_name      'Homo sapiens' 
_entity_src_gen.pdbx_gene_src_ncbi_taxonomy_id     9606 
_entity_src_gen.pdbx_gene_src_variant              ? 
_entity_src_gen.pdbx_gene_src_cell_line            ? 
_entity_src_gen.pdbx_gene_src_atcc                 ? 
_entity_src_gen.pdbx_gene_src_organ                ? 
_entity_src_gen.pdbx_gene_src_organelle            ? 
_entity_src_gen.pdbx_gene_src_cell                 ? 
_entity_src_gen.pdbx_gene_src_cellular_location    ? 
_entity_src_gen.host_org_common_name               ? 
_entity_src_gen.pdbx_host_org_scientific_name      'Escherichia coli' 
_entity_src_gen.pdbx_host_org_ncbi_taxonomy_id     562 
_entity_src_gen.host_org_genus                     ? 
_entity_src_gen.pdbx_host_org_gene                 ? 
_entity_src_gen.pdbx_host_org_organ                ? 
_entity_src_gen.host_org_species                   ? 
_entity_src_gen.pdbx_host_org_tissue               ? 
_entity_src_gen.pdbx_host_org_tissue_fraction      ? 
_entity_src_gen.pdbx_host_org_strain               'BL21(DE3) Star' 
_entity_src_gen.pdbx_host_org_variant              ? 
_entity_src_gen.pdbx_host_org_cell_line            ? 
_entity_src_gen.pdbx_host_org_atcc                 ? 
_entity_src_gen.pdbx_host_org_culture_collection   ? 
_entity_src_gen.pdbx_host_org_cell                 ? 
_entity_src_gen.pdbx_host_org_organelle            ? 
_entity_src_gen.pdbx_host_org_cellular_location    ? 
_entity_src_gen.pdbx_host_org_vector_type          Plasmid 
_entity_src_gen.pdbx_host_org_vector               ? 
_entity_src_gen.host_org_details                   ? 
_entity_src_gen.expression_system_id               ? 
_entity_src_gen.plasmid_name                       pGST-2 
_entity_src_gen.plasmid_details                    ? 
_entity_src_gen.pdbx_description                   ? 
# 
_pdbx_entity_src_syn.entity_id              2 
_pdbx_entity_src_syn.pdbx_src_id            1 
_pdbx_entity_src_syn.pdbx_alt_source_flag   sample 
_pdbx_entity_src_syn.pdbx_beg_seq_num       ? 
_pdbx_entity_src_syn.pdbx_end_seq_num       ? 
_pdbx_entity_src_syn.organism_scientific    'Homo sapiens' 
_pdbx_entity_src_syn.organism_common_name   human 
_pdbx_entity_src_syn.ncbi_taxonomy_id       9606 
_pdbx_entity_src_syn.details                ? 
# 
loop_
_struct_ref.id 
_struct_ref.db_name 
_struct_ref.db_code 
_struct_ref.pdbx_db_accession 
_struct_ref.entity_id 
_struct_ref.pdbx_seq_one_letter_code 
_struct_ref.pdbx_align_begin 
_struct_ref.pdbx_db_isoform 
1 UNP TS101_HUMAN Q99816 1 
;AVSESQLKKMVSKYKYRDLTVRETVNVITLYKDLKPVLDSYVFNDGSSRELMNLTGTIPVPYRGNTYNIPICLWLLDTYP
YNPPICFVKPTSSMTIKTGKHVDANGKIYLPYLHEWKHPQSDLLGLIQVMIVVFGDEPPVFSRP
;
2   ? 
2 UNP HGS_HUMAN   O14964 2 PTPSAPVPL 346 ? 
# 
loop_
_struct_ref_seq.align_id 
_struct_ref_seq.ref_id 
_struct_ref_seq.pdbx_PDB_id_code 
_struct_ref_seq.pdbx_strand_id 
_struct_ref_seq.seq_align_beg 
_struct_ref_seq.pdbx_seq_align_beg_ins_code 
_struct_ref_seq.seq_align_end 
_struct_ref_seq.pdbx_seq_align_end_ins_code 
_struct_ref_seq.pdbx_db_accession 
_struct_ref_seq.db_align_beg 
_struct_ref_seq.pdbx_db_align_beg_ins_code 
_struct_ref_seq.db_align_end 
_struct_ref_seq.pdbx_db_align_end_ins_code 
_struct_ref_seq.pdbx_auth_seq_align_beg 
_struct_ref_seq.pdbx_auth_seq_align_end 
1 1 3OBQ A 6 ? 146 ? Q99816 2   ? 145 ? 2   145 
2 2 3OBQ B 1 ? 9   ? O14964 346 ? 354 ? 346 354 
# 
loop_
_struct_ref_seq_dif.align_id 
_struct_ref_seq_dif.pdbx_pdb_id_code 
_struct_ref_seq_dif.mon_id 
_struct_ref_seq_dif.pdbx_pdb_strand_id 
_struct_ref_seq_dif.seq_num 
_struct_ref_seq_dif.pdbx_pdb_ins_code 
_struct_ref_seq_dif.pdbx_seq_db_name 
_struct_ref_seq_dif.pdbx_seq_db_accession_code 
_struct_ref_seq_dif.db_mon_id 
_struct_ref_seq_dif.pdbx_seq_db_seq_num 
_struct_ref_seq_dif.details 
_struct_ref_seq_dif.pdbx_auth_seq_num 
_struct_ref_seq_dif.pdbx_ordinal 
1 3OBQ GLY A 1 ? UNP Q99816 ?   ?  'expression tag' -3 1  
1 3OBQ ALA A 2 ? UNP Q99816 ?   ?  'expression tag' -2 2  
1 3OBQ MET A 3 ? UNP Q99816 ?   ?  'expression tag' -1 3  
1 3OBQ GLY A 4 ? UNP Q99816 ?   ?  'expression tag' 0  4  
1 3OBQ SER A 5 ? UNP Q99816 ?   ?  'expression tag' 1  5  
1 3OBQ ?   A ? ? UNP Q99816 VAL 43 'SEE REMARK 999' ?  6  
1 3OBQ ?   A ? ? UNP Q99816 PHE 44 'SEE REMARK 999' ?  7  
1 3OBQ ?   A ? ? UNP Q99816 ASN 45 'SEE REMARK 999' ?  8  
1 3OBQ ?   A ? ? UNP Q99816 ASP 46 'SEE REMARK 999' ?  9  
1 3OBQ ?   A ? ? UNP Q99816 GLY 47 'SEE REMARK 999' ?  10 
1 3OBQ ?   A ? ? UNP Q99816 SER 48 'SEE REMARK 999' ?  11 
# 
loop_
_chem_comp.id 
_chem_comp.type 
_chem_comp.mon_nstd_flag 
_chem_comp.name 
_chem_comp.pdbx_synonyms 
_chem_comp.formula 
_chem_comp.formula_weight 
ALA 'L-peptide linking' y ALANINE         ? 'C3 H7 N O2'     89.093  
ARG 'L-peptide linking' y ARGININE        ? 'C6 H15 N4 O2 1' 175.209 
ASN 'L-peptide linking' y ASPARAGINE      ? 'C4 H8 N2 O3'    132.118 
ASP 'L-peptide linking' y 'ASPARTIC ACID' ? 'C4 H7 N O4'     133.103 
CYS 'L-peptide linking' y CYSTEINE        ? 'C3 H7 N O2 S'   121.158 
GLN 'L-peptide linking' y GLUTAMINE       ? 'C5 H10 N2 O3'   146.144 
GLU 'L-peptide linking' y 'GLUTAMIC ACID' ? 'C5 H9 N O4'     147.129 
GLY 'peptide linking'   y GLYCINE         ? 'C2 H5 N O2'     75.067  
HIS 'L-peptide linking' y HISTIDINE       ? 'C6 H10 N3 O2 1' 156.162 
HOH non-polymer         . WATER           ? 'H2 O'           18.015  
ILE 'L-peptide linking' y ISOLEUCINE      ? 'C6 H13 N O2'    131.173 
LEU 'L-peptide linking' y LEUCINE         ? 'C6 H13 N O2'    131.173 
LYS 'L-peptide linking' y LYSINE          ? 'C6 H15 N2 O2 1' 147.195 
MET 'L-peptide linking' y METHIONINE      ? 'C5 H11 N O2 S'  149.211 
PHE 'L-peptide linking' y PHENYLALANINE   ? 'C9 H11 N O2'    165.189 
PRO 'L-peptide linking' y PROLINE         ? 'C5 H9 N O2'     115.130 
SER 'L-peptide linking' y SERINE          ? 'C3 H7 N O3'     105.093 
THR 'L-peptide linking' y THREONINE       ? 'C4 H9 N O3'     119.119 
TRP 'L-peptide linking' y TRYPTOPHAN      ? 'C11 H12 N2 O2'  204.225 
TYR 'L-peptide linking' y TYROSINE        ? 'C9 H11 N O3'    181.189 
VAL 'L-peptide linking' y VALINE          ? 'C5 H11 N O2'    117.146 
# 
_exptl.entry_id          3OBQ 
_exptl.method            'X-RAY DIFFRACTION' 
_exptl.crystals_number   1 
# 
_exptl_crystal.id                    1 
_exptl_crystal.density_meas          ? 
_exptl_crystal.density_Matthews      1.92 
_exptl_crystal.density_percent_sol   35.82 
_exptl_crystal.description           ? 
_exptl_crystal.F_000                 ? 
_exptl_crystal.preparation           ? 
# 
_exptl_crystal_grow.crystal_id      1 
_exptl_crystal_grow.method          'VAPOR DIFFUSION, HANGING DROP' 
_exptl_crystal_grow.temp            298 
_exptl_crystal_grow.temp_details    ? 
_exptl_crystal_grow.pH              7.5 
_exptl_crystal_grow.pdbx_details    
'0.1M HEPES-NaOH (pH 7.5), 25% PEG 3350, 0.2M Sodium Nitrate, VAPOR DIFFUSION, HANGING DROP, temperature 298K' 
_exptl_crystal_grow.pdbx_pH_range   ? 
# 
_diffrn.id                     1 
_diffrn.ambient_temp           100 
_diffrn.ambient_temp_details   ? 
_diffrn.crystal_id             1 
# 
_diffrn_detector.diffrn_id              1 
_diffrn_detector.detector               CCD 
_diffrn_detector.type                   'MARMOSAIC 300 mm CCD' 
_diffrn_detector.pdbx_collection_date   2009-12-09 
_diffrn_detector.details                mirrors 
# 
_diffrn_radiation.diffrn_id                        1 
_diffrn_radiation.wavelength_id                    1 
_diffrn_radiation.pdbx_monochromatic_or_laue_m_l   M 
_diffrn_radiation.monochromator                    'Si 111 CHANNEL' 
_diffrn_radiation.pdbx_diffrn_protocol             'SINGLE WAVELENGTH' 
_diffrn_radiation.pdbx_scattering_type             x-ray 
# 
_diffrn_radiation_wavelength.id           1 
_diffrn_radiation_wavelength.wavelength   1.0000 
_diffrn_radiation_wavelength.wt           1.0 
# 
_diffrn_source.diffrn_id                   1 
_diffrn_source.source                      SYNCHROTRON 
_diffrn_source.type                        'APS BEAMLINE 22-ID' 
_diffrn_source.pdbx_synchrotron_site       APS 
_diffrn_source.pdbx_synchrotron_beamline   22-ID 
_diffrn_source.pdbx_wavelength             ? 
_diffrn_source.pdbx_wavelength_list        1.0000 
# 
_reflns.entry_id                     3OBQ 
_reflns.observed_criterion_sigma_I   3 
_reflns.observed_criterion_sigma_F   3 
_reflns.d_resolution_low             50 
_reflns.d_resolution_high            1.4 
_reflns.number_obs                   25924 
_reflns.number_all                   26634 
_reflns.percent_possible_obs         96.1 
_reflns.pdbx_Rmerge_I_obs            0.063 
_reflns.pdbx_netI_over_sigmaI        28.9 
_reflns.B_iso_Wilson_estimate        11.9 
_reflns.pdbx_redundancy              4.8 
_reflns.R_free_details               ? 
_reflns.limit_h_max                  ? 
_reflns.limit_h_min                  ? 
_reflns.limit_k_max                  ? 
_reflns.limit_k_min                  ? 
_reflns.limit_l_max                  ? 
_reflns.limit_l_min                  ? 
_reflns.observed_criterion_F_max     ? 
_reflns.observed_criterion_F_min     ? 
_reflns.pdbx_chi_squared             ? 
_reflns.pdbx_scaling_rejects         ? 
_reflns.pdbx_Rsym_value              ? 
_reflns.pdbx_ordinal                 1 
_reflns.pdbx_diffrn_id               1 
# 
_reflns_shell.d_res_high             1.40 
_reflns_shell.d_res_low              1.42 
_reflns_shell.percent_possible_all   98.7 
_reflns_shell.Rmerge_I_obs           0.343 
_reflns_shell.meanI_over_sigI_obs    3.6 
_reflns_shell.pdbx_redundancy        3.3 
_reflns_shell.percent_possible_obs   ? 
_reflns_shell.number_unique_all      1265 
_reflns_shell.number_measured_all    ? 
_reflns_shell.number_measured_obs    ? 
_reflns_shell.number_unique_obs      ? 
_reflns_shell.pdbx_chi_squared       ? 
_reflns_shell.pdbx_Rsym_value        ? 
_reflns_shell.pdbx_ordinal           1 
_reflns_shell.pdbx_diffrn_id         1 
# 
_refine.entry_id                                 3OBQ 
_refine.ls_number_reflns_obs                     25897 
_refine.ls_number_reflns_all                     27186 
_refine.pdbx_ls_sigma_I                          ? 
_refine.pdbx_ls_sigma_F                          0.0 
_refine.pdbx_data_cutoff_high_absF               815094.89 
_refine.pdbx_data_cutoff_low_absF                0.000000 
_refine.pdbx_data_cutoff_high_rms_absF           ? 
_refine.ls_d_res_low                             31.42 
_refine.ls_d_res_high                            1.40 
_refine.ls_percent_reflns_obs                    95.9 
_refine.ls_R_factor_obs                          0.207 
_refine.ls_R_factor_all                          0.21 
_refine.ls_R_factor_R_work                       0.207 
_refine.ls_R_factor_R_free                       0.224 
_refine.ls_R_factor_R_free_error                 0.006 
_refine.ls_R_factor_R_free_error_details         ? 
_refine.ls_percent_reflns_R_free                 5.0 
_refine.ls_number_reflns_R_free                  1289 
_refine.ls_number_parameters                     ? 
_refine.ls_number_restraints                     ? 
_refine.occupancy_min                            ? 
_refine.occupancy_max                            ? 
_refine.correlation_coeff_Fo_to_Fc               ? 
_refine.correlation_coeff_Fo_to_Fc_free          ? 
_refine.B_iso_mean                               15.7 
_refine.aniso_B[1][1]                            0.11 
_refine.aniso_B[2][2]                            -0.77 
_refine.aniso_B[3][3]                            0.66 
_refine.aniso_B[1][2]                            0.00 
_refine.aniso_B[1][3]                            0.00 
_refine.aniso_B[2][3]                            0.00 
_refine.solvent_model_details                    'FLAT MODEL' 
_refine.solvent_model_param_ksol                 0.34091 
_refine.solvent_model_param_bsol                 37.5815 
_refine.pdbx_solvent_vdw_probe_radii             ? 
_refine.pdbx_solvent_ion_probe_radii             ? 
_refine.pdbx_solvent_shrinkage_radii             ? 
_refine.pdbx_ls_cross_valid_method               THROUGHOUT 
_refine.details                                  ? 
_refine.pdbx_starting_model                      'PDB ENTRY 2F0R' 
_refine.pdbx_method_to_determine_struct          'MOLECULAR REPLACEMENT' 
_refine.pdbx_isotropic_thermal_model             RESTRAINED 
_refine.pdbx_stereochemistry_target_values       'Engh & Huber' 
_refine.pdbx_stereochem_target_val_spec_case     ? 
_refine.pdbx_R_Free_selection_details            RANDOM 
_refine.pdbx_overall_ESU_R_Free                  ? 
_refine.overall_SU_ML                            ? 
_refine.overall_SU_B                             ? 
_refine.overall_SU_R_Cruickshank_DPI             ? 
_refine.ls_redundancy_reflns_obs                 ? 
_refine.B_iso_min                                ? 
_refine.B_iso_max                                ? 
_refine.overall_SU_R_free                        ? 
_refine.ls_wR_factor_R_free                      ? 
_refine.ls_wR_factor_R_work                      ? 
_refine.overall_FOM_free_R_set                   ? 
_refine.overall_FOM_work_R_set                   ? 
_refine.pdbx_overall_phase_error                 ? 
_refine.pdbx_refine_id                           'X-RAY DIFFRACTION' 
_refine.pdbx_overall_ESU_R                       ? 
_refine.pdbx_diffrn_id                           1 
_refine.pdbx_TLS_residual_ADP_flag               ? 
_refine.pdbx_overall_SU_R_free_Cruickshank_DPI   ? 
_refine.pdbx_overall_SU_R_Blow_DPI               ? 
_refine.pdbx_overall_SU_R_free_Blow_DPI          ? 
# 
_refine_analyze.entry_id                        3OBQ 
_refine_analyze.Luzzati_coordinate_error_obs    0.16 
_refine_analyze.Luzzati_sigma_a_obs             0.08 
_refine_analyze.Luzzati_d_res_low_obs           5.00 
_refine_analyze.Luzzati_coordinate_error_free   0.18 
_refine_analyze.Luzzati_sigma_a_free            0.10 
_refine_analyze.Luzzati_d_res_low_free          ? 
_refine_analyze.number_disordered_residues      ? 
_refine_analyze.occupancy_sum_hydrogen          ? 
_refine_analyze.occupancy_sum_non_hydrogen      ? 
_refine_analyze.pdbx_Luzzati_d_res_high_obs     ? 
_refine_analyze.pdbx_refine_id                  'X-RAY DIFFRACTION' 
# 
_refine_hist.pdbx_refine_id                   'X-RAY DIFFRACTION' 
_refine_hist.cycle_id                         LAST 
_refine_hist.pdbx_number_atoms_protein        1195 
_refine_hist.pdbx_number_atoms_nucleic_acid   0 
_refine_hist.pdbx_number_atoms_ligand         0 
_refine_hist.number_atoms_solvent             198 
_refine_hist.number_atoms_total               1393 
_refine_hist.d_res_high                       1.40 
_refine_hist.d_res_low                        31.42 
# 
loop_
_refine_ls_restr.type 
_refine_ls_restr.dev_ideal 
_refine_ls_restr.dev_ideal_target 
_refine_ls_restr.weight 
_refine_ls_restr.number 
_refine_ls_restr.pdbx_refine_id 
_refine_ls_restr.pdbx_restraint_function 
c_bond_d                0.005 ? ? ? 'X-RAY DIFFRACTION' ? 
c_bond_d_na             ?     ? ? ? 'X-RAY DIFFRACTION' ? 
c_bond_d_prot           ?     ? ? ? 'X-RAY DIFFRACTION' ? 
c_angle_d               ?     ? ? ? 'X-RAY DIFFRACTION' ? 
c_angle_d_na            ?     ? ? ? 'X-RAY DIFFRACTION' ? 
c_angle_d_prot          ?     ? ? ? 'X-RAY DIFFRACTION' ? 
c_angle_deg             1.3   ? ? ? 'X-RAY DIFFRACTION' ? 
c_angle_deg_na          ?     ? ? ? 'X-RAY DIFFRACTION' ? 
c_angle_deg_prot        ?     ? ? ? 'X-RAY DIFFRACTION' ? 
c_dihedral_angle_d      24.0  ? ? ? 'X-RAY DIFFRACTION' ? 
c_dihedral_angle_d_na   ?     ? ? ? 'X-RAY DIFFRACTION' ? 
c_dihedral_angle_d_prot ?     ? ? ? 'X-RAY DIFFRACTION' ? 
c_improper_angle_d      1.04  ? ? ? 'X-RAY DIFFRACTION' ? 
c_improper_angle_d_na   ?     ? ? ? 'X-RAY DIFFRACTION' ? 
c_improper_angle_d_prot ?     ? ? ? 'X-RAY DIFFRACTION' ? 
c_mcbond_it             ?     ? ? ? 'X-RAY DIFFRACTION' ? 
c_mcangle_it            ?     ? ? ? 'X-RAY DIFFRACTION' ? 
c_scbond_it             ?     ? ? ? 'X-RAY DIFFRACTION' ? 
c_scangle_it            ?     ? ? ? 'X-RAY DIFFRACTION' ? 
# 
_refine_ls_restr_ncs.pdbx_refine_id      'X-RAY DIFFRACTION' 
_refine_ls_restr_ncs.dom_id              1 
_refine_ls_restr_ncs.ncs_model_details   NONE 
_refine_ls_restr_ncs.rms_dev_position    ? 
_refine_ls_restr_ncs.weight_position     ? 
_refine_ls_restr_ncs.rms_dev_B_iso       ? 
_refine_ls_restr_ncs.weight_B_iso        ? 
_refine_ls_restr_ncs.pdbx_ordinal        1 
_refine_ls_restr_ncs.pdbx_type           . 
_refine_ls_restr_ncs.pdbx_auth_asym_id   . 
_refine_ls_restr_ncs.pdbx_ens_id         1 
_refine_ls_restr_ncs.pdbx_number         ? 
_refine_ls_restr_ncs.pdbx_asym_id        ? 
_refine_ls_restr_ncs.pdbx_rms            ? 
_refine_ls_restr_ncs.pdbx_weight         ? 
# 
_refine_ls_shell.pdbx_total_number_of_bins_used   6 
_refine_ls_shell.d_res_high                       1.40 
_refine_ls_shell.d_res_low                        1.49 
_refine_ls_shell.number_reflns_R_work             3965 
_refine_ls_shell.R_factor_R_work                  0.242 
_refine_ls_shell.percent_reflns_obs               94.9 
_refine_ls_shell.R_factor_R_free                  0.244 
_refine_ls_shell.R_factor_R_free_error            0.017 
_refine_ls_shell.percent_reflns_R_free            5.2 
_refine_ls_shell.number_reflns_R_free             218 
_refine_ls_shell.number_reflns_all                ? 
_refine_ls_shell.R_factor_all                     ? 
_refine_ls_shell.number_reflns_obs                ? 
_refine_ls_shell.redundancy_reflns_obs            ? 
_refine_ls_shell.pdbx_refine_id                   'X-RAY DIFFRACTION' 
# 
loop_
_pdbx_xplor_file.serial_no 
_pdbx_xplor_file.param_file 
_pdbx_xplor_file.topol_file 
_pdbx_xplor_file.pdbx_refine_id 
1 protein_rep.param protein.top   'X-RAY DIFFRACTION' 
2 water_rep.param   water_rep.top 'X-RAY DIFFRACTION' 
# 
_struct_ncs_dom.id            1 
_struct_ncs_dom.details       ? 
_struct_ncs_dom.pdbx_ens_id   1 
# 
_struct_ncs_ens.id        1 
_struct_ncs_ens.details   ? 
# 
_struct.entry_id                  3OBQ 
_struct.title                     'Crystal Structure of the Tsg101 UEV domain in complex with a human HRS PSAP peptide' 
_struct.pdbx_model_details        ? 
_struct.pdbx_CASP_flag            N 
_struct.pdbx_model_type_details   ? 
# 
_struct_keywords.entry_id        3OBQ 
_struct_keywords.pdbx_keywords   'PROTEIN TRANSPORT' 
_struct_keywords.text            'Protein Transprot, Ubiquitin Binding, PROTEIN TRANSPORT' 
# 
loop_
_struct_asym.id 
_struct_asym.pdbx_blank_PDB_chainid_flag 
_struct_asym.pdbx_modified 
_struct_asym.entity_id 
_struct_asym.details 
A N N 1 ? 
B N N 2 ? 
C N N 3 ? 
D N N 3 ? 
# 
_struct_biol.id        1 
_struct_biol.details   ? 
# 
loop_
_struct_conf.conf_type_id 
_struct_conf.id 
_struct_conf.pdbx_PDB_helix_id 
_struct_conf.beg_label_comp_id 
_struct_conf.beg_label_asym_id 
_struct_conf.beg_label_seq_id 
_struct_conf.pdbx_beg_PDB_ins_code 
_struct_conf.end_label_comp_id 
_struct_conf.end_label_asym_id 
_struct_conf.end_label_seq_id 
_struct_conf.pdbx_end_PDB_ins_code 
_struct_conf.beg_auth_comp_id 
_struct_conf.beg_auth_asym_id 
_struct_conf.beg_auth_seq_id 
_struct_conf.end_auth_comp_id 
_struct_conf.end_auth_asym_id 
_struct_conf.end_auth_seq_id 
_struct_conf.pdbx_PDB_helix_class 
_struct_conf.details 
_struct_conf.pdbx_PDB_helix_length 
HELX_P HELX_P1 1 SER A 8   ? VAL A 16  ? SER A 4   VAL A 12  1 ? 9  
HELX_P HELX_P2 2 TYR A 21  ? TYR A 36  ? TYR A 17  TYR A 32  1 ? 16 
HELX_P HELX_P3 3 LEU A 112 ? GLU A 117 ? LEU A 111 GLU A 116 1 ? 6  
HELX_P HELX_P4 4 ASP A 124 ? GLU A 139 ? ASP A 123 GLU A 138 1 ? 16 
# 
_struct_conf_type.id          HELX_P 
_struct_conf_type.criteria    ? 
_struct_conf_type.reference   ? 
# 
loop_
_struct_mon_prot_cis.pdbx_id 
_struct_mon_prot_cis.label_comp_id 
_struct_mon_prot_cis.label_seq_id 
_struct_mon_prot_cis.label_asym_id 
_struct_mon_prot_cis.label_alt_id 
_struct_mon_prot_cis.pdbx_PDB_ins_code 
_struct_mon_prot_cis.auth_comp_id 
_struct_mon_prot_cis.auth_seq_id 
_struct_mon_prot_cis.auth_asym_id 
_struct_mon_prot_cis.pdbx_label_comp_id_2 
_struct_mon_prot_cis.pdbx_label_seq_id_2 
_struct_mon_prot_cis.pdbx_label_asym_id_2 
_struct_mon_prot_cis.pdbx_PDB_ins_code_2 
_struct_mon_prot_cis.pdbx_auth_comp_id_2 
_struct_mon_prot_cis.pdbx_auth_seq_id_2 
_struct_mon_prot_cis.pdbx_auth_asym_id_2 
_struct_mon_prot_cis.pdbx_PDB_model_num 
_struct_mon_prot_cis.pdbx_omega_angle 
1 TYR 81  A . ? TYR 80  A PRO 82  A ? PRO 81  A 1 0.53 
2 HIS 120 A . ? HIS 119 A PRO 121 A ? PRO 120 A 1 0.32 
# 
loop_
_struct_sheet.id 
_struct_sheet.type 
_struct_sheet.number_strands 
_struct_sheet.details 
A ? 4 ? 
B ? 2 ? 
# 
loop_
_struct_sheet_order.sheet_id 
_struct_sheet_order.range_id_1 
_struct_sheet_order.range_id_2 
_struct_sheet_order.offset 
_struct_sheet_order.sense 
A 1 2 ? anti-parallel 
A 2 3 ? anti-parallel 
A 3 4 ? anti-parallel 
B 1 2 ? anti-parallel 
# 
loop_
_struct_sheet_range.sheet_id 
_struct_sheet_range.id 
_struct_sheet_range.beg_label_comp_id 
_struct_sheet_range.beg_label_asym_id 
_struct_sheet_range.beg_label_seq_id 
_struct_sheet_range.pdbx_beg_PDB_ins_code 
_struct_sheet_range.end_label_comp_id 
_struct_sheet_range.end_label_asym_id 
_struct_sheet_range.end_label_seq_id 
_struct_sheet_range.pdbx_end_PDB_ins_code 
_struct_sheet_range.beg_auth_comp_id 
_struct_sheet_range.beg_auth_asym_id 
_struct_sheet_range.beg_auth_seq_id 
_struct_sheet_range.end_auth_comp_id 
_struct_sheet_range.end_auth_asym_id 
_struct_sheet_range.end_auth_seq_id 
A 1 LEU A 39  ? SER A 45  ? LEU A 35  SER A 41  
A 2 GLU A 52  ? PRO A 63  ? GLU A 51  PRO A 62  
A 3 THR A 68  ? TRP A 76  ? THR A 67  TRP A 75  
A 4 ILE A 87  ? VAL A 90  ? ILE A 86  VAL A 89  
B 1 MET A 96  ? ILE A 98  ? MET A 95  ILE A 97  
B 2 VAL A 142 ? SER A 144 ? VAL A 141 SER A 143 
# 
loop_
_pdbx_struct_sheet_hbond.sheet_id 
_pdbx_struct_sheet_hbond.range_id_1 
_pdbx_struct_sheet_hbond.range_id_2 
_pdbx_struct_sheet_hbond.range_1_label_atom_id 
_pdbx_struct_sheet_hbond.range_1_label_comp_id 
_pdbx_struct_sheet_hbond.range_1_label_asym_id 
_pdbx_struct_sheet_hbond.range_1_label_seq_id 
_pdbx_struct_sheet_hbond.range_1_PDB_ins_code 
_pdbx_struct_sheet_hbond.range_1_auth_atom_id 
_pdbx_struct_sheet_hbond.range_1_auth_comp_id 
_pdbx_struct_sheet_hbond.range_1_auth_asym_id 
_pdbx_struct_sheet_hbond.range_1_auth_seq_id 
_pdbx_struct_sheet_hbond.range_2_label_atom_id 
_pdbx_struct_sheet_hbond.range_2_label_comp_id 
_pdbx_struct_sheet_hbond.range_2_label_asym_id 
_pdbx_struct_sheet_hbond.range_2_label_seq_id 
_pdbx_struct_sheet_hbond.range_2_PDB_ins_code 
_pdbx_struct_sheet_hbond.range_2_auth_atom_id 
_pdbx_struct_sheet_hbond.range_2_auth_comp_id 
_pdbx_struct_sheet_hbond.range_2_auth_asym_id 
_pdbx_struct_sheet_hbond.range_2_auth_seq_id 
A 1 2 N LYS A 40 ? N LYS A 36 O THR A 57  ? O THR A 56  
A 2 3 N VAL A 62 ? N VAL A 61 O TYR A 69  ? O TYR A 68  
A 3 4 N TRP A 76 ? N TRP A 75 O ILE A 87  ? O ILE A 86  
B 1 2 N THR A 97 ? N THR A 96 O PHE A 143 ? O PHE A 142 
# 
_atom_sites.entry_id                    3OBQ 
_atom_sites.fract_transf_matrix[1][1]   0.01337288 
_atom_sites.fract_transf_matrix[1][2]   0.00891851 
_atom_sites.fract_transf_matrix[1][3]   -0.02499096 
_atom_sites.fract_transf_matrix[2][1]   0.01587639 
_atom_sites.fract_transf_matrix[2][2]   0.00976927 
_atom_sites.fract_transf_matrix[2][3]   0.01198195 
_atom_sites.fract_transf_matrix[3][1]   0.00607590 
_atom_sites.fract_transf_matrix[3][2]   -0.00964168 
_atom_sites.fract_transf_matrix[3][3]   -0.00018955 
_atom_sites.fract_transf_vector[1]      -0.203039 
_atom_sites.fract_transf_vector[2]      0.066483 
_atom_sites.fract_transf_vector[3]      -0.136007 
# 
loop_
_atom_type.symbol 
C 
N 
O 
S 
# 
loop_
_atom_site.group_PDB 
_atom_site.id 
_atom_site.type_symbol 
_atom_site.label_atom_id 
_atom_site.label_alt_id 
_atom_site.label_comp_id 
_atom_site.label_asym_id 
_atom_site.label_entity_id 
_atom_site.label_seq_id 
_atom_site.pdbx_PDB_ins_code 
_atom_site.Cartn_x 
_atom_site.Cartn_y 
_atom_site.Cartn_z 
_atom_site.occupancy 
_atom_site.B_iso_or_equiv 
_atom_site.pdbx_formal_charge 
_atom_site.auth_seq_id 
_atom_site.auth_comp_id 
_atom_site.auth_asym_id 
_atom_site.auth_atom_id 
_atom_site.pdbx_PDB_model_num 
ATOM   1    N N   . ALA A 1 6   ? 12.230  -10.289 8.166   1.00 58.07 ? 2   ALA A N   1 
ATOM   2    C CA  . ALA A 1 6   ? 12.183  -10.561 9.630   1.00 57.02 ? 2   ALA A CA  1 
ATOM   3    C C   . ALA A 1 6   ? 12.484  -9.293  10.424  1.00 56.29 ? 2   ALA A C   1 
ATOM   4    O O   . ALA A 1 6   ? 13.441  -9.247  11.198  1.00 57.51 ? 2   ALA A O   1 
ATOM   5    C CB  . ALA A 1 6   ? 13.185  -11.652 9.988   1.00 58.00 ? 2   ALA A CB  1 
ATOM   6    N N   . VAL A 1 7   ? 11.663  -8.266  10.228  1.00 53.37 ? 3   VAL A N   1 
ATOM   7    C CA  . VAL A 1 7   ? 11.841  -6.998  10.925  1.00 49.38 ? 3   VAL A CA  1 
ATOM   8    C C   . VAL A 1 7   ? 11.292  -7.064  12.346  1.00 44.57 ? 3   VAL A C   1 
ATOM   9    O O   . VAL A 1 7   ? 10.488  -7.937  12.672  1.00 45.77 ? 3   VAL A O   1 
ATOM   10   C CB  . VAL A 1 7   ? 11.141  -5.848  10.172  1.00 52.08 ? 3   VAL A CB  1 
ATOM   11   C CG1 . VAL A 1 7   ? 11.761  -5.675  8.796   1.00 53.56 ? 3   VAL A CG1 1 
ATOM   12   C CG2 . VAL A 1 7   ? 9.653   -6.138  10.051  1.00 53.68 ? 3   VAL A CG2 1 
ATOM   13   N N   . SER A 1 8   ? 11.733  -6.135  13.189  1.00 36.25 ? 4   SER A N   1 
ATOM   14   C CA  . SER A 1 8   ? 11.287  -6.087  14.579  1.00 28.61 ? 4   SER A CA  1 
ATOM   15   C C   . SER A 1 8   ? 10.769  -4.700  14.931  1.00 23.97 ? 4   SER A C   1 
ATOM   16   O O   . SER A 1 8   ? 11.094  -3.718  14.264  1.00 18.82 ? 4   SER A O   1 
ATOM   17   C CB  . SER A 1 8   ? 12.442  -6.443  15.517  1.00 27.66 ? 4   SER A CB  1 
ATOM   18   O OG  . SER A 1 8   ? 13.448  -5.446  15.478  1.00 24.00 ? 4   SER A OG  1 
ATOM   19   N N   . GLU A 1 9   ? 9.967   -4.624  15.987  1.00 20.85 ? 5   GLU A N   1 
ATOM   20   C CA  . GLU A 1 9   ? 9.418   -3.351  16.426  1.00 19.05 ? 5   GLU A CA  1 
ATOM   21   C C   . GLU A 1 9   ? 10.526  -2.363  16.769  1.00 18.56 ? 5   GLU A C   1 
ATOM   22   O O   . GLU A 1 9   ? 10.383  -1.161  16.550  1.00 13.70 ? 5   GLU A O   1 
ATOM   23   C CB  . GLU A 1 9   ? 8.494   -3.561  17.629  1.00 19.83 ? 5   GLU A CB  1 
ATOM   24   C CG  . GLU A 1 9   ? 7.143   -4.149  17.245  1.00 26.28 ? 5   GLU A CG  1 
ATOM   25   C CD  . GLU A 1 9   ? 6.256   -4.435  18.439  1.00 28.00 ? 5   GLU A CD  1 
ATOM   26   O OE1 . GLU A 1 9   ? 6.100   -3.540  19.298  1.00 30.65 ? 5   GLU A OE1 1 
ATOM   27   O OE2 . GLU A 1 9   ? 5.703   -5.552  18.513  1.00 33.81 ? 5   GLU A OE2 1 
ATOM   28   N N   . SER A 1 10  ? 11.634  -2.872  17.297  1.00 17.95 ? 6   SER A N   1 
ATOM   29   C CA  . SER A 1 10  ? 12.763  -2.021  17.653  1.00 19.85 ? 6   SER A CA  1 
ATOM   30   C C   . SER A 1 10  ? 13.328  -1.352  16.403  1.00 18.16 ? 6   SER A C   1 
ATOM   31   O O   . SER A 1 10  ? 13.583  -0.145  16.394  1.00 18.75 ? 6   SER A O   1 
ATOM   32   C CB  . SER A 1 10  ? 13.856  -2.848  18.336  1.00 20.12 ? 6   SER A CB  1 
ATOM   33   O OG  . SER A 1 10  ? 14.949  -2.028  18.712  1.00 32.16 ? 6   SER A OG  1 
ATOM   34   N N   . GLN A 1 11  ? 13.519  -2.139  15.348  1.00 16.84 ? 7   GLN A N   1 
ATOM   35   C CA  . GLN A 1 11  ? 14.051  -1.609  14.097  1.00 20.07 ? 7   GLN A CA  1 
ATOM   36   C C   . GLN A 1 11  ? 13.082  -0.615  13.466  1.00 17.38 ? 7   GLN A C   1 
ATOM   37   O O   . GLN A 1 11  ? 13.497  0.406   12.920  1.00 18.60 ? 7   GLN A O   1 
ATOM   38   C CB  . GLN A 1 11  ? 14.338  -2.743  13.109  1.00 24.57 ? 7   GLN A CB  1 
ATOM   39   C CG  . GLN A 1 11  ? 14.830  -2.249  11.753  1.00 33.66 ? 7   GLN A CG  1 
ATOM   40   C CD  . GLN A 1 11  ? 15.209  -3.376  10.809  1.00 39.44 ? 7   GLN A CD  1 
ATOM   41   O OE1 . GLN A 1 11  ? 15.547  -3.139  9.648   1.00 42.23 ? 7   GLN A OE1 1 
ATOM   42   N NE2 . GLN A 1 11  ? 15.161  -4.608  11.304  1.00 41.34 ? 7   GLN A NE2 1 
ATOM   43   N N   . LEU A 1 12  ? 11.790  -0.915  13.543  1.00 13.59 ? 8   LEU A N   1 
ATOM   44   C CA  . LEU A 1 12  ? 10.779  -0.031  12.978  1.00 11.63 ? 8   LEU A CA  1 
ATOM   45   C C   . LEU A 1 12  ? 10.770  1.318   13.696  1.00 13.70 ? 8   LEU A C   1 
ATOM   46   O O   . LEU A 1 12  ? 10.654  2.366   13.057  1.00 11.95 ? 8   LEU A O   1 
ATOM   47   C CB  . LEU A 1 12  ? 9.396   -0.686  13.074  1.00 9.16  ? 8   LEU A CB  1 
ATOM   48   C CG  . LEU A 1 12  ? 9.160   -1.923  12.198  1.00 10.20 ? 8   LEU A CG  1 
ATOM   49   C CD1 . LEU A 1 12  ? 7.836   -2.569  12.566  1.00 12.39 ? 8   LEU A CD1 1 
ATOM   50   C CD2 . LEU A 1 12  ? 9.173   -1.524  10.728  1.00 12.73 ? 8   LEU A CD2 1 
ATOM   51   N N   . LYS A 1 13  ? 10.898  1.294   15.020  1.00 12.78 ? 9   LYS A N   1 
ATOM   52   C CA  . LYS A 1 13  ? 10.907  2.524   15.807  1.00 15.91 ? 9   LYS A CA  1 
ATOM   53   C C   . LYS A 1 13  ? 12.055  3.402   15.337  1.00 16.66 ? 9   LYS A C   1 
ATOM   54   O O   . LYS A 1 13  ? 11.948  4.628   15.309  1.00 17.56 ? 9   LYS A O   1 
ATOM   55   C CB  . LYS A 1 13  ? 11.074  2.206   17.296  1.00 16.68 ? 9   LYS A CB  1 
ATOM   56   C CG  . LYS A 1 13  ? 9.927   1.412   17.892  1.00 23.92 ? 9   LYS A CG  1 
ATOM   57   C CD  . LYS A 1 13  ? 10.177  1.094   19.357  1.00 30.94 ? 9   LYS A CD  1 
ATOM   58   C CE  . LYS A 1 13  ? 9.066   0.229   19.929  1.00 29.83 ? 9   LYS A CE  1 
ATOM   59   N NZ  . LYS A 1 13  ? 9.304   -0.097  21.363  1.00 37.41 ? 9   LYS A NZ  1 
ATOM   60   N N   . LYS A 1 14  ? 13.154  2.754   14.971  1.00 17.82 ? 10  LYS A N   1 
ATOM   61   C CA  . LYS A 1 14  ? 14.343  3.430   14.473  1.00 22.93 ? 10  LYS A CA  1 
ATOM   62   C C   . LYS A 1 14  ? 14.017  4.192   13.189  1.00 20.03 ? 10  LYS A C   1 
ATOM   63   O O   . LYS A 1 14  ? 14.341  5.374   13.056  1.00 21.05 ? 10  LYS A O   1 
ATOM   64   C CB  . LYS A 1 14  ? 15.436  2.387   14.210  1.00 27.29 ? 10  LYS A CB  1 
ATOM   65   C CG  . LYS A 1 14  ? 16.529  2.802   13.239  1.00 32.88 ? 10  LYS A CG  1 
ATOM   66   C CD  . LYS A 1 14  ? 17.437  1.615   12.937  1.00 37.24 ? 10  LYS A CD  1 
ATOM   67   C CE  . LYS A 1 14  ? 18.419  1.918   11.818  1.00 40.01 ? 10  LYS A CE  1 
ATOM   68   N NZ  . LYS A 1 14  ? 19.294  0.747   11.519  1.00 42.84 ? 10  LYS A NZ  1 
ATOM   69   N N   . MET A 1 15  ? 13.360  3.509   12.254  1.00 14.62 ? 11  MET A N   1 
ATOM   70   C CA  . MET A 1 15  ? 12.993  4.098   10.968  1.00 13.02 ? 11  MET A CA  1 
ATOM   71   C C   . MET A 1 15  ? 12.125  5.346   11.075  1.00 12.20 ? 11  MET A C   1 
ATOM   72   O O   . MET A 1 15  ? 12.192  6.224   10.215  1.00 11.04 ? 11  MET A O   1 
ATOM   73   C CB  . MET A 1 15  ? 12.240  3.081   10.103  1.00 14.00 ? 11  MET A CB  1 
ATOM   74   C CG  . MET A 1 15  ? 12.951  1.767   9.856   1.00 18.27 ? 11  MET A CG  1 
ATOM   75   S SD  . MET A 1 15  ? 11.968  0.711   8.764   1.00 24.72 ? 11  MET A SD  1 
ATOM   76   C CE  . MET A 1 15  ? 13.101  0.491   7.404   1.00 28.15 ? 11  MET A CE  1 
ATOM   77   N N   . VAL A 1 16  ? 11.309  5.424   12.120  1.00 10.08 ? 12  VAL A N   1 
ATOM   78   C CA  . VAL A 1 16  ? 10.403  6.556   12.284  1.00 9.26  ? 12  VAL A CA  1 
ATOM   79   C C   . VAL A 1 16  ? 10.811  7.591   13.331  1.00 7.87  ? 12  VAL A C   1 
ATOM   80   O O   . VAL A 1 16  ? 9.958   8.272   13.890  1.00 7.30  ? 12  VAL A O   1 
ATOM   81   C CB  . VAL A 1 16  ? 8.973   6.056   12.609  1.00 10.44 ? 12  VAL A CB  1 
ATOM   82   C CG1 . VAL A 1 16  ? 8.471   5.160   11.488  1.00 12.27 ? 12  VAL A CG1 1 
ATOM   83   C CG2 . VAL A 1 16  ? 8.968   5.298   13.933  1.00 13.71 ? 12  VAL A CG2 1 
ATOM   84   N N   . SER A 1 17  ? 12.111  7.733   13.567  1.00 10.74 ? 13  SER A N   1 
ATOM   85   C CA  . SER A 1 17  ? 12.616  8.690   14.552  1.00 8.62  ? 13  SER A CA  1 
ATOM   86   C C   . SER A 1 17  ? 12.111  10.121  14.367  1.00 10.62 ? 13  SER A C   1 
ATOM   87   O O   . SER A 1 17  ? 11.939  10.853  15.343  1.00 10.60 ? 13  SER A O   1 
ATOM   88   C CB  . SER A 1 17  ? 14.149  8.702   14.534  1.00 16.40 ? 13  SER A CB  1 
ATOM   89   O OG  . SER A 1 17  ? 14.676  7.423   14.840  1.00 29.16 ? 13  SER A OG  1 
ATOM   90   N N   . LYS A 1 18  ? 11.882  10.519  13.118  1.00 7.40  ? 14  LYS A N   1 
ATOM   91   C CA  . LYS A 1 18  ? 11.424  11.872  12.801  1.00 7.49  ? 14  LYS A CA  1 
ATOM   92   C C   . LYS A 1 18  ? 9.906   12.023  12.729  1.00 5.86  ? 14  LYS A C   1 
ATOM   93   O O   . LYS A 1 18  ? 9.400   13.124  12.515  1.00 7.38  ? 14  LYS A O   1 
ATOM   94   C CB  . LYS A 1 18  ? 12.025  12.319  11.466  1.00 9.87  ? 14  LYS A CB  1 
ATOM   95   C CG  . LYS A 1 18  ? 13.528  12.541  11.474  1.00 17.53 ? 14  LYS A CG  1 
ATOM   96   C CD  . LYS A 1 18  ? 13.886  13.841  12.171  1.00 20.21 ? 14  LYS A CD  1 
ATOM   97   C CE  . LYS A 1 18  ? 15.318  14.254  11.869  1.00 26.69 ? 14  LYS A CE  1 
ATOM   98   N NZ  . LYS A 1 18  ? 15.623  15.611  12.402  1.00 26.03 ? 14  LYS A NZ  1 
ATOM   99   N N   . TYR A 1 19  ? 9.187   10.915  12.889  1.00 5.12  ? 15  TYR A N   1 
ATOM   100  C CA  . TYR A 1 19  ? 7.727   10.925  12.832  1.00 5.04  ? 15  TYR A CA  1 
ATOM   101  C C   . TYR A 1 19  ? 7.117   11.574  14.064  1.00 4.66  ? 15  TYR A C   1 
ATOM   102  O O   . TYR A 1 19  ? 7.729   11.597  15.128  1.00 5.67  ? 15  TYR A O   1 
ATOM   103  C CB  . TYR A 1 19  ? 7.198   9.493   12.686  1.00 4.01  ? 15  TYR A CB  1 
ATOM   104  C CG  . TYR A 1 19  ? 7.261   8.949   11.274  1.00 4.64  ? 15  TYR A CG  1 
ATOM   105  C CD1 . TYR A 1 19  ? 8.422   9.061   10.506  1.00 5.35  ? 15  TYR A CD1 1 
ATOM   106  C CD2 . TYR A 1 19  ? 6.157   8.312   10.707  1.00 6.68  ? 15  TYR A CD2 1 
ATOM   107  C CE1 . TYR A 1 19  ? 8.477   8.553   9.203   1.00 7.08  ? 15  TYR A CE1 1 
ATOM   108  C CE2 . TYR A 1 19  ? 6.204   7.798   9.407   1.00 5.36  ? 15  TYR A CE2 1 
ATOM   109  C CZ  . TYR A 1 19  ? 7.367   7.925   8.663   1.00 6.65  ? 15  TYR A CZ  1 
ATOM   110  O OH  . TYR A 1 19  ? 7.419   7.429   7.376   1.00 6.07  ? 15  TYR A OH  1 
ATOM   111  N N   . LYS A 1 20  ? 5.906   12.095  13.911  1.00 4.49  ? 16  LYS A N   1 
ATOM   112  C CA  . LYS A 1 20  ? 5.203   12.760  15.007  1.00 5.71  ? 16  LYS A CA  1 
ATOM   113  C C   . LYS A 1 20  ? 4.442   11.786  15.907  1.00 5.72  ? 16  LYS A C   1 
ATOM   114  O O   . LYS A 1 20  ? 4.185   12.083  17.073  1.00 6.60  ? 16  LYS A O   1 
ATOM   115  C CB  . LYS A 1 20  ? 4.215   13.777  14.438  1.00 7.25  ? 16  LYS A CB  1 
ATOM   116  C CG  . LYS A 1 20  ? 4.329   15.181  14.999  1.00 22.39 ? 16  LYS A CG  1 
ATOM   117  C CD  . LYS A 1 20  ? 5.709   15.777  14.775  1.00 9.48  ? 16  LYS A CD  1 
ATOM   118  C CE  . LYS A 1 20  ? 5.607   17.257  14.446  1.00 17.68 ? 16  LYS A CE  1 
ATOM   119  N NZ  . LYS A 1 20  ? 6.779   18.040  14.915  1.00 11.44 ? 16  LYS A NZ  1 
ATOM   120  N N   . TYR A 1 21  ? 4.089   10.627  15.363  1.00 4.39  ? 17  TYR A N   1 
ATOM   121  C CA  . TYR A 1 21  ? 3.326   9.612   16.093  1.00 4.17  ? 17  TYR A CA  1 
ATOM   122  C C   . TYR A 1 21  ? 4.020   8.288   15.796  1.00 5.14  ? 17  TYR A C   1 
ATOM   123  O O   . TYR A 1 21  ? 3.571   7.491   14.970  1.00 6.93  ? 17  TYR A O   1 
ATOM   124  C CB  . TYR A 1 21  ? 1.884   9.613   15.576  1.00 5.03  ? 17  TYR A CB  1 
ATOM   125  C CG  . TYR A 1 21  ? 1.323   11.010  15.407  1.00 4.70  ? 17  TYR A CG  1 
ATOM   126  C CD1 . TYR A 1 21  ? 0.980   11.785  16.516  1.00 6.50  ? 17  TYR A CD1 1 
ATOM   127  C CD2 . TYR A 1 21  ? 1.180   11.575  14.139  1.00 5.27  ? 17  TYR A CD2 1 
ATOM   128  C CE1 . TYR A 1 21  ? 0.509   13.095  16.366  1.00 6.28  ? 17  TYR A CE1 1 
ATOM   129  C CE2 . TYR A 1 21  ? 0.711   12.880  13.975  1.00 4.62  ? 17  TYR A CE2 1 
ATOM   130  C CZ  . TYR A 1 21  ? 0.377   13.633  15.094  1.00 6.96  ? 17  TYR A CZ  1 
ATOM   131  O OH  . TYR A 1 21  ? -0.091  14.921  14.942  1.00 9.46  ? 17  TYR A OH  1 
ATOM   132  N N   . ARG A 1 22  ? 5.119   8.067   16.504  1.00 6.31  ? 18  ARG A N   1 
ATOM   133  C CA  . ARG A 1 22  ? 5.973   6.910   16.307  1.00 5.84  ? 18  ARG A CA  1 
ATOM   134  C C   . ARG A 1 22  ? 5.397   5.546   16.684  1.00 6.99  ? 18  ARG A C   1 
ATOM   135  O O   . ARG A 1 22  ? 5.315   4.655   15.833  1.00 5.95  ? 18  ARG A O   1 
ATOM   136  C CB  . ARG A 1 22  ? 7.311   7.200   17.004  1.00 5.67  ? 18  ARG A CB  1 
ATOM   137  C CG  . ARG A 1 22  ? 7.909   8.527   16.488  1.00 6.54  ? 18  ARG A CG  1 
ATOM   138  C CD  . ARG A 1 22  ? 9.093   9.055   17.296  1.00 6.69  ? 18  ARG A CD  1 
ATOM   139  N NE  . ARG A 1 22  ? 8.722   9.524   18.632  1.00 6.39  ? 18  ARG A NE  1 
ATOM   140  C CZ  . ARG A 1 22  ? 8.037   10.634  18.895  1.00 6.51  ? 18  ARG A CZ  1 
ATOM   141  N NH1 . ARG A 1 22  ? 7.621   11.431  17.918  1.00 7.68  ? 18  ARG A NH1 1 
ATOM   142  N NH2 . ARG A 1 22  ? 7.773   10.956  20.154  1.00 7.64  ? 18  ARG A NH2 1 
ATOM   143  N N   . ASP A 1 23  ? 4.985   5.375   17.937  1.00 6.37  ? 19  ASP A N   1 
ATOM   144  C CA  . ASP A 1 23  ? 4.418   4.099   18.357  1.00 6.51  ? 19  ASP A CA  1 
ATOM   145  C C   . ASP A 1 23  ? 3.157   3.752   17.575  1.00 7.15  ? 19  ASP A C   1 
ATOM   146  O O   . ASP A 1 23  ? 2.936   2.588   17.247  1.00 8.06  ? 19  ASP A O   1 
ATOM   147  C CB  . ASP A 1 23  ? 4.090   4.096   19.856  1.00 5.71  ? 19  ASP A CB  1 
ATOM   148  C CG  . ASP A 1 23  ? 5.324   3.995   20.733  1.00 10.59 ? 19  ASP A CG  1 
ATOM   149  O OD1 . ASP A 1 23  ? 6.378   3.531   20.245  1.00 16.48 ? 19  ASP A OD1 1 
ATOM   150  O OD2 . ASP A 1 23  ? 5.231   4.360   21.926  1.00 12.12 ? 19  ASP A OD2 1 
ATOM   151  N N   . LEU A 1 24  ? 2.321   4.745   17.279  1.00 5.55  ? 20  LEU A N   1 
ATOM   152  C CA  . LEU A 1 24  ? 1.102   4.465   16.530  1.00 7.14  ? 20  LEU A CA  1 
ATOM   153  C C   . LEU A 1 24  ? 1.428   3.962   15.127  1.00 6.12  ? 20  LEU A C   1 
ATOM   154  O O   . LEU A 1 24  ? 0.756   3.074   14.607  1.00 7.91  ? 20  LEU A O   1 
ATOM   155  C CB  . LEU A 1 24  ? 0.214   5.710   16.455  1.00 7.94  ? 20  LEU A CB  1 
ATOM   156  C CG  . LEU A 1 24  ? -0.503  6.086   17.757  1.00 7.06  ? 20  LEU A CG  1 
ATOM   157  C CD1 . LEU A 1 24  ? -1.287  7.373   17.561  1.00 6.16  ? 20  LEU A CD1 1 
ATOM   158  C CD2 . LEU A 1 24  ? -1.438  4.950   18.171  1.00 11.17 ? 20  LEU A CD2 1 
ATOM   159  N N   . THR A 1 25  ? 2.466   4.526   14.519  1.00 5.55  ? 21  THR A N   1 
ATOM   160  C CA  . THR A 1 25  ? 2.871   4.110   13.184  1.00 7.45  ? 21  THR A CA  1 
ATOM   161  C C   . THR A 1 25  ? 3.472   2.703   13.229  1.00 7.41  ? 21  THR A C   1 
ATOM   162  O O   . THR A 1 25  ? 3.154   1.857   12.392  1.00 6.87  ? 21  THR A O   1 
ATOM   163  C CB  . THR A 1 25  ? 3.891   5.098   12.588  1.00 5.91  ? 21  THR A CB  1 
ATOM   164  O OG1 . THR A 1 25  ? 3.250   6.363   12.371  1.00 6.56  ? 21  THR A OG1 1 
ATOM   165  C CG2 . THR A 1 25  ? 4.429   4.575   11.263  1.00 7.26  ? 21  THR A CG2 1 
ATOM   166  N N   . VAL A 1 26  ? 4.327   2.449   14.217  1.00 6.58  ? 22  VAL A N   1 
ATOM   167  C CA  . VAL A 1 26  ? 4.953   1.138   14.362  1.00 6.75  ? 22  VAL A CA  1 
ATOM   168  C C   . VAL A 1 26  ? 3.914   0.055   14.645  1.00 5.39  ? 22  VAL A C   1 
ATOM   169  O O   . VAL A 1 26  ? 3.937   -1.018  14.037  1.00 7.01  ? 22  VAL A O   1 
ATOM   170  C CB  . VAL A 1 26  ? 5.998   1.148   15.504  1.00 7.14  ? 22  VAL A CB  1 
ATOM   171  C CG1 . VAL A 1 26  ? 6.459   -0.269  15.809  1.00 8.70  ? 22  VAL A CG1 1 
ATOM   172  C CG2 . VAL A 1 26  ? 7.192   2.006   15.104  1.00 8.76  ? 22  VAL A CG2 1 
ATOM   173  N N   . ARG A 1 27  ? 3.002   0.339   15.566  1.00 7.06  ? 23  ARG A N   1 
ATOM   174  C CA  . ARG A 1 27  ? 1.962   -0.618  15.928  1.00 7.95  ? 23  ARG A CA  1 
ATOM   175  C C   . ARG A 1 27  ? 1.151   -1.053  14.706  1.00 7.69  ? 23  ARG A C   1 
ATOM   176  O O   . ARG A 1 27  ? 0.939   -2.247  14.477  1.00 8.54  ? 23  ARG A O   1 
ATOM   177  C CB  . ARG A 1 27  ? 1.026   0.000   16.966  1.00 10.38 ? 23  ARG A CB  1 
ATOM   178  C CG  . ARG A 1 27  ? -0.014  -0.960  17.524  1.00 22.11 ? 23  ARG A CG  1 
ATOM   179  C CD  . ARG A 1 27  ? -1.144  -0.208  18.211  1.00 34.19 ? 23  ARG A CD  1 
ATOM   180  N NE  . ARG A 1 27  ? -0.657  0.777   19.174  1.00 43.43 ? 23  ARG A NE  1 
ATOM   181  C CZ  . ARG A 1 27  ? 0.022   0.481   20.278  1.00 48.46 ? 23  ARG A CZ  1 
ATOM   182  N NH1 . ARG A 1 27  ? 0.301   -0.782  20.573  1.00 51.59 ? 23  ARG A NH1 1 
ATOM   183  N NH2 . ARG A 1 27  ? 0.422   1.452   21.090  1.00 51.20 ? 23  ARG A NH2 1 
ATOM   184  N N   . GLU A 1 28  ? 0.698   -0.090  13.912  1.00 7.02  ? 24  GLU A N   1 
ATOM   185  C CA  . GLU A 1 28  ? -0.093  -0.429  12.736  1.00 7.02  ? 24  GLU A CA  1 
ATOM   186  C C   . GLU A 1 28  ? 0.743   -1.139  11.674  1.00 6.79  ? 24  GLU A C   1 
ATOM   187  O O   . GLU A 1 28  ? 0.248   -2.036  10.991  1.00 6.15  ? 24  GLU A O   1 
ATOM   188  C CB  . GLU A 1 28  ? -0.750  0.822   12.150  1.00 8.35  ? 24  GLU A CB  1 
ATOM   189  C CG  . GLU A 1 28  ? -1.706  0.530   11.001  1.00 9.11  ? 24  GLU A CG  1 
ATOM   190  C CD  . GLU A 1 28  ? -2.910  -0.308  11.406  1.00 12.64 ? 24  GLU A CD  1 
ATOM   191  O OE1 . GLU A 1 28  ? -2.949  -0.816  12.549  1.00 11.57 ? 24  GLU A OE1 1 
ATOM   192  O OE2 . GLU A 1 28  ? -3.826  -0.459  10.570  1.00 9.95  ? 24  GLU A OE2 1 
ATOM   193  N N   . THR A 1 29  ? 2.006   -0.750  11.532  1.00 5.31  ? 25  THR A N   1 
ATOM   194  C CA  . THR A 1 29  ? 2.870   -1.405  10.557  1.00 7.53  ? 25  THR A CA  1 
ATOM   195  C C   . THR A 1 29  ? 2.992   -2.881  10.929  1.00 6.88  ? 25  THR A C   1 
ATOM   196  O O   . THR A 1 29  ? 2.899   -3.756  10.066  1.00 7.15  ? 25  THR A O   1 
ATOM   197  C CB  . THR A 1 29  ? 4.269   -0.755  10.513  1.00 7.47  ? 25  THR A CB  1 
ATOM   198  O OG1 . THR A 1 29  ? 4.146   0.590   10.034  1.00 7.66  ? 25  THR A OG1 1 
ATOM   199  C CG2 . THR A 1 29  ? 5.191   -1.526  9.581   1.00 8.34  ? 25  THR A CG2 1 
ATOM   200  N N   . VAL A 1 30  ? 3.184   -3.159  12.216  1.00 7.64  ? 26  VAL A N   1 
ATOM   201  C CA  . VAL A 1 30  ? 3.292   -4.539  12.677  1.00 10.30 ? 26  VAL A CA  1 
ATOM   202  C C   . VAL A 1 30  ? 2.005   -5.298  12.352  1.00 9.15  ? 26  VAL A C   1 
ATOM   203  O O   . VAL A 1 30  ? 2.054   -6.441  11.888  1.00 10.25 ? 26  VAL A O   1 
ATOM   204  C CB  . VAL A 1 30  ? 3.562   -4.600  14.196  1.00 8.77  ? 26  VAL A CB  1 
ATOM   205  C CG1 . VAL A 1 30  ? 3.459   -6.040  14.686  1.00 10.35 ? 26  VAL A CG1 1 
ATOM   206  C CG2 . VAL A 1 30  ? 4.952   -4.052  14.492  1.00 10.63 ? 26  VAL A CG2 1 
ATOM   207  N N   . ASN A 1 31  ? 0.856   -4.665  12.580  1.00 8.71  ? 27  ASN A N   1 
ATOM   208  C CA  . ASN A 1 31  ? -0.426  -5.308  12.292  1.00 9.40  ? 27  ASN A CA  1 
ATOM   209  C C   . ASN A 1 31  ? -0.540  -5.656  10.812  1.00 7.53  ? 27  ASN A C   1 
ATOM   210  O O   . ASN A 1 31  ? -1.020  -6.729  10.448  1.00 11.07 ? 27  ASN A O   1 
ATOM   211  C CB  . ASN A 1 31  ? -1.603  -4.397  12.665  1.00 10.86 ? 27  ASN A CB  1 
ATOM   212  C CG  . ASN A 1 31  ? -1.739  -4.189  14.155  1.00 11.86 ? 27  ASN A CG  1 
ATOM   213  O OD1 . ASN A 1 31  ? -1.403  -5.067  14.950  1.00 14.60 ? 27  ASN A OD1 1 
ATOM   214  N ND2 . ASN A 1 31  ? -2.260  -3.030  14.543  1.00 12.03 ? 27  ASN A ND2 1 
ATOM   215  N N   . VAL A 1 32  ? -0.096  -4.742  9.957   1.00 7.54  ? 28  VAL A N   1 
ATOM   216  C CA  . VAL A 1 32  ? -0.164  -4.953  8.518   1.00 9.03  ? 28  VAL A CA  1 
ATOM   217  C C   . VAL A 1 32  ? 0.742   -6.078  8.030   1.00 10.18 ? 28  VAL A C   1 
ATOM   218  O O   . VAL A 1 32  ? 0.282   -6.996  7.348   1.00 11.17 ? 28  VAL A O   1 
ATOM   219  C CB  . VAL A 1 32  ? 0.194   -3.657  7.752   1.00 7.15  ? 28  VAL A CB  1 
ATOM   220  C CG1 . VAL A 1 32  ? 0.346   -3.949  6.263   1.00 7.77  ? 28  VAL A CG1 1 
ATOM   221  C CG2 . VAL A 1 32  ? -0.887  -2.612  7.973   1.00 10.29 ? 28  VAL A CG2 1 
ATOM   222  N N   . ILE A 1 33  ? 2.025   -6.015  8.375   1.00 10.03 ? 29  ILE A N   1 
ATOM   223  C CA  . ILE A 1 33  ? 2.959   -7.039  7.916   1.00 10.52 ? 29  ILE A CA  1 
ATOM   224  C C   . ILE A 1 33  ? 2.740   -8.408  8.552   1.00 12.42 ? 29  ILE A C   1 
ATOM   225  O O   . ILE A 1 33  ? 3.307   -9.401  8.097   1.00 15.71 ? 29  ILE A O   1 
ATOM   226  C CB  . ILE A 1 33  ? 4.429   -6.596  8.112   1.00 12.09 ? 29  ILE A CB  1 
ATOM   227  C CG1 . ILE A 1 33  ? 4.767   -6.493  9.599   1.00 13.26 ? 29  ILE A CG1 1 
ATOM   228  C CG2 . ILE A 1 33  ? 4.651   -5.254  7.418   1.00 12.41 ? 29  ILE A CG2 1 
ATOM   229  C CD1 . ILE A 1 33  ? 6.198   -6.075  9.865   1.00 19.37 ? 29  ILE A CD1 1 
ATOM   230  N N   . THR A 1 34  ? 1.918   -8.465  9.594   1.00 11.96 ? 30  THR A N   1 
ATOM   231  C CA  . THR A 1 34  ? 1.623   -9.737  10.243  1.00 15.12 ? 30  THR A CA  1 
ATOM   232  C C   . THR A 1 34  ? 0.505   -10.432 9.468   1.00 14.22 ? 30  THR A C   1 
ATOM   233  O O   . THR A 1 34  ? 0.531   -11.650 9.280   1.00 17.64 ? 30  THR A O   1 
ATOM   234  C CB  . THR A 1 34  ? 1.175   -9.545  11.707  1.00 13.26 ? 30  THR A CB  1 
ATOM   235  O OG1 . THR A 1 34  ? 2.276   -9.055  12.480  1.00 15.95 ? 30  THR A OG1 1 
ATOM   236  C CG2 . THR A 1 34  ? 0.692   -10.870 12.301  1.00 15.44 ? 30  THR A CG2 1 
ATOM   237  N N   . LEU A 1 35  ? -0.470  -9.651  9.011   1.00 11.96 ? 31  LEU A N   1 
ATOM   238  C CA  . LEU A 1 35  ? -1.591  -10.196 8.254   1.00 11.56 ? 31  LEU A CA  1 
ATOM   239  C C   . LEU A 1 35  ? -1.247  -10.350 6.777   1.00 11.09 ? 31  LEU A C   1 
ATOM   240  O O   . LEU A 1 35  ? -1.656  -11.318 6.134   1.00 12.89 ? 31  LEU A O   1 
ATOM   241  C CB  . LEU A 1 35  ? -2.819  -9.294  8.406   1.00 11.91 ? 31  LEU A CB  1 
ATOM   242  C CG  . LEU A 1 35  ? -4.075  -9.711  7.635   1.00 12.50 ? 31  LEU A CG  1 
ATOM   243  C CD1 . LEU A 1 35  ? -4.461  -11.139 8.002   1.00 16.23 ? 31  LEU A CD1 1 
ATOM   244  C CD2 . LEU A 1 35  ? -5.208  -8.751  7.956   1.00 15.35 ? 31  LEU A CD2 1 
ATOM   245  N N   . TYR A 1 36  ? -0.493  -9.391  6.250   1.00 11.05 ? 32  TYR A N   1 
ATOM   246  C CA  . TYR A 1 36  ? -0.093  -9.400  4.848   1.00 10.13 ? 32  TYR A CA  1 
ATOM   247  C C   . TYR A 1 36  ? 1.403   -9.669  4.739   1.00 11.79 ? 32  TYR A C   1 
ATOM   248  O O   . TYR A 1 36  ? 2.226   -8.750  4.698   1.00 10.98 ? 32  TYR A O   1 
ATOM   249  C CB  . TYR A 1 36  ? -0.485  -8.067  4.208   1.00 9.44  ? 32  TYR A CB  1 
ATOM   250  C CG  . TYR A 1 36  ? -1.984  -7.855  4.250   1.00 10.28 ? 32  TYR A CG  1 
ATOM   251  C CD1 . TYR A 1 36  ? -2.834  -8.627  3.458   1.00 9.63  ? 32  TYR A CD1 1 
ATOM   252  C CD2 . TYR A 1 36  ? -2.558  -6.935  5.127   1.00 10.64 ? 32  TYR A CD2 1 
ATOM   253  C CE1 . TYR A 1 36  ? -4.221  -8.493  3.544   1.00 10.08 ? 32  TYR A CE1 1 
ATOM   254  C CE2 . TYR A 1 36  ? -3.943  -6.793  5.220   1.00 10.68 ? 32  TYR A CE2 1 
ATOM   255  C CZ  . TYR A 1 36  ? -4.767  -7.577  4.425   1.00 9.07  ? 32  TYR A CZ  1 
ATOM   256  O OH  . TYR A 1 36  ? -6.134  -7.443  4.509   1.00 11.90 ? 32  TYR A OH  1 
ATOM   257  N N   . LYS A 1 37  ? 1.723   -10.960 4.699   1.00 12.72 ? 33  LYS A N   1 
ATOM   258  C CA  . LYS A 1 37  ? 3.088   -11.465 4.638   1.00 16.05 ? 33  LYS A CA  1 
ATOM   259  C C   . LYS A 1 37  ? 3.950   -10.980 3.481   1.00 15.90 ? 33  LYS A C   1 
ATOM   260  O O   . LYS A 1 37  ? 5.176   -11.054 3.564   1.00 18.61 ? 33  LYS A O   1 
ATOM   261  C CB  . LYS A 1 37  ? 3.068   -12.998 4.621   1.00 23.21 ? 33  LYS A CB  1 
ATOM   262  C CG  . LYS A 1 37  ? 2.322   -13.640 5.781   1.00 28.36 ? 33  LYS A CG  1 
ATOM   263  C CD  . LYS A 1 37  ? 2.993   -13.356 7.116   1.00 31.79 ? 33  LYS A CD  1 
ATOM   264  C CE  . LYS A 1 37  ? 2.288   -14.089 8.247   1.00 32.79 ? 33  LYS A CE  1 
ATOM   265  N NZ  . LYS A 1 37  ? 2.922   -13.829 9.569   1.00 36.37 ? 33  LYS A NZ  1 
ATOM   266  N N   . ASP A 1 38  ? 3.340   -10.500 2.402   1.00 10.67 ? 34  ASP A N   1 
ATOM   267  C CA  . ASP A 1 38  ? 4.156   -10.039 1.287   1.00 11.33 ? 34  ASP A CA  1 
ATOM   268  C C   . ASP A 1 38  ? 4.331   -8.529  1.215   1.00 10.82 ? 34  ASP A C   1 
ATOM   269  O O   . ASP A 1 38  ? 4.706   -7.995  0.175   1.00 11.95 ? 34  ASP A O   1 
ATOM   270  C CB  . ASP A 1 38  ? 3.631   -10.571 -0.049  1.00 12.58 ? 34  ASP A CB  1 
ATOM   271  C CG  . ASP A 1 38  ? 4.669   -10.460 -1.159  1.00 19.74 ? 34  ASP A CG  1 
ATOM   272  O OD1 . ASP A 1 38  ? 5.817   -10.909 -0.947  1.00 20.70 ? 34  ASP A OD1 1 
ATOM   273  O OD2 . ASP A 1 38  ? 4.347   -9.928  -2.240  1.00 22.16 ? 34  ASP A OD2 1 
ATOM   274  N N   . LEU A 1 39  ? 4.041   -7.848  2.320   1.00 9.33  ? 35  LEU A N   1 
ATOM   275  C CA  . LEU A 1 39  ? 4.245   -6.408  2.404   1.00 10.24 ? 35  LEU A CA  1 
ATOM   276  C C   . LEU A 1 39  ? 5.432   -6.259  3.345   1.00 10.38 ? 35  LEU A C   1 
ATOM   277  O O   . LEU A 1 39  ? 5.427   -6.812  4.446   1.00 12.55 ? 35  LEU A O   1 
ATOM   278  C CB  . LEU A 1 39  ? 3.016   -5.694  2.974   1.00 7.79  ? 35  LEU A CB  1 
ATOM   279  C CG  . LEU A 1 39  ? 1.835   -5.536  2.010   1.00 7.80  ? 35  LEU A CG  1 
ATOM   280  C CD1 . LEU A 1 39  ? 0.704   -4.781  2.695   1.00 9.99  ? 35  LEU A CD1 1 
ATOM   281  C CD2 . LEU A 1 39  ? 2.286   -4.794  0.758   1.00 7.12  ? 35  LEU A CD2 1 
ATOM   282  N N   . LYS A 1 40  ? 6.452   -5.532  2.904   1.00 9.01  ? 36  LYS A N   1 
ATOM   283  C CA  . LYS A 1 40  ? 7.661   -5.349  3.699   1.00 10.89 ? 36  LYS A CA  1 
ATOM   284  C C   . LYS A 1 40  ? 7.912   -3.881  4.012   1.00 10.93 ? 36  LYS A C   1 
ATOM   285  O O   . LYS A 1 40  ? 7.726   -3.014  3.159   1.00 10.76 ? 36  LYS A O   1 
ATOM   286  C CB  . LYS A 1 40  ? 8.867   -5.912  2.944   1.00 13.87 ? 36  LYS A CB  1 
ATOM   287  C CG  . LYS A 1 40  ? 8.614   -7.258  2.282   1.00 23.71 ? 36  LYS A CG  1 
ATOM   288  C CD  . LYS A 1 40  ? 8.307   -8.344  3.299   1.00 29.78 ? 36  LYS A CD  1 
ATOM   289  C CE  . LYS A 1 40  ? 7.898   -9.636  2.607   1.00 33.21 ? 36  LYS A CE  1 
ATOM   290  N NZ  . LYS A 1 40  ? 8.912   -10.071 1.605   1.00 37.77 ? 36  LYS A NZ  1 
ATOM   291  N N   . PRO A 1 41  ? 8.338   -3.582  5.249   1.00 8.49  ? 37  PRO A N   1 
ATOM   292  C CA  . PRO A 1 41  ? 8.610   -2.201  5.645   1.00 9.06  ? 37  PRO A CA  1 
ATOM   293  C C   . PRO A 1 41  ? 10.015  -1.798  5.222   1.00 10.02 ? 37  PRO A C   1 
ATOM   294  O O   . PRO A 1 41  ? 10.972  -2.544  5.429   1.00 12.01 ? 37  PRO A O   1 
ATOM   295  C CB  . PRO A 1 41  ? 8.458   -2.248  7.156   1.00 9.34  ? 37  PRO A CB  1 
ATOM   296  C CG  . PRO A 1 41  ? 9.034   -3.589  7.483   1.00 14.95 ? 37  PRO A CG  1 
ATOM   297  C CD  . PRO A 1 41  ? 8.447   -4.491  6.407   1.00 9.92  ? 37  PRO A CD  1 
ATOM   298  N N   . VAL A 1 42  ? 10.136  -0.621  4.621   1.00 11.67 ? 38  VAL A N   1 
ATOM   299  C CA  . VAL A 1 42  ? 11.431  -0.132  4.171   1.00 15.85 ? 38  VAL A CA  1 
ATOM   300  C C   . VAL A 1 42  ? 11.524  1.375   4.351   1.00 14.26 ? 38  VAL A C   1 
ATOM   301  O O   . VAL A 1 42  ? 10.544  2.094   4.164   1.00 11.10 ? 38  VAL A O   1 
ATOM   302  C CB  . VAL A 1 42  ? 11.665  -0.458  2.677   1.00 17.63 ? 38  VAL A CB  1 
ATOM   303  C CG1 . VAL A 1 42  ? 13.035  0.039   2.245   1.00 22.42 ? 38  VAL A CG1 1 
ATOM   304  C CG2 . VAL A 1 42  ? 11.549  -1.957  2.441   1.00 22.66 ? 38  VAL A CG2 1 
ATOM   305  N N   . LEU A 1 43  ? 12.705  1.847   4.736   1.00 12.81 ? 39  LEU A N   1 
ATOM   306  C CA  . LEU A 1 43  ? 12.941  3.274   4.903   1.00 10.96 ? 39  LEU A CA  1 
ATOM   307  C C   . LEU A 1 43  ? 13.584  3.702   3.593   1.00 13.84 ? 39  LEU A C   1 
ATOM   308  O O   . LEU A 1 43  ? 14.688  3.265   3.267   1.00 16.29 ? 39  LEU A O   1 
ATOM   309  C CB  . LEU A 1 43  ? 13.898  3.531   6.071   1.00 15.20 ? 39  LEU A CB  1 
ATOM   310  C CG  . LEU A 1 43  ? 14.181  4.998   6.408   1.00 16.05 ? 39  LEU A CG  1 
ATOM   311  C CD1 . LEU A 1 43  ? 12.889  5.704   6.783   1.00 16.81 ? 39  LEU A CD1 1 
ATOM   312  C CD2 . LEU A 1 43  ? 15.183  5.071   7.549   1.00 19.63 ? 39  LEU A CD2 1 
ATOM   313  N N   . ASP A 1 44  ? 12.890  4.540   2.833   1.00 12.04 ? 40  ASP A N   1 
ATOM   314  C CA  . ASP A 1 44  ? 13.404  4.989   1.549   1.00 11.91 ? 40  ASP A CA  1 
ATOM   315  C C   . ASP A 1 44  ? 13.071  6.457   1.323   1.00 11.51 ? 40  ASP A C   1 
ATOM   316  O O   . ASP A 1 44  ? 12.306  7.050   2.076   1.00 13.64 ? 40  ASP A O   1 
ATOM   317  C CB  . ASP A 1 44  ? 12.813  4.122   0.431   1.00 15.81 ? 40  ASP A CB  1 
ATOM   318  C CG  . ASP A 1 44  ? 13.368  4.466   -0.937  1.00 22.00 ? 40  ASP A CG  1 
ATOM   319  O OD1 . ASP A 1 44  ? 14.599  4.640   -1.057  1.00 24.17 ? 40  ASP A OD1 1 
ATOM   320  O OD2 . ASP A 1 44  ? 12.572  4.554   -1.895  1.00 31.09 ? 40  ASP A OD2 1 
ATOM   321  N N   . SER A 1 45  ? 13.663  7.045   0.291   1.00 13.42 ? 41  SER A N   1 
ATOM   322  C CA  . SER A 1 45  ? 13.418  8.447   -0.010  1.00 12.47 ? 41  SER A CA  1 
ATOM   323  C C   . SER A 1 45  ? 12.279  8.607   -1.008  1.00 9.92  ? 41  SER A C   1 
ATOM   324  O O   . SER A 1 45  ? 12.227  7.916   -2.027  1.00 12.18 ? 41  SER A O   1 
ATOM   325  C CB  . SER A 1 45  ? 14.691  9.098   -0.559  1.00 15.16 ? 41  SER A CB  1 
ATOM   326  O OG  . SER A 1 45  ? 15.166  8.413   -1.704  1.00 22.40 ? 41  SER A OG  1 
ATOM   327  N N   . TYR A 1 46  ? 11.364  9.517   -0.700  1.00 9.14  ? 42  TYR A N   1 
ATOM   328  C CA  . TYR A 1 46  ? 10.223  9.785   -1.564  1.00 10.29 ? 42  TYR A CA  1 
ATOM   329  C C   . TYR A 1 46  ? 10.372  11.159  -2.215  1.00 9.35  ? 42  TYR A C   1 
ATOM   330  O O   . TYR A 1 46  ? 10.302  12.182  -1.537  1.00 10.89 ? 42  TYR A O   1 
ATOM   331  C CB  . TYR A 1 46  ? 8.925   9.749   -0.752  1.00 10.38 ? 42  TYR A CB  1 
ATOM   332  C CG  . TYR A 1 46  ? 7.679   9.947   -1.582  1.00 9.58  ? 42  TYR A CG  1 
ATOM   333  C CD1 . TYR A 1 46  ? 6.607   10.696  -1.097  1.00 11.67 ? 42  TYR A CD1 1 
ATOM   334  C CD2 . TYR A 1 46  ? 7.569   9.386   -2.855  1.00 11.89 ? 42  TYR A CD2 1 
ATOM   335  C CE1 . TYR A 1 46  ? 5.458   10.885  -1.864  1.00 11.51 ? 42  TYR A CE1 1 
ATOM   336  C CE2 . TYR A 1 46  ? 6.422   9.568   -3.628  1.00 15.38 ? 42  TYR A CE2 1 
ATOM   337  C CZ  . TYR A 1 46  ? 5.375   10.318  -3.125  1.00 13.19 ? 42  TYR A CZ  1 
ATOM   338  O OH  . TYR A 1 46  ? 4.237   10.499  -3.881  1.00 18.04 ? 42  TYR A OH  1 
ATOM   339  N N   . GLY A 1 47  ? 10.585  11.170  -3.529  1.00 15.02 ? 43  GLY A N   1 
ATOM   340  C CA  . GLY A 1 47  ? 10.725  12.421  -4.257  1.00 13.97 ? 43  GLY A CA  1 
ATOM   341  C C   . GLY A 1 47  ? 12.069  13.119  -4.138  1.00 14.69 ? 43  GLY A C   1 
ATOM   342  O O   . GLY A 1 47  ? 12.630  13.576  -5.138  1.00 15.54 ? 43  GLY A O   1 
ATOM   343  N N   . THR A 1 48  ? 12.579  13.218  -2.915  1.00 13.66 ? 44  THR A N   1 
ATOM   344  C CA  . THR A 1 48  ? 13.860  13.867  -2.653  1.00 14.62 ? 44  THR A CA  1 
ATOM   345  C C   . THR A 1 48  ? 14.710  12.951  -1.777  1.00 15.55 ? 44  THR A C   1 
ATOM   346  O O   . THR A 1 48  ? 14.192  12.305  -0.867  1.00 13.97 ? 44  THR A O   1 
ATOM   347  C CB  . THR A 1 48  ? 13.663  15.208  -1.913  1.00 13.76 ? 44  THR A CB  1 
ATOM   348  O OG1 . THR A 1 48  ? 12.751  16.037  -2.648  1.00 11.58 ? 44  THR A OG1 1 
ATOM   349  C CG2 . THR A 1 48  ? 14.991  15.936  -1.768  1.00 15.73 ? 44  THR A CG2 1 
ATOM   350  N N   . GLY A 1 49  ? 16.012  12.902  -2.049  1.00 12.46 ? 48  GLY A N   1 
ATOM   351  C CA  . GLY A 1 49  ? 16.898  12.053  -1.273  1.00 13.02 ? 48  GLY A CA  1 
ATOM   352  C C   . GLY A 1 49  ? 16.818  12.306  0.219   1.00 13.43 ? 48  GLY A C   1 
ATOM   353  O O   . GLY A 1 49  ? 17.052  11.404  1.027   1.00 15.86 ? 48  GLY A O   1 
ATOM   354  N N   . SER A 1 50  ? 16.475  13.534  0.588   1.00 12.88 ? 49  SER A N   1 
ATOM   355  C CA  . SER A 1 50  ? 16.373  13.911  1.990   1.00 12.71 ? 49  SER A CA  1 
ATOM   356  C C   . SER A 1 50  ? 15.011  13.607  2.620   1.00 10.96 ? 49  SER A C   1 
ATOM   357  O O   . SER A 1 50  ? 14.873  13.662  3.842   1.00 15.69 ? 49  SER A O   1 
ATOM   358  C CB  . SER A 1 50  ? 16.683  15.401  2.146   1.00 13.63 ? 49  SER A CB  1 
ATOM   359  O OG  . SER A 1 50  ? 15.831  16.176  1.322   1.00 18.62 ? 49  SER A OG  1 
ATOM   360  N N   . ARG A 1 51  ? 14.011  13.288  1.799   1.00 7.80  ? 50  ARG A N   1 
ATOM   361  C CA  . ARG A 1 51  ? 12.672  12.993  2.314   1.00 7.31  ? 50  ARG A CA  1 
ATOM   362  C C   . ARG A 1 51  ? 12.539  11.507  2.618   1.00 8.15  ? 50  ARG A C   1 
ATOM   363  O O   . ARG A 1 51  ? 11.849  10.777  1.908   1.00 10.44 ? 50  ARG A O   1 
ATOM   364  C CB  . ARG A 1 51  ? 11.600  13.407  1.299   1.00 7.24  ? 50  ARG A CB  1 
ATOM   365  C CG  . ARG A 1 51  ? 10.160  13.353  1.824   1.00 5.52  ? 50  ARG A CG  1 
ATOM   366  C CD  . ARG A 1 51  ? 9.819   14.595  2.645   1.00 5.57  ? 50  ARG A CD  1 
ATOM   367  N NE  . ARG A 1 51  ? 8.399   14.685  2.991   1.00 6.21  ? 50  ARG A NE  1 
ATOM   368  C CZ  . ARG A 1 51  ? 7.893   14.431  4.195   1.00 5.13  ? 50  ARG A CZ  1 
ATOM   369  N NH1 . ARG A 1 51  ? 6.588   14.549  4.401   1.00 6.61  ? 50  ARG A NH1 1 
ATOM   370  N NH2 . ARG A 1 51  ? 8.686   14.057  5.191   1.00 5.27  ? 50  ARG A NH2 1 
ATOM   371  N N   . GLU A 1 52  ? 13.208  11.063  3.673   1.00 6.82  ? 51  GLU A N   1 
ATOM   372  C CA  . GLU A 1 52  ? 13.152  9.663   4.056   1.00 9.01  ? 51  GLU A CA  1 
ATOM   373  C C   . GLU A 1 52  ? 11.851  9.373   4.794   1.00 8.47  ? 51  GLU A C   1 
ATOM   374  O O   . GLU A 1 52  ? 11.469  10.093  5.718   1.00 8.98  ? 51  GLU A O   1 
ATOM   375  C CB  . GLU A 1 52  ? 14.351  9.304   4.938   1.00 13.48 ? 51  GLU A CB  1 
ATOM   376  C CG  . GLU A 1 52  ? 15.700  9.487   4.249   1.00 20.67 ? 51  GLU A CG  1 
ATOM   377  C CD  . GLU A 1 52  ? 16.841  8.820   4.995   1.00 27.07 ? 51  GLU A CD  1 
ATOM   378  O OE1 . GLU A 1 52  ? 18.005  8.981   4.572   1.00 33.34 ? 51  GLU A OE1 1 
ATOM   379  O OE2 . GLU A 1 52  ? 16.574  8.126   5.998   1.00 32.79 ? 51  GLU A OE2 1 
ATOM   380  N N   . LEU A 1 53  ? 11.169  8.322   4.357   1.00 7.36  ? 52  LEU A N   1 
ATOM   381  C CA  . LEU A 1 53  ? 9.905   7.900   4.947   1.00 5.93  ? 52  LEU A CA  1 
ATOM   382  C C   . LEU A 1 53  ? 9.827   6.390   4.889   1.00 6.99  ? 52  LEU A C   1 
ATOM   383  O O   . LEU A 1 53  ? 10.449  5.758   4.033   1.00 7.63  ? 52  LEU A O   1 
ATOM   384  C CB  . LEU A 1 53  ? 8.722   8.463   4.160   1.00 6.59  ? 52  LEU A CB  1 
ATOM   385  C CG  . LEU A 1 53  ? 8.486   9.970   4.170   1.00 5.26  ? 52  LEU A CG  1 
ATOM   386  C CD1 . LEU A 1 53  ? 7.397   10.320  3.169   1.00 8.33  ? 52  LEU A CD1 1 
ATOM   387  C CD2 . LEU A 1 53  ? 8.095   10.411  5.573   1.00 7.91  ? 52  LEU A CD2 1 
ATOM   388  N N   . MET A 1 54  ? 9.061   5.806   5.798   1.00 6.39  ? 53  MET A N   1 
ATOM   389  C CA  . MET A 1 54  ? 8.901   4.371   5.772   1.00 8.00  ? 53  MET A CA  1 
ATOM   390  C C   . MET A 1 54  ? 7.732   4.074   4.846   1.00 6.90  ? 53  MET A C   1 
ATOM   391  O O   . MET A 1 54  ? 6.744   4.814   4.806   1.00 7.27  ? 53  MET A O   1 
ATOM   392  C CB  . MET A 1 54  ? 8.616   3.829   7.175   1.00 9.35  ? 53  MET A CB  1 
ATOM   393  C CG  . MET A 1 54  ? 8.463   2.306   7.233   1.00 9.50  ? 53  MET A CG  1 
ATOM   394  S SD  . MET A 1 54  ? 8.467   1.676   8.920   1.00 14.20 ? 53  MET A SD  1 
ATOM   395  C CE  . MET A 1 54  ? 6.865   2.234   9.499   1.00 17.17 ? 53  MET A CE  1 
ATOM   396  N N   . ASN A 1 55  ? 7.861   3.011   4.067   1.00 6.94  ? 54  ASN A N   1 
ATOM   397  C CA  . ASN A 1 55  ? 6.784   2.617   3.182   1.00 8.17  ? 54  ASN A CA  1 
ATOM   398  C C   . ASN A 1 55  ? 6.624   1.112   3.268   1.00 9.07  ? 54  ASN A C   1 
ATOM   399  O O   . ASN A 1 55  ? 7.545   0.396   3.669   1.00 11.61 ? 54  ASN A O   1 
ATOM   400  C CB  . ASN A 1 55  ? 7.063   3.033   1.731   1.00 13.53 ? 54  ASN A CB  1 
ATOM   401  C CG  . ASN A 1 55  ? 8.123   2.185   1.065   1.00 14.02 ? 54  ASN A CG  1 
ATOM   402  O OD1 . ASN A 1 55  ? 8.019   0.959   1.016   1.00 15.11 ? 54  ASN A OD1 1 
ATOM   403  N ND2 . ASN A 1 55  ? 9.152   2.835   0.535   1.00 17.51 ? 54  ASN A ND2 1 
ATOM   404  N N   . LEU A 1 56  ? 5.434   0.646   2.923   1.00 7.22  ? 55  LEU A N   1 
ATOM   405  C CA  . LEU A 1 56  ? 5.140   -0.774  2.920   1.00 7.09  ? 55  LEU A CA  1 
ATOM   406  C C   . LEU A 1 56  ? 5.042   -1.151  1.451   1.00 8.35  ? 55  LEU A C   1 
ATOM   407  O O   . LEU A 1 56  ? 4.157   -0.679  0.738   1.00 8.36  ? 55  LEU A O   1 
ATOM   408  C CB  . LEU A 1 56  ? 3.820   -1.045  3.643   1.00 7.79  ? 55  LEU A CB  1 
ATOM   409  C CG  . LEU A 1 56  ? 3.897   -0.852  5.163   1.00 15.02 ? 55  LEU A CG  1 
ATOM   410  C CD1 . LEU A 1 56  ? 2.507   -0.814  5.768   1.00 15.14 ? 55  LEU A CD1 1 
ATOM   411  C CD2 . LEU A 1 56  ? 4.722   -1.983  5.769   1.00 16.86 ? 55  LEU A CD2 1 
ATOM   412  N N   . THR A 1 57  ? 5.972   -1.984  0.997   1.00 8.54  ? 56  THR A N   1 
ATOM   413  C CA  . THR A 1 57  ? 6.007   -2.408  -0.396  1.00 7.00  ? 56  THR A CA  1 
ATOM   414  C C   . THR A 1 57  ? 5.866   -3.918  -0.539  1.00 6.49  ? 56  THR A C   1 
ATOM   415  O O   . THR A 1 57  ? 6.338   -4.679  0.301   1.00 8.56  ? 56  THR A O   1 
ATOM   416  C CB  . THR A 1 57  ? 7.322   -1.961  -1.068  1.00 11.64 ? 56  THR A CB  1 
ATOM   417  O OG1 . THR A 1 57  ? 7.429   -0.535  -1.004  1.00 17.09 ? 56  THR A OG1 1 
ATOM   418  C CG2 . THR A 1 57  ? 7.356   -2.388  -2.521  1.00 14.64 ? 56  THR A CG2 1 
ATOM   419  N N   . GLY A 1 58  ? 5.210   -4.342  -1.612  1.00 7.72  ? 57  GLY A N   1 
ATOM   420  C CA  . GLY A 1 58  ? 5.021   -5.759  -1.854  1.00 7.66  ? 57  GLY A CA  1 
ATOM   421  C C   . GLY A 1 58  ? 3.707   -5.984  -2.570  1.00 8.09  ? 57  GLY A C   1 
ATOM   422  O O   . GLY A 1 58  ? 3.302   -5.169  -3.399  1.00 11.72 ? 57  GLY A O   1 
ATOM   423  N N   . THR A 1 59  ? 3.037   -7.087  -2.264  1.00 8.70  ? 58  THR A N   1 
ATOM   424  C CA  . THR A 1 59  ? 1.758   -7.373  -2.904  1.00 7.85  ? 58  THR A CA  1 
ATOM   425  C C   . THR A 1 59  ? 0.701   -7.723  -1.876  1.00 8.20  ? 58  THR A C   1 
ATOM   426  O O   . THR A 1 59  ? 1.014   -8.079  -0.740  1.00 8.59  ? 58  THR A O   1 
ATOM   427  C CB  . THR A 1 59  ? 1.852   -8.573  -3.884  1.00 10.43 ? 58  THR A CB  1 
ATOM   428  O OG1 . THR A 1 59  ? 2.161   -9.766  -3.151  1.00 12.75 ? 58  THR A OG1 1 
ATOM   429  C CG2 . THR A 1 59  ? 2.916   -8.332  -4.937  1.00 10.04 ? 58  THR A CG2 1 
ATOM   430  N N   . ILE A 1 60  ? -0.557  -7.583  -2.282  1.00 8.13  ? 59  ILE A N   1 
ATOM   431  C CA  . ILE A 1 60  ? -1.686  -7.949  -1.441  1.00 10.06 ? 59  ILE A CA  1 
ATOM   432  C C   . ILE A 1 60  ? -2.527  -8.921  -2.264  1.00 9.59  ? 59  ILE A C   1 
ATOM   433  O O   . ILE A 1 60  ? -2.629  -8.787  -3.488  1.00 9.61  ? 59  ILE A O   1 
ATOM   434  C CB  . ILE A 1 60  ? -2.554  -6.730  -1.020  1.00 9.20  ? 59  ILE A CB  1 
ATOM   435  C CG1 . ILE A 1 60  ? -2.920  -5.879  -2.235  1.00 8.74  ? 59  ILE A CG1 1 
ATOM   436  C CG2 . ILE A 1 60  ? -1.826  -5.921  0.041   1.00 11.01 ? 59  ILE A CG2 1 
ATOM   437  C CD1 . ILE A 1 60  ? -3.948  -4.797  -1.933  1.00 9.60  ? 59  ILE A CD1 1 
ATOM   438  N N   . PRO A 1 61  ? -3.116  -9.930  -1.602  1.00 10.68 ? 60  PRO A N   1 
ATOM   439  C CA  . PRO A 1 61  ? -3.950  -10.944 -2.253  1.00 11.34 ? 60  PRO A CA  1 
ATOM   440  C C   . PRO A 1 61  ? -5.327  -10.407 -2.626  1.00 8.87  ? 60  PRO A C   1 
ATOM   441  O O   . PRO A 1 61  ? -6.128  -10.072 -1.754  1.00 11.72 ? 60  PRO A O   1 
ATOM   442  C CB  . PRO A 1 61  ? -4.017  -12.044 -1.201  1.00 15.24 ? 60  PRO A CB  1 
ATOM   443  C CG  . PRO A 1 61  ? -4.057  -11.260 0.073   1.00 14.83 ? 60  PRO A CG  1 
ATOM   444  C CD  . PRO A 1 61  ? -2.991  -10.203 -0.158  1.00 11.86 ? 60  PRO A CD  1 
ATOM   445  N N   . VAL A 1 62  ? -5.598  -10.338 -3.924  1.00 10.52 ? 61  VAL A N   1 
ATOM   446  C CA  . VAL A 1 62  ? -6.876  -9.822  -4.395  1.00 12.12 ? 61  VAL A CA  1 
ATOM   447  C C   . VAL A 1 62  ? -7.636  -10.820 -5.254  1.00 14.05 ? 61  VAL A C   1 
ATOM   448  O O   . VAL A 1 62  ? -7.230  -11.129 -6.376  1.00 12.17 ? 61  VAL A O   1 
ATOM   449  C CB  . VAL A 1 62  ? -6.691  -8.525  -5.213  1.00 11.43 ? 61  VAL A CB  1 
ATOM   450  C CG1 . VAL A 1 62  ? -8.043  -8.019  -5.694  1.00 12.82 ? 61  VAL A CG1 1 
ATOM   451  C CG2 . VAL A 1 62  ? -6.010  -7.467  -4.362  1.00 11.87 ? 61  VAL A CG2 1 
ATOM   452  N N   . PRO A 1 63  ? -8.750  -11.348 -4.727  1.00 17.27 ? 62  PRO A N   1 
ATOM   453  C CA  . PRO A 1 63  ? -9.541  -12.309 -5.493  1.00 19.76 ? 62  PRO A CA  1 
ATOM   454  C C   . PRO A 1 63  ? -10.294 -11.591 -6.605  1.00 20.55 ? 62  PRO A C   1 
ATOM   455  O O   . PRO A 1 63  ? -10.973 -10.593 -6.366  1.00 20.16 ? 62  PRO A O   1 
ATOM   456  C CB  . PRO A 1 63  ? -10.474 -12.898 -4.439  1.00 20.76 ? 62  PRO A CB  1 
ATOM   457  C CG  . PRO A 1 63  ? -10.695 -11.747 -3.514  1.00 23.70 ? 62  PRO A CG  1 
ATOM   458  C CD  . PRO A 1 63  ? -9.299  -11.174 -3.372  1.00 21.04 ? 62  PRO A CD  1 
ATOM   459  N N   . TYR A 1 64  ? -10.144 -12.096 -7.822  1.00 18.77 ? 63  TYR A N   1 
ATOM   460  C CA  . TYR A 1 64  ? -10.811 -11.528 -8.984  1.00 22.18 ? 63  TYR A CA  1 
ATOM   461  C C   . TYR A 1 64  ? -11.447 -12.681 -9.747  1.00 22.82 ? 63  TYR A C   1 
ATOM   462  O O   . TYR A 1 64  ? -10.753 -13.467 -10.389 1.00 23.38 ? 63  TYR A O   1 
ATOM   463  C CB  . TYR A 1 64  ? -9.801  -10.804 -9.877  1.00 20.25 ? 63  TYR A CB  1 
ATOM   464  C CG  . TYR A 1 64  ? -10.390 -10.274 -11.165 1.00 20.18 ? 63  TYR A CG  1 
ATOM   465  C CD1 . TYR A 1 64  ? -11.355 -9.266  -11.153 1.00 17.91 ? 63  TYR A CD1 1 
ATOM   466  C CD2 . TYR A 1 64  ? -9.989  -10.787 -12.397 1.00 21.20 ? 63  TYR A CD2 1 
ATOM   467  C CE1 . TYR A 1 64  ? -11.904 -8.782  -12.339 1.00 19.62 ? 63  TYR A CE1 1 
ATOM   468  C CE2 . TYR A 1 64  ? -10.532 -10.312 -13.588 1.00 24.32 ? 63  TYR A CE2 1 
ATOM   469  C CZ  . TYR A 1 64  ? -11.488 -9.310  -13.552 1.00 22.93 ? 63  TYR A CZ  1 
ATOM   470  O OH  . TYR A 1 64  ? -12.025 -8.836  -14.727 1.00 29.01 ? 63  TYR A OH  1 
ATOM   471  N N   . ARG A 1 65  ? -12.769 -12.783 -9.660  1.00 26.20 ? 64  ARG A N   1 
ATOM   472  C CA  . ARG A 1 65  ? -13.504 -13.845 -10.336 1.00 30.04 ? 64  ARG A CA  1 
ATOM   473  C C   . ARG A 1 65  ? -13.029 -15.239 -9.936  1.00 31.80 ? 64  ARG A C   1 
ATOM   474  O O   . ARG A 1 65  ? -12.670 -16.048 -10.789 1.00 33.44 ? 64  ARG A O   1 
ATOM   475  C CB  . ARG A 1 65  ? -13.395 -13.681 -11.854 1.00 30.47 ? 64  ARG A CB  1 
ATOM   476  C CG  . ARG A 1 65  ? -14.129 -12.471 -12.394 1.00 33.11 ? 64  ARG A CG  1 
ATOM   477  C CD  . ARG A 1 65  ? -14.170 -12.480 -13.912 1.00 35.15 ? 64  ARG A CD  1 
ATOM   478  N NE  . ARG A 1 65  ? -15.128 -11.507 -14.428 1.00 37.62 ? 64  ARG A NE  1 
ATOM   479  C CZ  . ARG A 1 65  ? -16.430 -11.527 -14.161 1.00 37.58 ? 64  ARG A CZ  1 
ATOM   480  N NH1 . ARG A 1 65  ? -16.938 -12.474 -13.384 1.00 39.95 ? 64  ARG A NH1 1 
ATOM   481  N NH2 . ARG A 1 65  ? -17.228 -10.597 -14.669 1.00 36.69 ? 64  ARG A NH2 1 
ATOM   482  N N   . GLY A 1 66  ? -13.023 -15.509 -8.635  1.00 34.05 ? 65  GLY A N   1 
ATOM   483  C CA  . GLY A 1 66  ? -12.608 -16.814 -8.148  1.00 35.70 ? 65  GLY A CA  1 
ATOM   484  C C   . GLY A 1 66  ? -11.143 -17.158 -8.343  1.00 35.28 ? 65  GLY A C   1 
ATOM   485  O O   . GLY A 1 66  ? -10.781 -18.332 -8.422  1.00 37.22 ? 65  GLY A O   1 
ATOM   486  N N   . ASN A 1 67  ? -10.296 -16.138 -8.428  1.00 32.08 ? 66  ASN A N   1 
ATOM   487  C CA  . ASN A 1 67  ? -8.861  -16.346 -8.601  1.00 30.04 ? 66  ASN A CA  1 
ATOM   488  C C   . ASN A 1 67  ? -8.119  -15.235 -7.870  1.00 27.88 ? 66  ASN A C   1 
ATOM   489  O O   . ASN A 1 67  ? -8.483  -14.067 -7.975  1.00 26.47 ? 66  ASN A O   1 
ATOM   490  C CB  . ASN A 1 67  ? -8.489  -16.335 -10.088 1.00 33.81 ? 66  ASN A CB  1 
ATOM   491  C CG  . ASN A 1 67  ? -9.141  -17.465 -10.864 1.00 36.94 ? 66  ASN A CG  1 
ATOM   492  O OD1 . ASN A 1 67  ? -10.363 -17.513 -11.007 1.00 36.72 ? 66  ASN A OD1 1 
ATOM   493  N ND2 . ASN A 1 67  ? -8.325  -18.383 -11.370 1.00 36.96 ? 66  ASN A ND2 1 
ATOM   494  N N   . THR A 1 68  ? -7.080  -15.601 -7.127  1.00 25.45 ? 67  THR A N   1 
ATOM   495  C CA  . THR A 1 68  ? -6.311  -14.619 -6.371  1.00 21.47 ? 67  THR A CA  1 
ATOM   496  C C   . THR A 1 68  ? -5.080  -14.118 -7.115  1.00 18.96 ? 67  THR A C   1 
ATOM   497  O O   . THR A 1 68  ? -4.271  -14.904 -7.608  1.00 20.30 ? 67  THR A O   1 
ATOM   498  C CB  . THR A 1 68  ? -5.862  -15.194 -5.009  1.00 20.96 ? 67  THR A CB  1 
ATOM   499  O OG1 . THR A 1 68  ? -7.014  -15.515 -4.223  1.00 26.79 ? 67  THR A OG1 1 
ATOM   500  C CG2 . THR A 1 68  ? -5.012  -14.179 -4.253  1.00 20.72 ? 67  THR A CG2 1 
ATOM   501  N N   . TYR A 1 69  ? -4.949  -12.796 -7.188  1.00 16.69 ? 68  TYR A N   1 
ATOM   502  C CA  . TYR A 1 69  ? -3.813  -12.171 -7.849  1.00 13.27 ? 68  TYR A CA  1 
ATOM   503  C C   . TYR A 1 69  ? -3.032  -11.359 -6.823  1.00 12.09 ? 68  TYR A C   1 
ATOM   504  O O   . TYR A 1 69  ? -3.613  -10.778 -5.905  1.00 13.63 ? 68  TYR A O   1 
ATOM   505  C CB  . TYR A 1 69  ? -4.282  -11.264 -8.990  1.00 14.83 ? 68  TYR A CB  1 
ATOM   506  C CG  . TYR A 1 69  ? -5.063  -12.009 -10.045 1.00 14.71 ? 68  TYR A CG  1 
ATOM   507  C CD1 . TYR A 1 69  ? -6.397  -12.354 -9.834  1.00 17.94 ? 68  TYR A CD1 1 
ATOM   508  C CD2 . TYR A 1 69  ? -4.451  -12.424 -11.226 1.00 17.60 ? 68  TYR A CD2 1 
ATOM   509  C CE1 . TYR A 1 69  ? -7.105  -13.098 -10.772 1.00 16.60 ? 68  TYR A CE1 1 
ATOM   510  C CE2 . TYR A 1 69  ? -5.149  -13.171 -12.171 1.00 18.09 ? 68  TYR A CE2 1 
ATOM   511  C CZ  . TYR A 1 69  ? -6.472  -13.504 -11.934 1.00 15.73 ? 68  TYR A CZ  1 
ATOM   512  O OH  . TYR A 1 69  ? -7.162  -14.262 -12.852 1.00 22.31 ? 68  TYR A OH  1 
ATOM   513  N N   . ASN A 1 70  ? -1.713  -11.337 -6.974  1.00 13.37 ? 69  ASN A N   1 
ATOM   514  C CA  . ASN A 1 70  ? -0.853  -10.604 -6.055  1.00 11.43 ? 69  ASN A CA  1 
ATOM   515  C C   . ASN A 1 70  ? -0.563  -9.231  -6.631  1.00 11.10 ? 69  ASN A C   1 
ATOM   516  O O   . ASN A 1 70  ? 0.416   -9.031  -7.344  1.00 12.25 ? 69  ASN A O   1 
ATOM   517  C CB  . ASN A 1 70  ? 0.440   -11.380 -5.834  1.00 12.78 ? 69  ASN A CB  1 
ATOM   518  C CG  . ASN A 1 70  ? 0.182   -12.783 -5.346  1.00 12.85 ? 69  ASN A CG  1 
ATOM   519  O OD1 . ASN A 1 70  ? -0.509  -12.982 -4.347  1.00 13.72 ? 69  ASN A OD1 1 
ATOM   520  N ND2 . ASN A 1 70  ? 0.729   -13.770 -6.049  1.00 20.30 ? 69  ASN A ND2 1 
ATOM   521  N N   . ILE A 1 71  ? -1.439  -8.285  -6.310  1.00 9.09  ? 70  ILE A N   1 
ATOM   522  C CA  . ILE A 1 71  ? -1.324  -6.920  -6.794  1.00 9.54  ? 70  ILE A CA  1 
ATOM   523  C C   . ILE A 1 71  ? -0.192  -6.167  -6.101  1.00 8.79  ? 70  ILE A C   1 
ATOM   524  O O   . ILE A 1 71  ? -0.168  -6.043  -4.876  1.00 8.43  ? 70  ILE A O   1 
ATOM   525  C CB  . ILE A 1 71  ? -2.651  -6.166  -6.581  1.00 8.92  ? 70  ILE A CB  1 
ATOM   526  C CG1 . ILE A 1 71  ? -3.794  -6.926  -7.262  1.00 11.15 ? 70  ILE A CG1 1 
ATOM   527  C CG2 . ILE A 1 71  ? -2.544  -4.753  -7.123  1.00 12.73 ? 70  ILE A CG2 1 
ATOM   528  C CD1 . ILE A 1 71  ? -3.633  -7.097  -8.763  1.00 10.51 ? 70  ILE A CD1 1 
ATOM   529  N N   . PRO A 1 72  ? 0.769   -5.657  -6.886  1.00 8.44  ? 71  PRO A N   1 
ATOM   530  C CA  . PRO A 1 72  ? 1.910   -4.914  -6.343  1.00 7.34  ? 71  PRO A CA  1 
ATOM   531  C C   . PRO A 1 72  ? 1.558   -3.482  -5.950  1.00 7.99  ? 71  PRO A C   1 
ATOM   532  O O   . PRO A 1 72  ? 1.062   -2.707  -6.771  1.00 8.31  ? 71  PRO A O   1 
ATOM   533  C CB  . PRO A 1 72  ? 2.928   -4.977  -7.480  1.00 9.25  ? 71  PRO A CB  1 
ATOM   534  C CG  . PRO A 1 72  ? 2.057   -4.931  -8.694  1.00 11.36 ? 71  PRO A CG  1 
ATOM   535  C CD  . PRO A 1 72  ? 0.926   -5.872  -8.338  1.00 11.60 ? 71  PRO A CD  1 
ATOM   536  N N   . ILE A 1 73  ? 1.819   -3.139  -4.691  1.00 7.77  ? 72  ILE A N   1 
ATOM   537  C CA  . ILE A 1 73  ? 1.528   -1.800  -4.187  1.00 7.00  ? 72  ILE A CA  1 
ATOM   538  C C   . ILE A 1 73  ? 2.665   -1.246  -3.337  1.00 6.93  ? 72  ILE A C   1 
ATOM   539  O O   . ILE A 1 73  ? 3.605   -1.958  -2.977  1.00 6.61  ? 72  ILE A O   1 
ATOM   540  C CB  . ILE A 1 73  ? 0.244   -1.783  -3.310  1.00 7.57  ? 72  ILE A CB  1 
ATOM   541  C CG1 . ILE A 1 73  ? 0.460   -2.638  -2.056  1.00 8.90  ? 72  ILE A CG1 1 
ATOM   542  C CG2 . ILE A 1 73  ? -0.950  -2.288  -4.109  1.00 10.03 ? 72  ILE A CG2 1 
ATOM   543  C CD1 . ILE A 1 73  ? -0.668  -2.544  -1.038  1.00 9.10  ? 72  ILE A CD1 1 
ATOM   544  N N   . CYS A 1 74  ? 2.566   0.043   -3.037  1.00 6.94  ? 73  CYS A N   1 
ATOM   545  C CA  . CYS A 1 74  ? 3.524   0.732   -2.187  1.00 6.93  ? 73  CYS A CA  1 
ATOM   546  C C   . CYS A 1 74  ? 2.720   1.747   -1.399  1.00 6.82  ? 73  CYS A C   1 
ATOM   547  O O   . CYS A 1 74  ? 1.998   2.565   -1.974  1.00 9.56  ? 73  CYS A O   1 
ATOM   548  C CB  . CYS A 1 74  ? 4.605   1.454   -3.000  1.00 10.49 ? 73  CYS A CB  1 
ATOM   549  S SG  . CYS A 1 74  ? 5.799   2.377   -1.960  1.00 14.47 ? 73  CYS A SG  1 
ATOM   550  N N   . LEU A 1 75  ? 2.826   1.671   -0.080  1.00 5.07  ? 74  LEU A N   1 
ATOM   551  C CA  . LEU A 1 75  ? 2.105   2.583   0.791   1.00 4.35  ? 74  LEU A CA  1 
ATOM   552  C C   . LEU A 1 75  ? 3.103   3.441   1.543   1.00 5.16  ? 74  LEU A C   1 
ATOM   553  O O   . LEU A 1 75  ? 3.822   2.948   2.416   1.00 7.08  ? 74  LEU A O   1 
ATOM   554  C CB  . LEU A 1 75  ? 1.250   1.805   1.798   1.00 6.39  ? 74  LEU A CB  1 
ATOM   555  C CG  . LEU A 1 75  ? 0.349   0.697   1.249   1.00 6.25  ? 74  LEU A CG  1 
ATOM   556  C CD1 . LEU A 1 75  ? -0.337  -0.021  2.399   1.00 11.00 ? 74  LEU A CD1 1 
ATOM   557  C CD2 . LEU A 1 75  ? -0.677  1.292   0.296   1.00 11.90 ? 74  LEU A CD2 1 
ATOM   558  N N   . TRP A 1 76  ? 3.168   4.721   1.190   1.00 4.52  ? 75  TRP A N   1 
ATOM   559  C CA  . TRP A 1 76  ? 4.072   5.638   1.862   1.00 4.27  ? 75  TRP A CA  1 
ATOM   560  C C   . TRP A 1 76  ? 3.402   6.189   3.110   1.00 4.75  ? 75  TRP A C   1 
ATOM   561  O O   . TRP A 1 76  ? 2.313   6.760   3.036   1.00 5.79  ? 75  TRP A O   1 
ATOM   562  C CB  . TRP A 1 76  ? 4.438   6.816   0.957   1.00 5.32  ? 75  TRP A CB  1 
ATOM   563  C CG  . TRP A 1 76  ? 5.339   6.484   -0.182  1.00 7.17  ? 75  TRP A CG  1 
ATOM   564  C CD1 . TRP A 1 76  ? 4.978   6.266   -1.481  1.00 8.72  ? 75  TRP A CD1 1 
ATOM   565  C CD2 . TRP A 1 76  ? 6.764   6.378   -0.136  1.00 7.54  ? 75  TRP A CD2 1 
ATOM   566  N NE1 . TRP A 1 76  ? 6.094   6.036   -2.249  1.00 11.83 ? 75  TRP A NE1 1 
ATOM   567  C CE2 . TRP A 1 76  ? 7.205   6.099   -1.449  1.00 9.01  ? 75  TRP A CE2 1 
ATOM   568  C CE3 . TRP A 1 76  ? 7.715   6.492   0.889   1.00 8.84  ? 75  TRP A CE3 1 
ATOM   569  C CZ2 . TRP A 1 76  ? 8.558   5.934   -1.766  1.00 11.01 ? 75  TRP A CZ2 1 
ATOM   570  C CZ3 . TRP A 1 76  ? 9.062   6.328   0.575   1.00 9.18  ? 75  TRP A CZ3 1 
ATOM   571  C CH2 . TRP A 1 76  ? 9.468   6.052   -0.746  1.00 8.16  ? 75  TRP A CH2 1 
ATOM   572  N N   . LEU A 1 77  ? 4.044   6.010   4.258   1.00 4.23  ? 76  LEU A N   1 
ATOM   573  C CA  . LEU A 1 77  ? 3.499   6.534   5.497   1.00 4.01  ? 76  LEU A CA  1 
ATOM   574  C C   . LEU A 1 77  ? 4.157   7.890   5.746   1.00 4.85  ? 76  LEU A C   1 
ATOM   575  O O   . LEU A 1 77  ? 5.381   7.989   5.887   1.00 5.15  ? 76  LEU A O   1 
ATOM   576  C CB  . LEU A 1 77  ? 3.786   5.572   6.653   1.00 5.36  ? 76  LEU A CB  1 
ATOM   577  C CG  . LEU A 1 77  ? 3.350   4.123   6.415   1.00 4.60  ? 76  LEU A CG  1 
ATOM   578  C CD1 . LEU A 1 77  ? 3.572   3.313   7.687   1.00 7.89  ? 76  LEU A CD1 1 
ATOM   579  C CD2 . LEU A 1 77  ? 1.892   4.069   5.991   1.00 6.40  ? 76  LEU A CD2 1 
ATOM   580  N N   . LEU A 1 78  ? 3.354   8.944   5.763   1.00 4.14  ? 77  LEU A N   1 
ATOM   581  C CA  . LEU A 1 78  ? 3.896   10.276  5.999   1.00 4.98  ? 77  LEU A CA  1 
ATOM   582  C C   . LEU A 1 78  ? 4.311   10.400  7.458   1.00 4.73  ? 77  LEU A C   1 
ATOM   583  O O   . LEU A 1 78  ? 3.879   9.611   8.303   1.00 4.06  ? 77  LEU A O   1 
ATOM   584  C CB  . LEU A 1 78  ? 2.858   11.343  5.652   1.00 5.57  ? 77  LEU A CB  1 
ATOM   585  C CG  . LEU A 1 78  ? 2.459   11.412  4.178   1.00 5.99  ? 77  LEU A CG  1 
ATOM   586  C CD1 . LEU A 1 78  ? 1.296   12.372  4.016   1.00 9.72  ? 77  LEU A CD1 1 
ATOM   587  C CD2 . LEU A 1 78  ? 3.644   11.855  3.332   1.00 9.72  ? 77  LEU A CD2 1 
ATOM   588  N N   . ASP A 1 79  ? 5.153   11.385  7.757   1.00 5.09  ? 78  ASP A N   1 
ATOM   589  C CA  . ASP A 1 79  ? 5.604   11.584  9.130   1.00 4.03  ? 78  ASP A CA  1 
ATOM   590  C C   . ASP A 1 79  ? 4.461   12.016  10.054  1.00 4.73  ? 78  ASP A C   1 
ATOM   591  O O   . ASP A 1 79  ? 4.662   12.195  11.257  1.00 6.50  ? 78  ASP A O   1 
ATOM   592  C CB  . ASP A 1 79  ? 6.771   12.588  9.180   1.00 4.64  ? 78  ASP A CB  1 
ATOM   593  C CG  . ASP A 1 79  ? 6.494   13.862  8.404   1.00 5.81  ? 78  ASP A CG  1 
ATOM   594  O OD1 . ASP A 1 79  ? 6.472   14.948  9.022   1.00 8.40  ? 78  ASP A OD1 1 
ATOM   595  O OD2 . ASP A 1 79  ? 6.310   13.783  7.170   1.00 5.82  ? 78  ASP A OD2 1 
ATOM   596  N N   . THR A 1 80  ? 3.264   12.165  9.488   1.00 4.66  ? 79  THR A N   1 
ATOM   597  C CA  . THR A 1 80  ? 2.076   12.526  10.257  1.00 5.81  ? 79  THR A CA  1 
ATOM   598  C C   . THR A 1 80  ? 1.104   11.343  10.384  1.00 4.53  ? 79  THR A C   1 
ATOM   599  O O   . THR A 1 80  ? -0.015  11.509  10.875  1.00 5.87  ? 79  THR A O   1 
ATOM   600  C CB  . THR A 1 80  ? 1.319   13.703  9.620   1.00 5.89  ? 79  THR A CB  1 
ATOM   601  O OG1 . THR A 1 80  ? 1.153   13.454  8.222   1.00 6.93  ? 79  THR A OG1 1 
ATOM   602  C CG2 . THR A 1 80  ? 2.078   15.005  9.815   1.00 7.97  ? 79  THR A CG2 1 
ATOM   603  N N   . TYR A 1 81  ? 1.510   10.158  9.933   1.00 4.63  ? 80  TYR A N   1 
ATOM   604  C CA  . TYR A 1 81  ? 0.644   8.984   10.064  1.00 4.38  ? 80  TYR A CA  1 
ATOM   605  C C   . TYR A 1 81  ? 0.488   8.730   11.575  1.00 5.52  ? 80  TYR A C   1 
ATOM   606  O O   . TYR A 1 81  ? 1.458   8.846   12.317  1.00 5.87  ? 80  TYR A O   1 
ATOM   607  C CB  . TYR A 1 81  ? 1.286   7.755   9.404   1.00 4.57  ? 80  TYR A CB  1 
ATOM   608  C CG  . TYR A 1 81  ? 0.374   6.554   9.439   1.00 5.63  ? 80  TYR A CG  1 
ATOM   609  C CD1 . TYR A 1 81  ? -0.608  6.375   8.461   1.00 5.59  ? 80  TYR A CD1 1 
ATOM   610  C CD2 . TYR A 1 81  ? 0.376   5.691   10.532  1.00 6.44  ? 80  TYR A CD2 1 
ATOM   611  C CE1 . TYR A 1 81  ? -1.575  5.382   8.584   1.00 5.88  ? 80  TYR A CE1 1 
ATOM   612  C CE2 . TYR A 1 81  ? -0.589  4.696   10.668  1.00 6.18  ? 80  TYR A CE2 1 
ATOM   613  C CZ  . TYR A 1 81  ? -1.564  4.554   9.696   1.00 6.38  ? 80  TYR A CZ  1 
ATOM   614  O OH  . TYR A 1 81  ? -2.574  3.641   9.881   1.00 7.95  ? 80  TYR A OH  1 
ATOM   615  N N   . PRO A 1 82  ? -0.710  8.322   12.047  1.00 4.87  ? 81  PRO A N   1 
ATOM   616  C CA  . PRO A 1 82  ? -1.989  8.036   11.389  1.00 5.67  ? 81  PRO A CA  1 
ATOM   617  C C   . PRO A 1 82  ? -2.984  9.191   11.263  1.00 5.43  ? 81  PRO A C   1 
ATOM   618  O O   . PRO A 1 82  ? -4.138  8.964   10.901  1.00 6.53  ? 81  PRO A O   1 
ATOM   619  C CB  . PRO A 1 82  ? -2.560  6.927   12.260  1.00 6.47  ? 81  PRO A CB  1 
ATOM   620  C CG  . PRO A 1 82  ? -2.221  7.432   13.627  1.00 7.07  ? 81  PRO A CG  1 
ATOM   621  C CD  . PRO A 1 82  ? -0.784  7.947   13.477  1.00 5.38  ? 81  PRO A CD  1 
ATOM   622  N N   . TYR A 1 83  ? -2.568  10.416  11.562  1.00 5.53  ? 82  TYR A N   1 
ATOM   623  C CA  . TYR A 1 83  ? -3.495  11.540  11.477  1.00 5.37  ? 82  TYR A CA  1 
ATOM   624  C C   . TYR A 1 83  ? -3.735  12.005  10.041  1.00 6.03  ? 82  TYR A C   1 
ATOM   625  O O   . TYR A 1 83  ? -4.738  12.664  9.754   1.00 8.83  ? 82  TYR A O   1 
ATOM   626  C CB  . TYR A 1 83  ? -3.017  12.672  12.390  1.00 6.96  ? 82  TYR A CB  1 
ATOM   627  C CG  . TYR A 1 83  ? -3.238  12.337  13.854  1.00 7.09  ? 82  TYR A CG  1 
ATOM   628  C CD1 . TYR A 1 83  ? -4.418  12.700  14.507  1.00 8.40  ? 82  TYR A CD1 1 
ATOM   629  C CD2 . TYR A 1 83  ? -2.300  11.589  14.563  1.00 7.33  ? 82  TYR A CD2 1 
ATOM   630  C CE1 . TYR A 1 83  ? -4.654  12.320  15.831  1.00 10.17 ? 82  TYR A CE1 1 
ATOM   631  C CE2 . TYR A 1 83  ? -2.528  11.202  15.883  1.00 8.76  ? 82  TYR A CE2 1 
ATOM   632  C CZ  . TYR A 1 83  ? -3.704  11.570  16.508  1.00 8.09  ? 82  TYR A CZ  1 
ATOM   633  O OH  . TYR A 1 83  ? -3.927  11.180  17.811  1.00 13.24 ? 82  TYR A OH  1 
ATOM   634  N N   . ASN A 1 84  ? -2.812  11.657  9.150   1.00 5.78  ? 83  ASN A N   1 
ATOM   635  C CA  . ASN A 1 84  ? -2.951  11.958  7.726   1.00 5.75  ? 83  ASN A CA  1 
ATOM   636  C C   . ASN A 1 84  ? -2.841  10.620  7.014   1.00 6.55  ? 83  ASN A C   1 
ATOM   637  O O   . ASN A 1 84  ? -2.095  9.740   7.448   1.00 6.05  ? 83  ASN A O   1 
ATOM   638  C CB  . ASN A 1 84  ? -1.846  12.885  7.212   1.00 6.79  ? 83  ASN A CB  1 
ATOM   639  C CG  . ASN A 1 84  ? -2.015  14.311  7.675   1.00 11.53 ? 83  ASN A CG  1 
ATOM   640  O OD1 . ASN A 1 84  ? -3.134  14.781  7.888   1.00 17.59 ? 83  ASN A OD1 1 
ATOM   641  N ND2 . ASN A 1 84  ? -0.906  15.018  7.811   1.00 11.98 ? 83  ASN A ND2 1 
ATOM   642  N N   . PRO A 1 85  ? -3.572  10.449  5.904   1.00 6.26  ? 84  PRO A N   1 
ATOM   643  C CA  . PRO A 1 85  ? -3.525  9.188   5.164   1.00 6.06  ? 84  PRO A CA  1 
ATOM   644  C C   . PRO A 1 85  ? -2.228  8.923   4.426   1.00 5.23  ? 84  PRO A C   1 
ATOM   645  O O   . PRO A 1 85  ? -1.469  9.842   4.114   1.00 5.30  ? 84  PRO A O   1 
ATOM   646  C CB  . PRO A 1 85  ? -4.707  9.307   4.202   1.00 6.04  ? 84  PRO A CB  1 
ATOM   647  C CG  . PRO A 1 85  ? -4.759  10.777  3.928   1.00 5.24  ? 84  PRO A CG  1 
ATOM   648  C CD  . PRO A 1 85  ? -4.554  11.373  5.305   1.00 5.61  ? 84  PRO A CD  1 
ATOM   649  N N   . PRO A 1 86  ? -1.949  7.647   4.146   1.00 4.01  ? 85  PRO A N   1 
ATOM   650  C CA  . PRO A 1 86  ? -0.724  7.305   3.424   1.00 3.84  ? 85  PRO A CA  1 
ATOM   651  C C   . PRO A 1 86  ? -0.923  7.662   1.948   1.00 4.17  ? 85  PRO A C   1 
ATOM   652  O O   . PRO A 1 86  ? -2.053  7.868   1.502   1.00 5.96  ? 85  PRO A O   1 
ATOM   653  C CB  . PRO A 1 86  ? -0.619  5.800   3.636   1.00 6.33  ? 85  PRO A CB  1 
ATOM   654  C CG  . PRO A 1 86  ? -2.064  5.374   3.638   1.00 6.36  ? 85  PRO A CG  1 
ATOM   655  C CD  . PRO A 1 86  ? -2.720  6.438   4.493   1.00 5.08  ? 85  PRO A CD  1 
ATOM   656  N N   . ILE A 1 87  ? 0.173   7.763   1.204   1.00 4.76  ? 86  ILE A N   1 
ATOM   657  C CA  . ILE A 1 87  ? 0.097   8.039   -0.229  1.00 5.11  ? 86  ILE A CA  1 
ATOM   658  C C   . ILE A 1 87  ? 0.348   6.665   -0.834  1.00 6.01  ? 86  ILE A C   1 
ATOM   659  O O   . ILE A 1 87  ? 1.397   6.053   -0.601  1.00 6.01  ? 86  ILE A O   1 
ATOM   660  C CB  . ILE A 1 87  ? 1.176   9.040   -0.669  1.00 6.57  ? 86  ILE A CB  1 
ATOM   661  C CG1 . ILE A 1 87  ? 0.993   10.361  0.084   1.00 10.54 ? 86  ILE A CG1 1 
ATOM   662  C CG2 . ILE A 1 87  ? 1.088   9.267   -2.177  1.00 7.70  ? 86  ILE A CG2 1 
ATOM   663  C CD1 . ILE A 1 87  ? -0.327  11.048  -0.175  1.00 21.09 ? 86  ILE A CD1 1 
ATOM   664  N N   . CYS A 1 88  ? -0.618  6.180   -1.608  1.00 5.39  ? 87  CYS A N   1 
ATOM   665  C CA  . CYS A 1 88  ? -0.558  4.830   -2.156  1.00 4.66  ? 87  CYS A CA  1 
ATOM   666  C C   . CYS A 1 88  ? -0.445  4.706   -3.667  1.00 3.58  ? 87  CYS A C   1 
ATOM   667  O O   . CYS A 1 88  ? -1.094  5.437   -4.408  1.00 4.89  ? 87  CYS A O   1 
ATOM   668  C CB  . CYS A 1 88  ? -1.797  4.067   -1.678  1.00 6.23  ? 87  CYS A CB  1 
ATOM   669  S SG  . CYS A 1 88  ? -2.207  4.371   0.068   1.00 6.58  ? 87  CYS A SG  1 
ATOM   670  N N   . PHE A 1 89  ? 0.356   3.742   -4.108  1.00 4.80  ? 88  PHE A N   1 
ATOM   671  C CA  . PHE A 1 89  ? 0.585   3.499   -5.530  1.00 5.28  ? 88  PHE A CA  1 
ATOM   672  C C   . PHE A 1 89  ? 0.518   2.022   -5.885  1.00 6.24  ? 88  PHE A C   1 
ATOM   673  O O   . PHE A 1 89  ? 0.818   1.152   -5.062  1.00 6.96  ? 88  PHE A O   1 
ATOM   674  C CB  . PHE A 1 89  ? 1.989   3.966   -5.934  1.00 7.00  ? 88  PHE A CB  1 
ATOM   675  C CG  . PHE A 1 89  ? 2.183   5.447   -5.904  1.00 6.48  ? 88  PHE A CG  1 
ATOM   676  C CD1 . PHE A 1 89  ? 1.836   6.227   -7.002  1.00 8.97  ? 88  PHE A CD1 1 
ATOM   677  C CD2 . PHE A 1 89  ? 2.725   6.065   -4.780  1.00 7.59  ? 88  PHE A CD2 1 
ATOM   678  C CE1 . PHE A 1 89  ? 2.028   7.608   -6.982  1.00 8.98  ? 88  PHE A CE1 1 
ATOM   679  C CE2 . PHE A 1 89  ? 2.919   7.442   -4.751  1.00 9.33  ? 88  PHE A CE2 1 
ATOM   680  C CZ  . PHE A 1 89  ? 2.569   8.215   -5.855  1.00 9.12  ? 88  PHE A CZ  1 
ATOM   681  N N   . VAL A 1 90  ? 0.128   1.753   -7.125  1.00 7.71  ? 89  VAL A N   1 
ATOM   682  C CA  . VAL A 1 90  ? 0.144   0.397   -7.646  1.00 8.15  ? 89  VAL A CA  1 
ATOM   683  C C   . VAL A 1 90  ? 1.501   0.426   -8.357  1.00 8.37  ? 89  VAL A C   1 
ATOM   684  O O   . VAL A 1 90  ? 1.828   1.404   -9.033  1.00 10.92 ? 89  VAL A O   1 
ATOM   685  C CB  . VAL A 1 90  ? -0.974  0.151   -8.670  1.00 9.21  ? 89  VAL A CB  1 
ATOM   686  C CG1 . VAL A 1 90  ? -0.805  -1.220  -9.292  1.00 17.01 ? 89  VAL A CG1 1 
ATOM   687  C CG2 . VAL A 1 90  ? -2.329  0.255   -7.992  1.00 17.87 ? 89  VAL A CG2 1 
ATOM   688  N N   . LYS A 1 91  ? 2.297   -0.621  -8.184  1.00 8.80  ? 90  LYS A N   1 
ATOM   689  C CA  . LYS A 1 91  ? 3.626   -0.677  -8.782  1.00 8.97  ? 90  LYS A CA  1 
ATOM   690  C C   . LYS A 1 91  ? 3.714   -1.803  -9.806  1.00 9.11  ? 90  LYS A C   1 
ATOM   691  O O   . LYS A 1 91  ? 4.166   -2.905  -9.493  1.00 11.65 ? 90  LYS A O   1 
ATOM   692  C CB  . LYS A 1 91  ? 4.670   -0.891  -7.683  1.00 11.80 ? 90  LYS A CB  1 
ATOM   693  C CG  . LYS A 1 91  ? 4.620   0.142   -6.559  1.00 13.74 ? 90  LYS A CG  1 
ATOM   694  C CD  . LYS A 1 91  ? 5.064   1.516   -7.029  1.00 18.44 ? 90  LYS A CD  1 
ATOM   695  C CE  . LYS A 1 91  ? 6.536   1.517   -7.410  1.00 21.64 ? 90  LYS A CE  1 
ATOM   696  N NZ  . LYS A 1 91  ? 7.023   2.883   -7.732  1.00 26.13 ? 90  LYS A NZ  1 
ATOM   697  N N   . PRO A 1 92  ? 3.305   -1.535  -11.055 1.00 10.89 ? 91  PRO A N   1 
ATOM   698  C CA  . PRO A 1 92  ? 3.357   -2.578  -12.080 1.00 10.79 ? 91  PRO A CA  1 
ATOM   699  C C   . PRO A 1 92  ? 4.757   -3.101  -12.362 1.00 11.00 ? 91  PRO A C   1 
ATOM   700  O O   . PRO A 1 92  ? 5.730   -2.350  -12.332 1.00 11.79 ? 91  PRO A O   1 
ATOM   701  C CB  . PRO A 1 92  ? 2.751   -1.889  -13.296 1.00 14.20 ? 91  PRO A CB  1 
ATOM   702  C CG  . PRO A 1 92  ? 3.214   -0.483  -13.129 1.00 13.28 ? 91  PRO A CG  1 
ATOM   703  C CD  . PRO A 1 92  ? 2.957   -0.234  -11.654 1.00 12.28 ? 91  PRO A CD  1 
ATOM   704  N N   . THR A 1 93  ? 4.843   -4.399  -12.631 1.00 12.21 ? 92  THR A N   1 
ATOM   705  C CA  . THR A 1 93  ? 6.110   -5.029  -12.962 1.00 15.07 ? 92  THR A CA  1 
ATOM   706  C C   . THR A 1 93  ? 6.221   -4.969  -14.482 1.00 16.38 ? 92  THR A C   1 
ATOM   707  O O   . THR A 1 93  ? 5.369   -4.376  -15.146 1.00 17.99 ? 92  THR A O   1 
ATOM   708  C CB  . THR A 1 93  ? 6.150   -6.498  -12.499 1.00 14.71 ? 92  THR A CB  1 
ATOM   709  O OG1 . THR A 1 93  ? 5.081   -7.227  -13.117 1.00 17.36 ? 92  THR A OG1 1 
ATOM   710  C CG2 . THR A 1 93  ? 6.005   -6.583  -10.984 1.00 18.59 ? 92  THR A CG2 1 
ATOM   711  N N   . SER A 1 94  ? 7.258   -5.585  -15.037 1.00 17.43 ? 93  SER A N   1 
ATOM   712  C CA  . SER A 1 94  ? 7.454   -5.567  -16.482 1.00 19.10 ? 93  SER A CA  1 
ATOM   713  C C   . SER A 1 94  ? 6.408   -6.378  -17.242 1.00 18.75 ? 93  SER A C   1 
ATOM   714  O O   . SER A 1 94  ? 6.281   -6.245  -18.458 1.00 24.58 ? 93  SER A O   1 
ATOM   715  C CB  . SER A 1 94  ? 8.850   -6.092  -16.830 1.00 17.33 ? 93  SER A CB  1 
ATOM   716  O OG  . SER A 1 94  ? 8.994   -7.450  -16.450 1.00 22.36 ? 93  SER A OG  1 
ATOM   717  N N   . SER A 1 95  ? 5.656   -7.210  -16.530 1.00 18.95 ? 94  SER A N   1 
ATOM   718  C CA  . SER A 1 95  ? 4.648   -8.048  -17.172 1.00 19.34 ? 94  SER A CA  1 
ATOM   719  C C   . SER A 1 95  ? 3.228   -7.495  -17.114 1.00 19.95 ? 94  SER A C   1 
ATOM   720  O O   . SER A 1 95  ? 2.282   -8.170  -17.524 1.00 20.59 ? 94  SER A O   1 
ATOM   721  C CB  . SER A 1 95  ? 4.660   -9.445  -16.548 1.00 21.91 ? 94  SER A CB  1 
ATOM   722  O OG  . SER A 1 95  ? 4.275   -9.391  -15.185 1.00 23.14 ? 94  SER A OG  1 
ATOM   723  N N   . MET A 1 96  ? 3.073   -6.272  -16.617 1.00 18.26 ? 95  MET A N   1 
ATOM   724  C CA  . MET A 1 96  ? 1.744   -5.680  -16.509 1.00 17.18 ? 95  MET A CA  1 
ATOM   725  C C   . MET A 1 96  ? 1.695   -4.188  -16.828 1.00 14.67 ? 95  MET A C   1 
ATOM   726  O O   . MET A 1 96  ? 2.729   -3.536  -16.984 1.00 16.11 ? 95  MET A O   1 
ATOM   727  C CB  . MET A 1 96  ? 1.185   -5.934  -15.105 1.00 22.17 ? 95  MET A CB  1 
ATOM   728  C CG  . MET A 1 96  ? 2.164   -5.628  -13.983 1.00 20.23 ? 95  MET A CG  1 
ATOM   729  S SD  . MET A 1 96  ? 1.529   -6.059  -12.348 1.00 15.23 ? 95  MET A SD  1 
ATOM   730  C CE  . MET A 1 96  ? 2.062   -7.759  -12.194 1.00 18.06 ? 95  MET A CE  1 
ATOM   731  N N   . THR A 1 97  ? 0.480   -3.660  -16.934 1.00 14.22 ? 96  THR A N   1 
ATOM   732  C CA  . THR A 1 97  ? 0.277   -2.248  -17.232 1.00 15.71 ? 96  THR A CA  1 
ATOM   733  C C   . THR A 1 97  ? -0.775  -1.656  -16.305 1.00 13.38 ? 96  THR A C   1 
ATOM   734  O O   . THR A 1 97  ? -1.719  -2.338  -15.907 1.00 14.31 ? 96  THR A O   1 
ATOM   735  C CB  . THR A 1 97  ? -0.197  -2.044  -18.683 1.00 20.46 ? 96  THR A CB  1 
ATOM   736  O OG1 . THR A 1 97  ? -1.446  -2.719  -18.879 1.00 26.52 ? 96  THR A OG1 1 
ATOM   737  C CG2 . THR A 1 97  ? 0.827   -2.593  -19.661 1.00 19.15 ? 96  THR A CG2 1 
ATOM   738  N N   . ILE A 1 98  ? -0.604  -0.384  -15.961 1.00 12.36 ? 97  ILE A N   1 
ATOM   739  C CA  . ILE A 1 98  ? -1.545  0.311   -15.091 1.00 9.10  ? 97  ILE A CA  1 
ATOM   740  C C   . ILE A 1 98  ? -2.863  0.530   -15.824 1.00 10.29 ? 97  ILE A C   1 
ATOM   741  O O   . ILE A 1 98  ? -2.877  0.973   -16.975 1.00 12.58 ? 97  ILE A O   1 
ATOM   742  C CB  . ILE A 1 98  ? -1.005  1.695   -14.668 1.00 7.64  ? 97  ILE A CB  1 
ATOM   743  C CG1 . ILE A 1 98  ? 0.228   1.531   -13.777 1.00 13.02 ? 97  ILE A CG1 1 
ATOM   744  C CG2 . ILE A 1 98  ? -2.095  2.477   -13.943 1.00 11.05 ? 97  ILE A CG2 1 
ATOM   745  C CD1 . ILE A 1 98  ? 0.935   2.836   -13.465 1.00 12.91 ? 97  ILE A CD1 1 
ATOM   746  N N   . LYS A 1 99  ? -3.964  0.204   -15.157 1.00 9.54  ? 98  LYS A N   1 
ATOM   747  C CA  . LYS A 1 99  ? -5.288  0.402   -15.724 1.00 9.92  ? 98  LYS A CA  1 
ATOM   748  C C   . LYS A 1 99  ? -5.819  1.706   -15.146 1.00 10.42 ? 98  LYS A C   1 
ATOM   749  O O   . LYS A 1 99  ? -6.398  1.725   -14.061 1.00 12.50 ? 98  LYS A O   1 
ATOM   750  C CB  . LYS A 1 99  ? -6.220  -0.749  -15.342 1.00 13.32 ? 98  LYS A CB  1 
ATOM   751  C CG  . LYS A 1 99  ? -7.629  -0.627  -15.909 1.00 16.24 ? 98  LYS A CG  1 
ATOM   752  C CD  . LYS A 1 99  ? -7.623  -0.686  -17.428 1.00 14.94 ? 98  LYS A CD  1 
ATOM   753  C CE  . LYS A 1 99  ? -9.037  -0.704  -17.989 1.00 20.05 ? 98  LYS A CE  1 
ATOM   754  N NZ  . LYS A 1 99  ? -9.038  -0.801  -19.476 1.00 24.75 ? 98  LYS A NZ  1 
ATOM   755  N N   . THR A 1 100 ? -5.594  2.803   -15.857 1.00 8.86  ? 99  THR A N   1 
ATOM   756  C CA  . THR A 1 100 ? -6.071  4.097   -15.400 1.00 8.38  ? 99  THR A CA  1 
ATOM   757  C C   . THR A 1 100 ? -7.592  4.041   -15.370 1.00 7.30  ? 99  THR A C   1 
ATOM   758  O O   . THR A 1 100 ? -8.223  3.574   -16.317 1.00 7.81  ? 99  THR A O   1 
ATOM   759  C CB  . THR A 1 100 ? -5.589  5.218   -16.341 1.00 6.61  ? 99  THR A CB  1 
ATOM   760  O OG1 . THR A 1 100 ? -4.156  5.261   -16.318 1.00 9.55  ? 99  THR A OG1 1 
ATOM   761  C CG2 . THR A 1 100 ? -6.136  6.567   -15.908 1.00 8.56  ? 99  THR A CG2 1 
ATOM   762  N N   . GLY A 1 101 ? -8.174  4.500   -14.269 1.00 5.56  ? 100 GLY A N   1 
ATOM   763  C CA  . GLY A 1 101 ? -9.615  4.478   -14.142 1.00 6.98  ? 100 GLY A CA  1 
ATOM   764  C C   . GLY A 1 101 ? -10.100 5.260   -12.944 1.00 5.39  ? 100 GLY A C   1 
ATOM   765  O O   . GLY A 1 101 ? -9.439  6.182   -12.470 1.00 6.74  ? 100 GLY A O   1 
ATOM   766  N N   . LYS A 1 102 ? -11.263 4.873   -12.443 1.00 7.20  ? 101 LYS A N   1 
ATOM   767  C CA  . LYS A 1 102 ? -11.876 5.540   -11.310 1.00 8.79  ? 101 LYS A CA  1 
ATOM   768  C C   . LYS A 1 102 ? -10.954 5.696   -10.100 1.00 7.48  ? 101 LYS A C   1 
ATOM   769  O O   . LYS A 1 102 ? -10.838 6.784   -9.536  1.00 8.50  ? 101 LYS A O   1 
ATOM   770  C CB  . LYS A 1 102 ? -13.138 4.766   -10.905 1.00 8.39  ? 101 LYS A CB  1 
ATOM   771  C CG  . LYS A 1 102 ? -14.030 5.451   -9.889  1.00 10.91 ? 101 LYS A CG  1 
ATOM   772  C CD  . LYS A 1 102 ? -15.332 4.674   -9.771  1.00 14.54 ? 101 LYS A CD  1 
ATOM   773  C CE  . LYS A 1 102 ? -16.352 5.386   -8.913  1.00 22.71 ? 101 LYS A CE  1 
ATOM   774  N NZ  . LYS A 1 102 ? -17.639 4.632   -8.888  1.00 22.39 ? 101 LYS A NZ  1 
ATOM   775  N N   . HIS A 1 103 ? -10.280 4.618   -9.716  1.00 6.41  ? 102 HIS A N   1 
ATOM   776  C CA  . HIS A 1 103 ? -9.437  4.655   -8.526  1.00 5.45  ? 102 HIS A CA  1 
ATOM   777  C C   . HIS A 1 103 ? -7.928  4.670   -8.729  1.00 6.15  ? 102 HIS A C   1 
ATOM   778  O O   . HIS A 1 103 ? -7.172  4.544   -7.766  1.00 6.33  ? 102 HIS A O   1 
ATOM   779  C CB  . HIS A 1 103 ? -9.823  3.482   -7.613  1.00 5.86  ? 102 HIS A CB  1 
ATOM   780  C CG  . HIS A 1 103 ? -11.266 3.486   -7.207  1.00 8.68  ? 102 HIS A CG  1 
ATOM   781  N ND1 . HIS A 1 103 ? -11.802 4.449   -6.378  1.00 11.57 ? 102 HIS A ND1 1 
ATOM   782  C CD2 . HIS A 1 103 ? -12.288 2.659   -7.532  1.00 10.94 ? 102 HIS A CD2 1 
ATOM   783  C CE1 . HIS A 1 103 ? -13.092 4.214   -6.211  1.00 10.93 ? 102 HIS A CE1 1 
ATOM   784  N NE2 . HIS A 1 103 ? -13.411 3.134   -6.900  1.00 11.48 ? 102 HIS A NE2 1 
ATOM   785  N N   . VAL A 1 104 ? -7.483  4.847   -9.967  1.00 5.22  ? 103 VAL A N   1 
ATOM   786  C CA  . VAL A 1 104 ? -6.050  4.854   -10.248 1.00 6.89  ? 103 VAL A CA  1 
ATOM   787  C C   . VAL A 1 104 ? -5.746  5.810   -11.393 1.00 4.47  ? 103 VAL A C   1 
ATOM   788  O O   . VAL A 1 104 ? -6.401  5.746   -12.436 1.00 6.39  ? 103 VAL A O   1 
ATOM   789  C CB  . VAL A 1 104 ? -5.570  3.439   -10.656 1.00 7.47  ? 103 VAL A CB  1 
ATOM   790  C CG1 . VAL A 1 104 ? -4.054  3.411   -10.781 1.00 10.40 ? 103 VAL A CG1 1 
ATOM   791  C CG2 . VAL A 1 104 ? -6.045  2.411   -9.641  1.00 11.20 ? 103 VAL A CG2 1 
ATOM   792  N N   . ASP A 1 105 ? -4.772  6.704   -11.213 1.00 5.04  ? 104 ASP A N   1 
ATOM   793  C CA  . ASP A 1 105 ? -4.435  7.626   -12.294 1.00 6.13  ? 104 ASP A CA  1 
ATOM   794  C C   . ASP A 1 105 ? -3.273  7.112   -13.140 1.00 6.51  ? 104 ASP A C   1 
ATOM   795  O O   . ASP A 1 105 ? -2.776  6.008   -12.922 1.00 6.23  ? 104 ASP A O   1 
ATOM   796  C CB  . ASP A 1 105 ? -4.169  9.056   -11.773 1.00 5.41  ? 104 ASP A CB  1 
ATOM   797  C CG  . ASP A 1 105 ? -2.869  9.197   -10.987 1.00 6.02  ? 104 ASP A CG  1 
ATOM   798  O OD1 . ASP A 1 105 ? -2.010  8.294   -11.027 1.00 5.15  ? 104 ASP A OD1 1 
ATOM   799  O OD2 . ASP A 1 105 ? -2.695  10.248  -10.330 1.00 6.36  ? 104 ASP A OD2 1 
ATOM   800  N N   . ALA A 1 106 ? -2.849  7.912   -14.113 1.00 7.29  ? 105 ALA A N   1 
ATOM   801  C CA  . ALA A 1 106 ? -1.775  7.526   -15.021 1.00 9.37  ? 105 ALA A CA  1 
ATOM   802  C C   . ALA A 1 106 ? -0.485  7.098   -14.335 1.00 7.63  ? 105 ALA A C   1 
ATOM   803  O O   . ALA A 1 106 ? 0.237   6.235   -14.840 1.00 9.43  ? 105 ALA A O   1 
ATOM   804  C CB  . ALA A 1 106 ? -1.487  8.668   -15.994 1.00 9.46  ? 105 ALA A CB  1 
ATOM   805  N N   . ASN A 1 107 ? -0.195  7.697   -13.187 1.00 5.90  ? 106 ASN A N   1 
ATOM   806  C CA  . ASN A 1 107 ? 1.030   7.386   -12.459 1.00 6.02  ? 106 ASN A CA  1 
ATOM   807  C C   . ASN A 1 107 ? 0.888   6.225   -11.494 1.00 5.94  ? 106 ASN A C   1 
ATOM   808  O O   . ASN A 1 107 ? 1.840   5.870   -10.801 1.00 7.89  ? 106 ASN A O   1 
ATOM   809  C CB  . ASN A 1 107 ? 1.508   8.620   -11.703 1.00 7.08  ? 106 ASN A CB  1 
ATOM   810  C CG  . ASN A 1 107 ? 1.810   9.773   -12.629 1.00 8.29  ? 106 ASN A CG  1 
ATOM   811  O OD1 . ASN A 1 107 ? 2.521   9.611   -13.618 1.00 9.88  ? 106 ASN A OD1 1 
ATOM   812  N ND2 . ASN A 1 107 ? 1.271   10.943  -12.317 1.00 10.27 ? 106 ASN A ND2 1 
ATOM   813  N N   . GLY A 1 108 ? -0.301  5.635   -11.453 1.00 6.01  ? 107 GLY A N   1 
ATOM   814  C CA  . GLY A 1 108 ? -0.531  4.523   -10.554 1.00 5.98  ? 107 GLY A CA  1 
ATOM   815  C C   . GLY A 1 108 ? -0.946  4.968   -9.162  1.00 4.88  ? 107 GLY A C   1 
ATOM   816  O O   . GLY A 1 108 ? -1.035  4.138   -8.261  1.00 6.22  ? 107 GLY A O   1 
ATOM   817  N N   . LYS A 1 109 ? -1.187  6.263   -8.969  1.00 4.61  ? 108 LYS A N   1 
ATOM   818  C CA  . LYS A 1 109 ? -1.617  6.748   -7.659  1.00 4.97  ? 108 LYS A CA  1 
ATOM   819  C C   . LYS A 1 109 ? -3.050  6.300   -7.423  1.00 3.88  ? 108 LYS A C   1 
ATOM   820  O O   . LYS A 1 109 ? -3.910  6.401   -8.302  1.00 4.97  ? 108 LYS A O   1 
ATOM   821  C CB  . LYS A 1 109 ? -1.529  8.274   -7.560  1.00 6.76  ? 108 LYS A CB  1 
ATOM   822  C CG  . LYS A 1 109 ? -1.874  8.781   -6.161  1.00 9.26  ? 108 LYS A CG  1 
ATOM   823  C CD  . LYS A 1 109 ? -1.448  10.220  -5.926  1.00 13.17 ? 108 LYS A CD  1 
ATOM   824  C CE  . LYS A 1 109 ? -2.245  11.204  -6.754  1.00 19.33 ? 108 LYS A CE  1 
ATOM   825  N NZ  . LYS A 1 109 ? -1.830  12.604  -6.459  1.00 24.52 ? 108 LYS A NZ  1 
ATOM   826  N N   . ILE A 1 110 ? -3.295  5.800   -6.219  1.00 4.00  ? 109 ILE A N   1 
ATOM   827  C CA  . ILE A 1 110 ? -4.605  5.295   -5.842  1.00 5.15  ? 109 ILE A CA  1 
ATOM   828  C C   . ILE A 1 110 ? -5.478  6.372   -5.208  1.00 6.49  ? 109 ILE A C   1 
ATOM   829  O O   . ILE A 1 110 ? -5.010  7.163   -4.390  1.00 5.05  ? 109 ILE A O   1 
ATOM   830  C CB  . ILE A 1 110 ? -4.433  4.101   -4.870  1.00 5.34  ? 109 ILE A CB  1 
ATOM   831  C CG1 . ILE A 1 110 ? -3.676  2.975   -5.584  1.00 6.48  ? 109 ILE A CG1 1 
ATOM   832  C CG2 . ILE A 1 110 ? -5.790  3.621   -4.360  1.00 5.25  ? 109 ILE A CG2 1 
ATOM   833  C CD1 . ILE A 1 110 ? -3.201  1.869   -4.662  1.00 7.54  ? 109 ILE A CD1 1 
ATOM   834  N N   . TYR A 1 111 ? -6.743  6.401   -5.626  1.00 4.03  ? 110 TYR A N   1 
ATOM   835  C CA  . TYR A 1 111 ? -7.735  7.344   -5.115  1.00 4.97  ? 110 TYR A CA  1 
ATOM   836  C C   . TYR A 1 111 ? -8.881  6.513   -4.556  1.00 4.77  ? 110 TYR A C   1 
ATOM   837  O O   . TYR A 1 111 ? -9.455  5.683   -5.261  1.00 6.12  ? 110 TYR A O   1 
ATOM   838  C CB  . TYR A 1 111 ? -8.281  8.238   -6.234  1.00 8.34  ? 110 TYR A CB  1 
ATOM   839  C CG  . TYR A 1 111 ? -7.260  9.131   -6.899  1.00 6.49  ? 110 TYR A CG  1 
ATOM   840  C CD1 . TYR A 1 111 ? -6.271  8.596   -7.719  1.00 6.03  ? 110 TYR A CD1 1 
ATOM   841  C CD2 . TYR A 1 111 ? -7.298  10.515  -6.730  1.00 7.86  ? 110 TYR A CD2 1 
ATOM   842  C CE1 . TYR A 1 111 ? -5.345  9.414   -8.362  1.00 6.92  ? 110 TYR A CE1 1 
ATOM   843  C CE2 . TYR A 1 111 ? -6.373  11.345  -7.367  1.00 7.07  ? 110 TYR A CE2 1 
ATOM   844  C CZ  . TYR A 1 111 ? -5.403  10.784  -8.183  1.00 6.89  ? 110 TYR A CZ  1 
ATOM   845  O OH  . TYR A 1 111 ? -4.498  11.588  -8.841  1.00 7.80  ? 110 TYR A OH  1 
ATOM   846  N N   . LEU A 1 112 ? -9.205  6.737   -3.289  1.00 5.56  ? 111 LEU A N   1 
ATOM   847  C CA  . LEU A 1 112 ? -10.287 6.004   -2.636  1.00 5.50  ? 111 LEU A CA  1 
ATOM   848  C C   . LEU A 1 112 ? -10.973 6.903   -1.629  1.00 5.96  ? 111 LEU A C   1 
ATOM   849  O O   . LEU A 1 112 ? -10.328 7.740   -1.004  1.00 5.22  ? 111 LEU A O   1 
ATOM   850  C CB  . LEU A 1 112 ? -9.738  4.791   -1.877  1.00 6.26  ? 111 LEU A CB  1 
ATOM   851  C CG  . LEU A 1 112 ? -9.116  3.639   -2.659  1.00 5.59  ? 111 LEU A CG  1 
ATOM   852  C CD1 . LEU A 1 112 ? -8.320  2.746   -1.720  1.00 6.82  ? 111 LEU A CD1 1 
ATOM   853  C CD2 . LEU A 1 112 ? -10.205 2.852   -3.362  1.00 9.09  ? 111 LEU A CD2 1 
ATOM   854  N N   . PRO A 1 113 ? -12.297 6.752   -1.471  1.00 6.07  ? 112 PRO A N   1 
ATOM   855  C CA  . PRO A 1 113 ? -13.015 7.580   -0.500  1.00 5.59  ? 112 PRO A CA  1 
ATOM   856  C C   . PRO A 1 113 ? -12.362 7.446   0.880   1.00 6.18  ? 112 PRO A C   1 
ATOM   857  O O   . PRO A 1 113 ? -12.267 8.414   1.627   1.00 6.46  ? 112 PRO A O   1 
ATOM   858  C CB  . PRO A 1 113 ? -14.424 6.995   -0.533  1.00 6.67  ? 112 PRO A CB  1 
ATOM   859  C CG  . PRO A 1 113 ? -14.577 6.609   -1.978  1.00 8.61  ? 112 PRO A CG  1 
ATOM   860  C CD  . PRO A 1 113 ? -13.234 5.966   -2.299  1.00 7.38  ? 112 PRO A CD  1 
ATOM   861  N N   . TYR A 1 114 ? -11.900 6.236   1.196   1.00 4.94  ? 113 TYR A N   1 
ATOM   862  C CA  . TYR A 1 114 ? -11.264 5.946   2.481   1.00 4.81  ? 113 TYR A CA  1 
ATOM   863  C C   . TYR A 1 114 ? -10.047 6.838   2.715   1.00 5.07  ? 113 TYR A C   1 
ATOM   864  O O   . TYR A 1 114 ? -9.786  7.269   3.836   1.00 6.85  ? 113 TYR A O   1 
ATOM   865  C CB  . TYR A 1 114 ? -10.838 4.475   2.532   1.00 5.23  ? 113 TYR A CB  1 
ATOM   866  C CG  . TYR A 1 114 ? -10.624 3.917   3.927   1.00 3.34  ? 113 TYR A CG  1 
ATOM   867  C CD1 . TYR A 1 114 ? -11.683 3.331   4.637   1.00 5.13  ? 113 TYR A CD1 1 
ATOM   868  C CD2 . TYR A 1 114 ? -9.371  3.955   4.534   1.00 5.41  ? 113 TYR A CD2 1 
ATOM   869  C CE1 . TYR A 1 114 ? -11.487 2.795   5.912   1.00 4.80  ? 113 TYR A CE1 1 
ATOM   870  C CE2 . TYR A 1 114 ? -9.169  3.425   5.813   1.00 4.01  ? 113 TYR A CE2 1 
ATOM   871  C CZ  . TYR A 1 114 ? -10.230 2.847   6.490   1.00 4.21  ? 113 TYR A CZ  1 
ATOM   872  O OH  . TYR A 1 114 ? -10.021 2.319   7.744   1.00 6.18  ? 113 TYR A OH  1 
ATOM   873  N N   . LEU A 1 115 ? -9.294  7.104   1.653   1.00 5.23  ? 114 LEU A N   1 
ATOM   874  C CA  . LEU A 1 115 ? -8.115  7.949   1.757   1.00 6.09  ? 114 LEU A CA  1 
ATOM   875  C C   . LEU A 1 115 ? -8.500  9.422   1.817   1.00 5.87  ? 114 LEU A C   1 
ATOM   876  O O   . LEU A 1 115 ? -7.978  10.172  2.638   1.00 6.74  ? 114 LEU A O   1 
ATOM   877  C CB  . LEU A 1 115 ? -7.188  7.705   0.560   1.00 5.97  ? 114 LEU A CB  1 
ATOM   878  C CG  . LEU A 1 115 ? -6.501  6.336   0.500   1.00 5.11  ? 114 LEU A CG  1 
ATOM   879  C CD1 . LEU A 1 115 ? -5.896  6.132   -0.880  1.00 7.18  ? 114 LEU A CD1 1 
ATOM   880  C CD2 . LEU A 1 115 ? -5.431  6.248   1.587   1.00 6.22  ? 114 LEU A CD2 1 
ATOM   881  N N   . HIS A 1 116 ? -9.437  9.820   0.963   1.00 5.19  ? 115 HIS A N   1 
ATOM   882  C CA  . HIS A 1 116 ? -9.870  11.209  0.891   1.00 5.55  ? 115 HIS A CA  1 
ATOM   883  C C   . HIS A 1 116 ? -10.433 11.786  2.193   1.00 7.26  ? 115 HIS A C   1 
ATOM   884  O O   . HIS A 1 116 ? -10.189 12.947  2.515   1.00 8.47  ? 115 HIS A O   1 
ATOM   885  C CB  . HIS A 1 116 ? -10.899 11.364  -0.230  1.00 7.21  ? 115 HIS A CB  1 
ATOM   886  C CG  . HIS A 1 116 ? -11.379 12.769  -0.419  1.00 9.63  ? 115 HIS A CG  1 
ATOM   887  N ND1 . HIS A 1 116 ? -10.538 13.801  -0.776  1.00 12.66 ? 115 HIS A ND1 1 
ATOM   888  C CD2 . HIS A 1 116 ? -12.614 13.311  -0.305  1.00 13.11 ? 115 HIS A CD2 1 
ATOM   889  C CE1 . HIS A 1 116 ? -11.235 14.919  -0.872  1.00 11.74 ? 115 HIS A CE1 1 
ATOM   890  N NE2 . HIS A 1 116 ? -12.498 14.650  -0.593  1.00 13.30 ? 115 HIS A NE2 1 
ATOM   891  N N   . GLU A 1 117 ? -11.179 10.979  2.943   1.00 5.91  ? 116 GLU A N   1 
ATOM   892  C CA  . GLU A 1 117 ? -11.778 11.444  4.195   1.00 5.79  ? 116 GLU A CA  1 
ATOM   893  C C   . GLU A 1 117 ? -11.092 10.888  5.436   1.00 6.06  ? 116 GLU A C   1 
ATOM   894  O O   . GLU A 1 117 ? -11.617 10.998  6.542   1.00 6.36  ? 116 GLU A O   1 
ATOM   895  C CB  . GLU A 1 117 ? -13.258 11.056  4.248   1.00 6.96  ? 116 GLU A CB  1 
ATOM   896  C CG  . GLU A 1 117 ? -13.514 9.553   4.259   1.00 7.99  ? 116 GLU A CG  1 
ATOM   897  C CD  . GLU A 1 117 ? -14.954 9.215   4.572   1.00 8.56  ? 116 GLU A CD  1 
ATOM   898  O OE1 . GLU A 1 117 ? -15.806 10.123  4.488   1.00 9.28  ? 116 GLU A OE1 1 
ATOM   899  O OE2 . GLU A 1 117 ? -15.239 8.041   4.895   1.00 7.55  ? 116 GLU A OE2 1 
ATOM   900  N N   . TRP A 1 118 ? -9.926  10.289  5.240   1.00 5.77  ? 117 TRP A N   1 
ATOM   901  C CA  . TRP A 1 118 ? -9.148  9.679   6.314   1.00 5.87  ? 117 TRP A CA  1 
ATOM   902  C C   . TRP A 1 118 ? -9.111  10.487  7.603   1.00 5.91  ? 117 TRP A C   1 
ATOM   903  O O   . TRP A 1 118 ? -8.867  11.690  7.581   1.00 7.70  ? 117 TRP A O   1 
ATOM   904  C CB  . TRP A 1 118 ? -7.713  9.445   5.822   1.00 5.36  ? 117 TRP A CB  1 
ATOM   905  C CG  . TRP A 1 118 ? -6.821  8.734   6.792   1.00 4.45  ? 117 TRP A CG  1 
ATOM   906  C CD1 . TRP A 1 118 ? -6.289  9.231   7.947   1.00 6.40  ? 117 TRP A CD1 1 
ATOM   907  C CD2 . TRP A 1 118 ? -6.363  7.385   6.685   1.00 4.57  ? 117 TRP A CD2 1 
ATOM   908  N NE1 . TRP A 1 118 ? -5.524  8.271   8.568   1.00 5.77  ? 117 TRP A NE1 1 
ATOM   909  C CE2 . TRP A 1 118 ? -5.555  7.126   7.815   1.00 4.60  ? 117 TRP A CE2 1 
ATOM   910  C CE3 . TRP A 1 118 ? -6.560  6.369   5.744   1.00 4.62  ? 117 TRP A CE3 1 
ATOM   911  C CZ2 . TRP A 1 118 ? -4.941  5.885   8.026   1.00 5.29  ? 117 TRP A CZ2 1 
ATOM   912  C CZ3 . TRP A 1 118 ? -5.950  5.137   5.952   1.00 5.51  ? 117 TRP A CZ3 1 
ATOM   913  C CH2 . TRP A 1 118 ? -5.151  4.905   7.086   1.00 5.29  ? 117 TRP A CH2 1 
ATOM   914  N N   . LYS A 1 119 ? -9.368  9.821   8.725   1.00 6.84  ? 118 LYS A N   1 
ATOM   915  C CA  . LYS A 1 119 ? -9.294  10.480  10.019  1.00 8.59  ? 118 LYS A CA  1 
ATOM   916  C C   . LYS A 1 119 ? -9.082  9.466   11.135  1.00 8.12  ? 118 LYS A C   1 
ATOM   917  O O   . LYS A 1 119 ? -9.728  8.418   11.173  1.00 8.74  ? 118 LYS A O   1 
ATOM   918  C CB  . LYS A 1 119 ? -10.552 11.311  10.296  1.00 12.74 ? 118 LYS A CB  1 
ATOM   919  C CG  . LYS A 1 119 ? -11.773 10.519  10.707  1.00 12.76 ? 118 LYS A CG  1 
ATOM   920  C CD  . LYS A 1 119 ? -12.894 11.454  11.125  1.00 17.39 ? 118 LYS A CD  1 
ATOM   921  C CE  . LYS A 1 119 ? -14.103 10.676  11.604  1.00 15.16 ? 118 LYS A CE  1 
ATOM   922  N NZ  . LYS A 1 119 ? -15.174 11.577  12.107  1.00 23.64 ? 118 LYS A NZ  1 
ATOM   923  N N   . HIS A 1 120 ? -8.152  9.785   12.026  1.00 7.98  ? 119 HIS A N   1 
ATOM   924  C CA  . HIS A 1 120 ? -7.831  8.947   13.174  1.00 8.03  ? 119 HIS A CA  1 
ATOM   925  C C   . HIS A 1 120 ? -8.918  9.225   14.210  1.00 9.31  ? 119 HIS A C   1 
ATOM   926  O O   . HIS A 1 120 ? -9.331  10.370  14.380  1.00 10.12 ? 119 HIS A O   1 
ATOM   927  C CB  . HIS A 1 120 ? -6.460  9.353   13.724  1.00 8.22  ? 119 HIS A CB  1 
ATOM   928  C CG  . HIS A 1 120 ? -5.993  8.532   14.887  1.00 7.78  ? 119 HIS A CG  1 
ATOM   929  N ND1 . HIS A 1 120 ? -5.595  7.219   14.762  1.00 7.33  ? 119 HIS A ND1 1 
ATOM   930  C CD2 . HIS A 1 120 ? -5.839  8.848   16.195  1.00 11.95 ? 119 HIS A CD2 1 
ATOM   931  C CE1 . HIS A 1 120 ? -5.217  6.761   15.942  1.00 8.13  ? 119 HIS A CE1 1 
ATOM   932  N NE2 . HIS A 1 120 ? -5.355  7.730   16.829  1.00 11.35 ? 119 HIS A NE2 1 
ATOM   933  N N   . PRO A 1 121 ? -9.372  8.195   14.944  1.00 7.16  ? 120 PRO A N   1 
ATOM   934  C CA  . PRO A 1 121 ? -8.974  6.785   14.916  1.00 6.56  ? 120 PRO A CA  1 
ATOM   935  C C   . PRO A 1 121 ? -9.817  5.859   14.038  1.00 6.44  ? 120 PRO A C   1 
ATOM   936  O O   . PRO A 1 121 ? -9.557  4.657   13.988  1.00 7.55  ? 120 PRO A O   1 
ATOM   937  C CB  . PRO A 1 121 ? -9.075  6.396   16.382  1.00 8.85  ? 120 PRO A CB  1 
ATOM   938  C CG  . PRO A 1 121 ? -10.339 7.090   16.778  1.00 10.69 ? 120 PRO A CG  1 
ATOM   939  C CD  . PRO A 1 121 ? -10.217 8.464   16.125  1.00 9.92  ? 120 PRO A CD  1 
ATOM   940  N N   . GLN A 1 122 ? -10.826 6.399   13.359  1.00 5.78  ? 121 GLN A N   1 
ATOM   941  C CA  . GLN A 1 122 ? -11.685 5.571   12.511  1.00 5.28  ? 121 GLN A CA  1 
ATOM   942  C C   . GLN A 1 122 ? -10.959 4.890   11.357  1.00 6.24  ? 121 GLN A C   1 
ATOM   943  O O   . GLN A 1 122 ? -11.309 3.774   10.973  1.00 6.02  ? 121 GLN A O   1 
ATOM   944  C CB  . GLN A 1 122 ? -12.841 6.396   11.929  1.00 6.03  ? 121 GLN A CB  1 
ATOM   945  C CG  . GLN A 1 122 ? -14.009 6.615   12.878  1.00 5.83  ? 121 GLN A CG  1 
ATOM   946  C CD  . GLN A 1 122 ? -13.647 7.460   14.080  1.00 7.67  ? 121 GLN A CD  1 
ATOM   947  O OE1 . GLN A 1 122 ? -14.069 7.174   15.203  1.00 10.65 ? 121 GLN A OE1 1 
ATOM   948  N NE2 . GLN A 1 122 ? -12.869 8.510   13.855  1.00 9.17  ? 121 GLN A NE2 1 
ATOM   949  N N   . SER A 1 123 ? -9.962  5.570   10.800  1.00 5.90  ? 122 SER A N   1 
ATOM   950  C CA  . SER A 1 123 ? -9.206  5.046   9.664   1.00 5.32  ? 122 SER A CA  1 
ATOM   951  C C   . SER A 1 123 ? -7.863  4.429   10.038  1.00 4.71  ? 122 SER A C   1 
ATOM   952  O O   . SER A 1 123 ? -7.120  4.994   10.842  1.00 6.05  ? 122 SER A O   1 
ATOM   953  C CB  . SER A 1 123 ? -8.938  6.167   8.654   1.00 5.04  ? 122 SER A CB  1 
ATOM   954  O OG  . SER A 1 123 ? -10.101 6.913   8.348   1.00 5.41  ? 122 SER A OG  1 
ATOM   955  N N   . ASP A 1 124 ? -7.558  3.266   9.469   1.00 4.62  ? 123 ASP A N   1 
ATOM   956  C CA  . ASP A 1 124 ? -6.259  2.640   9.691   1.00 5.00  ? 123 ASP A CA  1 
ATOM   957  C C   . ASP A 1 124 ? -5.835  1.845   8.461   1.00 4.42  ? 123 ASP A C   1 
ATOM   958  O O   . ASP A 1 124 ? -6.608  1.697   7.515   1.00 5.29  ? 123 ASP A O   1 
ATOM   959  C CB  . ASP A 1 124 ? -6.220  1.783   10.980  1.00 5.99  ? 123 ASP A CB  1 
ATOM   960  C CG  . ASP A 1 124 ? -7.216  0.637   10.991  1.00 8.36  ? 123 ASP A CG  1 
ATOM   961  O OD1 . ASP A 1 124 ? -7.728  0.239   9.929   1.00 9.54  ? 123 ASP A OD1 1 
ATOM   962  O OD2 . ASP A 1 124 ? -7.465  0.111   12.099  1.00 12.76 ? 123 ASP A OD2 1 
ATOM   963  N N   . LEU A 1 125 ? -4.595  1.365   8.454   1.00 5.10  ? 124 LEU A N   1 
ATOM   964  C CA  . LEU A 1 125 ? -4.089  0.630   7.303   1.00 4.60  ? 124 LEU A CA  1 
ATOM   965  C C   . LEU A 1 125 ? -4.793  -0.694  7.041   1.00 5.19  ? 124 LEU A C   1 
ATOM   966  O O   . LEU A 1 125 ? -5.009  -1.060  5.886   1.00 6.13  ? 124 LEU A O   1 
ATOM   967  C CB  . LEU A 1 125 ? -2.579  0.418   7.440   1.00 7.95  ? 124 LEU A CB  1 
ATOM   968  C CG  . LEU A 1 125 ? -1.753  1.710   7.405   1.00 5.28  ? 124 LEU A CG  1 
ATOM   969  C CD1 . LEU A 1 125 ? -0.290  1.370   7.619   1.00 8.65  ? 124 LEU A CD1 1 
ATOM   970  C CD2 . LEU A 1 125 ? -1.939  2.424   6.076   1.00 10.15 ? 124 LEU A CD2 1 
ATOM   971  N N   . LEU A 1 126 ? -5.157  -1.416  8.097   1.00 5.51  ? 125 LEU A N   1 
ATOM   972  C CA  . LEU A 1 126 ? -5.857  -2.680  7.897   1.00 6.63  ? 125 LEU A CA  1 
ATOM   973  C C   . LEU A 1 126 ? -7.191  -2.418  7.199   1.00 5.10  ? 125 LEU A C   1 
ATOM   974  O O   . LEU A 1 126 ? -7.578  -3.150  6.290   1.00 6.37  ? 125 LEU A O   1 
ATOM   975  C CB  . LEU A 1 126 ? -6.091  -3.395  9.230   1.00 7.25  ? 125 LEU A CB  1 
ATOM   976  C CG  . LEU A 1 126 ? -4.857  -4.003  9.904   1.00 8.39  ? 125 LEU A CG  1 
ATOM   977  C CD1 . LEU A 1 126 ? -5.287  -4.752  11.160  1.00 12.63 ? 125 LEU A CD1 1 
ATOM   978  C CD2 . LEU A 1 126 ? -4.149  -4.951  8.943   1.00 14.06 ? 125 LEU A CD2 1 
ATOM   979  N N   . GLY A 1 127 ? -7.884  -1.367  7.629   1.00 5.76  ? 126 GLY A N   1 
ATOM   980  C CA  . GLY A 1 127 ? -9.155  -1.018  7.016   1.00 6.04  ? 126 GLY A CA  1 
ATOM   981  C C   . GLY A 1 127 ? -8.964  -0.615  5.563   1.00 4.36  ? 126 GLY A C   1 
ATOM   982  O O   . GLY A 1 127 ? -9.743  -0.996  4.689   1.00 5.46  ? 126 GLY A O   1 
ATOM   983  N N   . LEU A 1 128 ? -7.909  0.154   5.309   1.00 4.41  ? 127 LEU A N   1 
ATOM   984  C CA  . LEU A 1 128 ? -7.588  0.609   3.961   1.00 5.96  ? 127 LEU A CA  1 
ATOM   985  C C   . LEU A 1 128 ? -7.335  -0.562  3.016   1.00 4.73  ? 127 LEU A C   1 
ATOM   986  O O   . LEU A 1 128 ? -7.859  -0.604  1.901   1.00 5.50  ? 127 LEU A O   1 
ATOM   987  C CB  . LEU A 1 128 ? -6.343  1.494   3.993   1.00 5.09  ? 127 LEU A CB  1 
ATOM   988  C CG  . LEU A 1 128 ? -5.774  1.863   2.620   1.00 4.09  ? 127 LEU A CG  1 
ATOM   989  C CD1 . LEU A 1 128 ? -6.763  2.745   1.861   1.00 6.87  ? 127 LEU A CD1 1 
ATOM   990  C CD2 . LEU A 1 128 ? -4.459  2.596   2.808   1.00 5.92  ? 127 LEU A CD2 1 
ATOM   991  N N   . ILE A 1 129 ? -6.516  -1.513  3.457   1.00 4.36  ? 128 ILE A N   1 
ATOM   992  C CA  . ILE A 1 129 ? -6.202  -2.666  2.625   1.00 5.61  ? 128 ILE A CA  1 
ATOM   993  C C   . ILE A 1 129 ? -7.441  -3.530  2.386   1.00 6.38  ? 128 ILE A C   1 
ATOM   994  O O   . ILE A 1 129 ? -7.603  -4.106  1.310   1.00 7.09  ? 128 ILE A O   1 
ATOM   995  C CB  . ILE A 1 129 ? -5.053  -3.487  3.252   1.00 6.14  ? 128 ILE A CB  1 
ATOM   996  C CG1 . ILE A 1 129 ? -3.781  -2.635  3.263   1.00 7.24  ? 128 ILE A CG1 1 
ATOM   997  C CG2 . ILE A 1 129 ? -4.807  -4.756  2.454   1.00 7.12  ? 128 ILE A CG2 1 
ATOM   998  C CD1 . ILE A 1 129 ? -2.661  -3.198  4.117   1.00 8.32  ? 128 ILE A CD1 1 
ATOM   999  N N   . GLN A 1 130 ? -8.324  -3.602  3.378   1.00 7.63  ? 129 GLN A N   1 
ATOM   1000 C CA  . GLN A 1 130 ? -9.557  -4.371  3.230   1.00 10.39 ? 129 GLN A CA  1 
ATOM   1001 C C   . GLN A 1 130 ? -10.363 -3.736  2.092   1.00 8.44  ? 129 GLN A C   1 
ATOM   1002 O O   . GLN A 1 130 ? -10.927 -4.429  1.242   1.00 9.20  ? 129 GLN A O   1 
ATOM   1003 C CB  . GLN A 1 130 ? -10.345 -4.338  4.543   1.00 12.00 ? 129 GLN A CB  1 
ATOM   1004 C CG  . GLN A 1 130 ? -11.669 -5.088  4.529   1.00 19.57 ? 129 GLN A CG  1 
ATOM   1005 C CD  . GLN A 1 130 ? -12.328 -5.112  5.899   1.00 25.82 ? 129 GLN A CD  1 
ATOM   1006 O OE1 . GLN A 1 130 ? -12.503 -4.070  6.536   1.00 33.29 ? 129 GLN A OE1 1 
ATOM   1007 N NE2 . GLN A 1 130 ? -12.699 -6.302  6.357   1.00 30.60 ? 129 GLN A NE2 1 
ATOM   1008 N N   . VAL A 1 131 ? -10.406 -2.408  2.078   1.00 5.86  ? 130 VAL A N   1 
ATOM   1009 C CA  . VAL A 1 131 ? -11.114 -1.676  1.031   1.00 7.55  ? 130 VAL A CA  1 
ATOM   1010 C C   . VAL A 1 131 ? -10.469 -1.951  -0.326  1.00 7.84  ? 130 VAL A C   1 
ATOM   1011 O O   . VAL A 1 131 ? -11.159 -2.220  -1.309  1.00 7.20  ? 130 VAL A O   1 
ATOM   1012 C CB  . VAL A 1 131 ? -11.091 -0.151  1.309   1.00 6.91  ? 130 VAL A CB  1 
ATOM   1013 C CG1 . VAL A 1 131 ? -11.483 0.629   0.056   1.00 6.53  ? 130 VAL A CG1 1 
ATOM   1014 C CG2 . VAL A 1 131 ? -12.050 0.173   2.444   1.00 9.20  ? 130 VAL A CG2 1 
ATOM   1015 N N   . MET A 1 132 ? -9.143  -1.884  -0.381  1.00 6.40  ? 131 MET A N   1 
ATOM   1016 C CA  . MET A 1 132 ? -8.436  -2.145  -1.629  1.00 6.20  ? 131 MET A CA  1 
ATOM   1017 C C   . MET A 1 132 ? -8.765  -3.522  -2.196  1.00 8.04  ? 131 MET A C   1 
ATOM   1018 O O   . MET A 1 132 ? -8.941  -3.674  -3.401  1.00 8.30  ? 131 MET A O   1 
ATOM   1019 C CB  . MET A 1 132 ? -6.923  -2.042  -1.426  1.00 7.74  ? 131 MET A CB  1 
ATOM   1020 C CG  . MET A 1 132 ? -6.415  -0.634  -1.220  1.00 6.05  ? 131 MET A CG  1 
ATOM   1021 S SD  . MET A 1 132 ? -4.630  -0.617  -1.019  1.00 9.80  ? 131 MET A SD  1 
ATOM   1022 C CE  . MET A 1 132 ? -4.314  1.140   -0.938  1.00 9.75  ? 131 MET A CE  1 
ATOM   1023 N N   . ILE A 1 133 ? -8.836  -4.525  -1.327  1.00 7.80  ? 132 ILE A N   1 
ATOM   1024 C CA  . ILE A 1 133 ? -9.131  -5.882  -1.769  1.00 9.09  ? 132 ILE A CA  1 
ATOM   1025 C C   . ILE A 1 133 ? -10.512 -5.955  -2.419  1.00 7.54  ? 132 ILE A C   1 
ATOM   1026 O O   . ILE A 1 133 ? -10.685 -6.613  -3.447  1.00 10.12 ? 132 ILE A O   1 
ATOM   1027 C CB  . ILE A 1 133 ? -9.026  -6.872  -0.585  1.00 10.18 ? 132 ILE A CB  1 
ATOM   1028 C CG1 . ILE A 1 133 ? -7.570  -6.941  -0.111  1.00 11.17 ? 132 ILE A CG1 1 
ATOM   1029 C CG2 . ILE A 1 133 ? -9.525  -8.253  -1.000  1.00 9.56  ? 132 ILE A CG2 1 
ATOM   1030 C CD1 . ILE A 1 133 ? -7.342  -7.802  1.120   1.00 11.01 ? 132 ILE A CD1 1 
ATOM   1031 N N   . VAL A 1 134 ? -11.487 -5.262  -1.839  1.00 8.02  ? 133 VAL A N   1 
ATOM   1032 C CA  . VAL A 1 134 ? -12.839 -5.256  -2.384  1.00 11.21 ? 133 VAL A CA  1 
ATOM   1033 C C   . VAL A 1 134 ? -12.889 -4.455  -3.682  1.00 11.71 ? 133 VAL A C   1 
ATOM   1034 O O   . VAL A 1 134 ? -13.376 -4.936  -4.704  1.00 11.49 ? 133 VAL A O   1 
ATOM   1035 C CB  . VAL A 1 134 ? -13.845 -4.641  -1.380  1.00 8.99  ? 133 VAL A CB  1 
ATOM   1036 C CG1 . VAL A 1 134 ? -15.213 -4.489  -2.037  1.00 10.71 ? 133 VAL A CG1 1 
ATOM   1037 C CG2 . VAL A 1 134 ? -13.952 -5.522  -0.147  1.00 14.58 ? 133 VAL A CG2 1 
ATOM   1038 N N   . VAL A 1 135 ? -12.365 -3.236  -3.642  1.00 8.47  ? 134 VAL A N   1 
ATOM   1039 C CA  . VAL A 1 135 ? -12.373 -2.362  -4.807  1.00 9.56  ? 134 VAL A CA  1 
ATOM   1040 C C   . VAL A 1 135 ? -11.571 -2.915  -5.986  1.00 9.41  ? 134 VAL A C   1 
ATOM   1041 O O   . VAL A 1 135 ? -12.048 -2.903  -7.124  1.00 11.89 ? 134 VAL A O   1 
ATOM   1042 C CB  . VAL A 1 135 ? -11.861 -0.954  -4.426  1.00 10.05 ? 134 VAL A CB  1 
ATOM   1043 C CG1 . VAL A 1 135 ? -11.755 -0.076  -5.657  1.00 11.60 ? 134 VAL A CG1 1 
ATOM   1044 C CG2 . VAL A 1 135 ? -12.808 -0.323  -3.417  1.00 12.27 ? 134 VAL A CG2 1 
ATOM   1045 N N   . PHE A 1 136 ? -10.362 -3.407  -5.726  1.00 9.43  ? 135 PHE A N   1 
ATOM   1046 C CA  . PHE A 1 136 ? -9.532  -3.959  -6.794  1.00 9.23  ? 135 PHE A CA  1 
ATOM   1047 C C   . PHE A 1 136 ? -10.064 -5.308  -7.276  1.00 8.85  ? 135 PHE A C   1 
ATOM   1048 O O   . PHE A 1 136 ? -9.789  -5.726  -8.402  1.00 9.76  ? 135 PHE A O   1 
ATOM   1049 C CB  . PHE A 1 136 ? -8.073  -4.107  -6.336  1.00 10.04 ? 135 PHE A CB  1 
ATOM   1050 C CG  . PHE A 1 136 ? -7.374  -2.796  -6.072  1.00 10.46 ? 135 PHE A CG  1 
ATOM   1051 C CD1 . PHE A 1 136 ? -7.772  -1.631  -6.719  1.00 12.37 ? 135 PHE A CD1 1 
ATOM   1052 C CD2 . PHE A 1 136 ? -6.290  -2.739  -5.199  1.00 10.90 ? 135 PHE A CD2 1 
ATOM   1053 C CE1 . PHE A 1 136 ? -7.101  -0.426  -6.501  1.00 12.43 ? 135 PHE A CE1 1 
ATOM   1054 C CE2 . PHE A 1 136 ? -5.611  -1.542  -4.974  1.00 8.79  ? 135 PHE A CE2 1 
ATOM   1055 C CZ  . PHE A 1 136 ? -6.019  -0.385  -5.627  1.00 11.16 ? 135 PHE A CZ  1 
ATOM   1056 N N   . GLY A 1 137 ? -10.818 -5.989  -6.416  1.00 9.99  ? 136 GLY A N   1 
ATOM   1057 C CA  . GLY A 1 137 ? -11.391 -7.267  -6.797  1.00 12.01 ? 136 GLY A CA  1 
ATOM   1058 C C   . GLY A 1 137 ? -12.501 -7.029  -7.801  1.00 13.83 ? 136 GLY A C   1 
ATOM   1059 O O   . GLY A 1 137 ? -12.816 -7.890  -8.624  1.00 16.88 ? 136 GLY A O   1 
ATOM   1060 N N   . ASP A 1 138 ? -13.097 -5.842  -7.730  1.00 12.38 ? 137 ASP A N   1 
ATOM   1061 C CA  . ASP A 1 138 ? -14.172 -5.459  -8.634  1.00 11.82 ? 137 ASP A CA  1 
ATOM   1062 C C   . ASP A 1 138 ? -13.587 -4.828  -9.896  1.00 12.40 ? 137 ASP A C   1 
ATOM   1063 O O   . ASP A 1 138 ? -14.061 -5.073  -11.005 1.00 13.93 ? 137 ASP A O   1 
ATOM   1064 C CB  . ASP A 1 138 ? -15.107 -4.470  -7.936  1.00 14.41 ? 137 ASP A CB  1 
ATOM   1065 C CG  . ASP A 1 138 ? -16.198 -3.962  -8.849  1.00 13.51 ? 137 ASP A CG  1 
ATOM   1066 O OD1 . ASP A 1 138 ? -16.218 -2.747  -9.134  1.00 16.18 ? 137 ASP A OD1 1 
ATOM   1067 O OD2 . ASP A 1 138 ? -17.037 -4.777  -9.280  1.00 14.99 ? 137 ASP A OD2 1 
ATOM   1068 N N   . GLU A 1 139 ? -12.551 -4.013  -9.715  1.00 10.95 ? 138 GLU A N   1 
ATOM   1069 C CA  . GLU A 1 139 ? -11.880 -3.348  -10.824 1.00 12.75 ? 138 GLU A CA  1 
ATOM   1070 C C   . GLU A 1 139 ? -10.369 -3.381  -10.615 1.00 14.37 ? 138 GLU A C   1 
ATOM   1071 O O   . GLU A 1 139 ? -9.808  -2.525  -9.934  1.00 13.72 ? 138 GLU A O   1 
ATOM   1072 C CB  . GLU A 1 139 ? -12.344 -1.894  -10.946 1.00 17.13 ? 138 GLU A CB  1 
ATOM   1073 C CG  . GLU A 1 139 ? -13.796 -1.733  -11.366 1.00 23.45 ? 138 GLU A CG  1 
ATOM   1074 C CD  . GLU A 1 139 ? -14.177 -0.283  -11.610 1.00 28.14 ? 138 GLU A CD  1 
ATOM   1075 O OE1 . GLU A 1 139 ? -15.347 -0.029  -11.969 1.00 32.35 ? 138 GLU A OE1 1 
ATOM   1076 O OE2 . GLU A 1 139 ? -13.310 0.600   -11.443 1.00 31.75 ? 138 GLU A OE2 1 
ATOM   1077 N N   . PRO A 1 140 ? -9.690  -4.384  -11.191 1.00 12.17 ? 139 PRO A N   1 
ATOM   1078 C CA  . PRO A 1 140 ? -8.234  -4.510  -11.055 1.00 10.81 ? 139 PRO A CA  1 
ATOM   1079 C C   . PRO A 1 140 ? -7.517  -3.243  -11.523 1.00 11.03 ? 139 PRO A C   1 
ATOM   1080 O O   . PRO A 1 140 ? -7.868  -2.671  -12.555 1.00 12.44 ? 139 PRO A O   1 
ATOM   1081 C CB  . PRO A 1 140 ? -7.913  -5.716  -11.933 1.00 13.43 ? 139 PRO A CB  1 
ATOM   1082 C CG  . PRO A 1 140 ? -9.140  -6.561  -11.789 1.00 13.21 ? 139 PRO A CG  1 
ATOM   1083 C CD  . PRO A 1 140 ? -10.249 -5.542  -11.913 1.00 14.88 ? 139 PRO A CD  1 
ATOM   1084 N N   . PRO A 1 141 ? -6.510  -2.784  -10.760 1.00 10.38 ? 140 PRO A N   1 
ATOM   1085 C CA  . PRO A 1 141 ? -5.738  -1.580  -11.088 1.00 10.13 ? 140 PRO A CA  1 
ATOM   1086 C C   . PRO A 1 141 ? -4.599  -1.838  -12.071 1.00 11.35 ? 140 PRO A C   1 
ATOM   1087 O O   . PRO A 1 141 ? -3.952  -0.906  -12.553 1.00 10.02 ? 140 PRO A O   1 
ATOM   1088 C CB  . PRO A 1 141 ? -5.240  -1.119  -9.727  1.00 9.81  ? 140 PRO A CB  1 
ATOM   1089 C CG  . PRO A 1 141 ? -4.962  -2.418  -9.047  1.00 10.96 ? 140 PRO A CG  1 
ATOM   1090 C CD  . PRO A 1 141 ? -6.177  -3.258  -9.403  1.00 11.38 ? 140 PRO A CD  1 
ATOM   1091 N N   . VAL A 1 142 ? -4.355  -3.113  -12.352 1.00 11.71 ? 141 VAL A N   1 
ATOM   1092 C CA  . VAL A 1 142 ? -3.319  -3.522  -13.288 1.00 13.16 ? 141 VAL A CA  1 
ATOM   1093 C C   . VAL A 1 142 ? -3.765  -4.778  -14.021 1.00 12.32 ? 141 VAL A C   1 
ATOM   1094 O O   . VAL A 1 142 ? -4.555  -5.563  -13.498 1.00 14.08 ? 141 VAL A O   1 
ATOM   1095 C CB  . VAL A 1 142 ? -1.977  -3.827  -12.584 1.00 14.35 ? 141 VAL A CB  1 
ATOM   1096 C CG1 . VAL A 1 142 ? -1.285  -2.534  -12.206 1.00 16.11 ? 141 VAL A CG1 1 
ATOM   1097 C CG2 . VAL A 1 142 ? -2.215  -4.690  -11.360 1.00 14.29 ? 141 VAL A CG2 1 
ATOM   1098 N N   . PHE A 1 143 ? -3.261  -4.944  -15.238 1.00 13.68 ? 142 PHE A N   1 
ATOM   1099 C CA  . PHE A 1 143 ? -3.582  -6.101  -16.067 1.00 15.58 ? 142 PHE A CA  1 
ATOM   1100 C C   . PHE A 1 143 ? -2.314  -6.589  -16.750 1.00 20.45 ? 142 PHE A C   1 
ATOM   1101 O O   . PHE A 1 143 ? -1.401  -5.806  -17.013 1.00 17.48 ? 142 PHE A O   1 
ATOM   1102 C CB  . PHE A 1 143 ? -4.625  -5.724  -17.126 1.00 16.15 ? 142 PHE A CB  1 
ATOM   1103 C CG  . PHE A 1 143 ? -6.023  -5.600  -16.585 1.00 17.96 ? 142 PHE A CG  1 
ATOM   1104 C CD1 . PHE A 1 143 ? -6.776  -6.735  -16.304 1.00 20.28 ? 142 PHE A CD1 1 
ATOM   1105 C CD2 . PHE A 1 143 ? -6.582  -4.350  -16.345 1.00 16.61 ? 142 PHE A CD2 1 
ATOM   1106 C CE1 . PHE A 1 143 ? -8.070  -6.628  -15.792 1.00 20.99 ? 142 PHE A CE1 1 
ATOM   1107 C CE2 . PHE A 1 143 ? -7.873  -4.230  -15.833 1.00 19.02 ? 142 PHE A CE2 1 
ATOM   1108 C CZ  . PHE A 1 143 ? -8.620  -5.371  -15.555 1.00 19.89 ? 142 PHE A CZ  1 
ATOM   1109 N N   . SER A 1 144 ? -2.257  -7.887  -17.029 1.00 23.68 ? 143 SER A N   1 
ATOM   1110 C CA  . SER A 1 144 ? -1.098  -8.470  -17.693 1.00 29.31 ? 143 SER A CA  1 
ATOM   1111 C C   . SER A 1 144 ? -1.060  -8.024  -19.148 1.00 33.00 ? 143 SER A C   1 
ATOM   1112 O O   . SER A 1 144 ? -2.098  -7.740  -19.745 1.00 33.76 ? 143 SER A O   1 
ATOM   1113 C CB  . SER A 1 144 ? -1.160  -9.998  -17.627 1.00 28.04 ? 143 SER A CB  1 
ATOM   1114 O OG  . SER A 1 144 ? -1.093  -10.454 -16.287 1.00 34.32 ? 143 SER A OG  1 
ATOM   1115 N N   . ARG A 1 145 ? 0.141   -7.958  -19.712 1.00 39.07 ? 144 ARG A N   1 
ATOM   1116 C CA  . ARG A 1 145 ? 0.314   -7.549  -21.101 1.00 45.68 ? 144 ARG A CA  1 
ATOM   1117 C C   . ARG A 1 145 ? -0.236  -8.625  -22.033 1.00 49.14 ? 144 ARG A C   1 
ATOM   1118 O O   . ARG A 1 145 ? 0.219   -9.769  -22.008 1.00 50.49 ? 144 ARG A O   1 
ATOM   1119 C CB  . ARG A 1 145 ? 1.796   -7.318  -21.402 1.00 47.85 ? 144 ARG A CB  1 
ATOM   1120 C CG  . ARG A 1 145 ? 2.444   -6.236  -20.555 1.00 51.53 ? 144 ARG A CG  1 
ATOM   1121 C CD  . ARG A 1 145 ? 3.936   -6.148  -20.835 1.00 55.32 ? 144 ARG A CD  1 
ATOM   1122 N NE  . ARG A 1 145 ? 4.589   -5.112  -20.039 1.00 58.25 ? 144 ARG A NE  1 
ATOM   1123 C CZ  . ARG A 1 145 ? 4.352   -3.810  -20.164 1.00 58.94 ? 144 ARG A CZ  1 
ATOM   1124 N NH1 . ARG A 1 145 ? 3.475   -3.374  -21.057 1.00 59.42 ? 144 ARG A NH1 1 
ATOM   1125 N NH2 . ARG A 1 145 ? 4.997   -2.942  -19.395 1.00 59.36 ? 144 ARG A NH2 1 
ATOM   1126 N N   . PRO A 1 146 ? -1.222  -8.270  -22.870 1.00 51.19 ? 145 PRO A N   1 
ATOM   1127 C CA  . PRO A 1 146 ? -1.825  -9.221  -23.809 1.00 52.95 ? 145 PRO A CA  1 
ATOM   1128 C C   . PRO A 1 146 ? -0.863  -9.650  -24.915 1.00 53.86 ? 145 PRO A C   1 
ATOM   1129 O O   . PRO A 1 146 ? 0.290   -9.168  -24.912 1.00 54.58 ? 145 PRO A O   1 
ATOM   1130 C CB  . PRO A 1 146 ? -3.025  -8.451  -24.348 1.00 52.93 ? 145 PRO A CB  1 
ATOM   1131 C CG  . PRO A 1 146 ? -2.526  -7.041  -24.354 1.00 52.32 ? 145 PRO A CG  1 
ATOM   1132 C CD  . PRO A 1 146 ? -1.840  -6.939  -23.008 1.00 52.15 ? 145 PRO A CD  1 
ATOM   1133 O OXT . PRO A 1 146 ? -1.275  -10.463 -25.769 1.00 54.28 ? 145 PRO A OXT 1 
ATOM   1134 N N   . PRO B 2 1   ? 4.348   -15.801 -4.178  1.00 36.29 ? 346 PRO B N   1 
ATOM   1135 C CA  . PRO B 2 1   ? 4.891   -14.500 -3.726  1.00 32.87 ? 346 PRO B CA  1 
ATOM   1136 C C   . PRO B 2 1   ? 5.393   -13.642 -4.883  1.00 30.09 ? 346 PRO B C   1 
ATOM   1137 O O   . PRO B 2 1   ? 6.222   -12.755 -4.688  1.00 31.62 ? 346 PRO B O   1 
ATOM   1138 C CB  . PRO B 2 1   ? 6.009   -14.817 -2.748  1.00 33.71 ? 346 PRO B CB  1 
ATOM   1139 C CG  . PRO B 2 1   ? 5.514   -16.126 -2.157  1.00 36.44 ? 346 PRO B CG  1 
ATOM   1140 C CD  . PRO B 2 1   ? 4.919   -16.890 -3.362  1.00 36.77 ? 346 PRO B CD  1 
ATOM   1141 N N   . THR B 2 2   ? 4.883   -13.914 -6.080  1.00 27.55 ? 347 THR B N   1 
ATOM   1142 C CA  . THR B 2 2   ? 5.264   -13.155 -7.265  1.00 25.04 ? 347 THR B CA  1 
ATOM   1143 C C   . THR B 2 2   ? 4.088   -12.299 -7.721  1.00 20.49 ? 347 THR B C   1 
ATOM   1144 O O   . THR B 2 2   ? 2.961   -12.786 -7.820  1.00 19.03 ? 347 THR B O   1 
ATOM   1145 C CB  . THR B 2 2   ? 5.675   -14.083 -8.435  1.00 27.84 ? 347 THR B CB  1 
ATOM   1146 O OG1 . THR B 2 2   ? 4.605   -14.992 -8.728  1.00 32.41 ? 347 THR B OG1 1 
ATOM   1147 C CG2 . THR B 2 2   ? 6.926   -14.867 -8.083  1.00 29.86 ? 347 THR B CG2 1 
ATOM   1148 N N   . PRO B 2 3   ? 4.335   -11.009 -7.991  1.00 15.49 ? 348 PRO B N   1 
ATOM   1149 C CA  . PRO B 2 3   ? 3.275   -10.105 -8.438  1.00 15.50 ? 348 PRO B CA  1 
ATOM   1150 C C   . PRO B 2 3   ? 2.567   -10.643 -9.674  1.00 16.57 ? 348 PRO B C   1 
ATOM   1151 O O   . PRO B 2 3   ? 3.210   -11.092 -10.625 1.00 18.59 ? 348 PRO B O   1 
ATOM   1152 C CB  . PRO B 2 3   ? 4.026   -8.809  -8.724  1.00 17.41 ? 348 PRO B CB  1 
ATOM   1153 C CG  . PRO B 2 3   ? 5.132   -8.849  -7.720  1.00 16.90 ? 348 PRO B CG  1 
ATOM   1154 C CD  . PRO B 2 3   ? 5.602   -10.278 -7.815  1.00 18.90 ? 348 PRO B CD  1 
ATOM   1155 N N   . SER B 2 4   ? 1.240   -10.601 -9.656  1.00 16.82 ? 349 SER B N   1 
ATOM   1156 C CA  . SER B 2 4   ? 0.450   -11.088 -10.780 1.00 17.12 ? 349 SER B CA  1 
ATOM   1157 C C   . SER B 2 4   ? -0.766  -10.202 -11.002 1.00 17.12 ? 349 SER B C   1 
ATOM   1158 O O   . SER B 2 4   ? -1.224  -9.513  -10.090 1.00 16.30 ? 349 SER B O   1 
ATOM   1159 C CB  . SER B 2 4   ? 0.008   -12.532 -10.529 1.00 15.60 ? 349 SER B CB  1 
ATOM   1160 O OG  . SER B 2 4   ? -0.766  -12.644 -9.348  1.00 15.83 ? 349 SER B OG  1 
ATOM   1161 N N   . ALA B 2 5   ? -1.280  -10.226 -12.225 1.00 16.52 ? 350 ALA B N   1 
ATOM   1162 C CA  . ALA B 2 5   ? -2.441  -9.432  -12.591 1.00 18.34 ? 350 ALA B CA  1 
ATOM   1163 C C   . ALA B 2 5   ? -3.281  -10.231 -13.580 1.00 18.25 ? 350 ALA B C   1 
ATOM   1164 O O   . ALA B 2 5   ? -2.748  -11.028 -14.350 1.00 19.35 ? 350 ALA B O   1 
ATOM   1165 C CB  . ALA B 2 5   ? -1.999  -8.117  -13.215 1.00 16.28 ? 350 ALA B CB  1 
ATOM   1166 N N   . PRO B 2 6   ? -4.607  -10.027 -13.573 1.00 17.95 ? 351 PRO B N   1 
ATOM   1167 C CA  . PRO B 2 6   ? -5.491  -10.755 -14.491 1.00 17.73 ? 351 PRO B CA  1 
ATOM   1168 C C   . PRO B 2 6   ? -5.301  -10.357 -15.953 1.00 19.16 ? 351 PRO B C   1 
ATOM   1169 O O   . PRO B 2 6   ? -4.802  -9.273  -16.256 1.00 17.93 ? 351 PRO B O   1 
ATOM   1170 C CB  . PRO B 2 6   ? -6.880  -10.406 -13.970 1.00 18.36 ? 351 PRO B CB  1 
ATOM   1171 C CG  . PRO B 2 6   ? -6.694  -9.011  -13.456 1.00 19.45 ? 351 PRO B CG  1 
ATOM   1172 C CD  . PRO B 2 6   ? -5.382  -9.116  -12.709 1.00 16.26 ? 351 PRO B CD  1 
ATOM   1173 N N   . VAL B 2 7   ? -5.695  -11.250 -16.855 1.00 22.78 ? 352 VAL B N   1 
ATOM   1174 C CA  . VAL B 2 7   ? -5.583  -10.994 -18.283 1.00 26.70 ? 352 VAL B CA  1 
ATOM   1175 C C   . VAL B 2 7   ? -6.653  -9.989  -18.705 1.00 27.50 ? 352 VAL B C   1 
ATOM   1176 O O   . VAL B 2 7   ? -7.736  -9.944  -18.121 1.00 27.46 ? 352 VAL B O   1 
ATOM   1177 C CB  . VAL B 2 7   ? -5.771  -12.287 -19.099 1.00 27.99 ? 352 VAL B CB  1 
ATOM   1178 C CG1 . VAL B 2 7   ? -4.709  -13.305 -18.716 1.00 29.87 ? 352 VAL B CG1 1 
ATOM   1179 C CG2 . VAL B 2 7   ? -7.162  -12.857 -18.860 1.00 31.56 ? 352 VAL B CG2 1 
ATOM   1180 N N   . PRO B 2 8   ? -6.342  -9.188  -19.718 1.00 28.15 ? 353 PRO B N   1 
ATOM   1181 C CA  . PRO B 2 8   ? -7.280  -8.178  -20.219 1.00 31.20 ? 353 PRO B CA  1 
ATOM   1182 C C   . PRO B 2 8   ? -8.493  -8.815  -20.890 1.00 31.86 ? 353 PRO B C   1 
ATOM   1183 O O   . PRO B 2 8   ? -8.419  -9.956  -21.345 1.00 31.86 ? 353 PRO B O   1 
ATOM   1184 C CB  . PRO B 2 8   ? -6.448  -7.416  -21.252 1.00 31.19 ? 353 PRO B CB  1 
ATOM   1185 C CG  . PRO B 2 8   ? -5.047  -7.562  -20.778 1.00 31.25 ? 353 PRO B CG  1 
ATOM   1186 C CD  . PRO B 2 8   ? -4.961  -8.931  -20.162 1.00 30.97 ? 353 PRO B CD  1 
ATOM   1187 N N   . LEU B 2 9   ? -9.598  -8.078  -20.948 1.00 32.67 ? 354 LEU B N   1 
ATOM   1188 C CA  . LEU B 2 9   ? -10.821 -8.577  -21.564 1.00 33.48 ? 354 LEU B CA  1 
ATOM   1189 C C   . LEU B 2 9   ? -10.756 -8.467  -23.083 1.00 35.70 ? 354 LEU B C   1 
ATOM   1190 O O   . LEU B 2 9   ? -10.034 -7.630  -23.626 1.00 33.72 ? 354 LEU B O   1 
ATOM   1191 C CB  . LEU B 2 9   ? -12.038 -7.816  -21.033 1.00 33.95 ? 354 LEU B CB  1 
ATOM   1192 C CG  . LEU B 2 9   ? -12.523 -8.205  -19.634 1.00 33.06 ? 354 LEU B CG  1 
ATOM   1193 C CD1 . LEU B 2 9   ? -11.559 -7.699  -18.572 1.00 32.04 ? 354 LEU B CD1 1 
ATOM   1194 C CD2 . LEU B 2 9   ? -13.927 -7.676  -19.386 1.00 32.22 ? 354 LEU B CD2 1 
ATOM   1195 O OXT . LEU B 2 9   ? -11.493 -9.239  -23.732 1.00 42.12 ? 354 LEU B OXT 1 
HETATM 1196 O O   . HOH C 3 .   ? -0.015  5.014   -17.306 1.00 17.53 ? 45  HOH A O   1 
HETATM 1197 O O   . HOH C 3 .   ? 9.885   7.844   20.534  1.00 16.38 ? 46  HOH A O   1 
HETATM 1198 O O   . HOH C 3 .   ? -7.544  3.019   -18.915 1.00 19.66 ? 47  HOH A O   1 
HETATM 1199 O O   . HOH C 3 .   ? 2.870   -13.237 -1.959  1.00 38.80 ? 146 HOH A O   1 
HETATM 1200 O O   . HOH C 3 .   ? 6.251   -7.358  16.403  1.00 34.61 ? 147 HOH A O   1 
HETATM 1201 O O   . HOH C 3 .   ? 0.463   9.200   6.070   1.00 5.28  ? 148 HOH A O   1 
HETATM 1202 O O   . HOH C 3 .   ? 1.488   -9.461  -15.282 1.00 43.40 ? 149 HOH A O   1 
HETATM 1203 O O   . HOH C 3 .   ? -3.578  2.311   16.897  1.00 37.57 ? 150 HOH A O   1 
HETATM 1204 O O   . HOH C 3 .   ? 5.491   -9.600  12.064  1.00 33.53 ? 151 HOH A O   1 
HETATM 1205 O O   . HOH C 3 .   ? 3.900   8.975   -0.748  1.00 64.43 ? 152 HOH A O   1 
HETATM 1206 O O   . HOH C 3 .   ? -13.735 -12.115 -16.892 1.00 34.36 ? 153 HOH A O   1 
HETATM 1207 O O   . HOH C 3 .   ? -21.481 1.511   -9.516  1.00 29.24 ? 154 HOH A O   1 
HETATM 1208 O O   . HOH C 3 .   ? -14.313 -9.589  -16.230 1.00 26.32 ? 155 HOH A O   1 
HETATM 1209 O O   . HOH C 3 .   ? 7.264   -8.735  -1.710  1.00 42.91 ? 156 HOH A O   1 
HETATM 1210 O O   . HOH C 3 .   ? 11.981  0.443   22.266  1.00 55.81 ? 157 HOH A O   1 
HETATM 1211 O O   . HOH C 3 .   ? -14.803 1.271   -8.928  1.00 48.06 ? 158 HOH A O   1 
HETATM 1212 O O   . HOH C 3 .   ? 2.772   12.246  -1.320  1.00 58.81 ? 159 HOH A O   1 
HETATM 1213 O O   . HOH C 3 .   ? -0.928  -15.349 -3.091  1.00 35.38 ? 160 HOH A O   1 
HETATM 1214 O O   . HOH C 3 .   ? -11.524 -16.214 -13.251 1.00 42.71 ? 161 HOH A O   1 
HETATM 1215 O O   . HOH C 3 .   ? -10.334 -7.917  6.348   1.00 35.17 ? 162 HOH A O   1 
HETATM 1216 O O   . HOH C 3 .   ? 3.905   9.817   12.635  1.00 6.40  ? 163 HOH A O   1 
HETATM 1217 O O   . HOH C 3 .   ? -13.680 5.844   4.931   1.00 6.93  ? 164 HOH A O   1 
HETATM 1218 O O   . HOH C 3 .   ? -18.829 6.277   -7.183  1.00 34.30 ? 166 HOH A O   1 
HETATM 1219 O O   . HOH C 3 .   ? 5.954   13.851  18.333  1.00 7.61  ? 167 HOH A O   1 
HETATM 1220 O O   . HOH C 3 .   ? 15.727  18.953  0.614   1.00 8.69  ? 168 HOH A O   1 
HETATM 1221 O O   . HOH C 3 .   ? 6.932   -1.191  22.738  1.00 41.24 ? 169 HOH A O   1 
HETATM 1222 O O   . HOH C 3 .   ? 15.258  0.746   18.307  1.00 46.37 ? 170 HOH A O   1 
HETATM 1223 O O   . HOH C 3 .   ? -11.989 3.997   16.575  1.00 30.25 ? 171 HOH A O   1 
HETATM 1224 O O   . HOH C 3 .   ? -5.538  5.035   13.033  1.00 7.86  ? 172 HOH A O   1 
HETATM 1225 O O   . HOH C 3 .   ? -11.373 6.843   6.030   1.00 6.29  ? 173 HOH A O   1 
HETATM 1226 O O   . HOH C 3 .   ? -2.891  7.677   -2.491  1.00 8.13  ? 174 HOH A O   1 
HETATM 1227 O O   . HOH C 3 .   ? -8.637  -4.271  -19.357 1.00 34.18 ? 175 HOH A O   1 
HETATM 1228 O O   . HOH C 3 .   ? -11.958 17.567  2.653   1.00 54.18 ? 176 HOH A O   1 
HETATM 1229 O O   . HOH C 3 .   ? -3.323  3.442   12.515  1.00 8.97  ? 177 HOH A O   1 
HETATM 1230 O O   . HOH C 3 .   ? -7.134  -13.734 -15.462 1.00 23.87 ? 178 HOH A O   1 
HETATM 1231 O O   . HOH C 3 .   ? -14.796 5.065   2.441   1.00 8.69  ? 179 HOH A O   1 
HETATM 1232 O O   . HOH C 3 .   ? -2.094  17.658  9.150   1.00 33.12 ? 180 HOH A O   1 
HETATM 1233 O O   . HOH C 3 .   ? -17.077 -7.819  -9.181  1.00 28.75 ? 181 HOH A O   1 
HETATM 1234 O O   . HOH C 3 .   ? 18.567  12.083  -4.552  1.00 37.64 ? 182 HOH A O   1 
HETATM 1235 O O   . HOH C 3 .   ? -5.543  13.903  -9.947  1.00 32.98 ? 183 HOH A O   1 
HETATM 1236 O O   . HOH C 3 .   ? 16.620  21.042  1.944   1.00 62.49 ? 184 HOH A O   1 
HETATM 1237 O O   . HOH C 3 .   ? 11.304  12.915  5.444   1.00 9.98  ? 185 HOH A O   1 
HETATM 1238 O O   . HOH C 3 .   ? 10.421  3.366   -3.939  1.00 36.11 ? 186 HOH A O   1 
HETATM 1239 O O   . HOH C 3 .   ? 9.775   -7.093  17.637  1.00 34.40 ? 187 HOH A O   1 
HETATM 1240 O O   . HOH C 3 .   ? -15.593 1.403   -6.318  1.00 30.05 ? 188 HOH A O   1 
HETATM 1241 O O   . HOH C 3 .   ? 10.845  1.753   -1.485  1.00 22.93 ? 189 HOH A O   1 
HETATM 1242 O O   . HOH C 3 .   ? -5.131  9.980   -3.801  1.00 10.07 ? 190 HOH A O   1 
HETATM 1243 O O   . HOH C 3 .   ? -11.361 -20.851 -9.099  1.00 36.54 ? 191 HOH A O   1 
HETATM 1244 O O   . HOH C 3 .   ? 8.975   1.771   23.451  1.00 44.88 ? 192 HOH A O   1 
HETATM 1245 O O   . HOH C 3 .   ? 3.971   1.938   4.706   1.00 53.65 ? 193 HOH A O   1 
HETATM 1246 O O   . HOH C 3 .   ? 2.497   7.339   18.603  1.00 9.19  ? 194 HOH A O   1 
HETATM 1247 O O   . HOH C 3 .   ? -5.816  -19.137 -12.321 1.00 44.78 ? 195 HOH A O   1 
HETATM 1248 O O   . HOH C 3 .   ? 5.468   -7.096  20.704  1.00 41.90 ? 196 HOH A O   1 
HETATM 1249 O O   . HOH C 3 .   ? -13.829 -13.501 -6.306  1.00 30.70 ? 197 HOH A O   1 
HETATM 1250 O O   . HOH C 3 .   ? -0.227  -12.748 -20.595 1.00 42.28 ? 198 HOH A O   1 
HETATM 1251 O O   . HOH C 3 .   ? 0.669   -9.696  1.508   1.00 11.62 ? 199 HOH A O   1 
HETATM 1252 O O   . HOH C 3 .   ? 12.076  9.050   10.590  1.00 9.63  ? 200 HOH A O   1 
HETATM 1253 O O   . HOH C 3 .   ? -4.715  -18.025 -9.948  1.00 49.62 ? 201 HOH A O   1 
HETATM 1254 O O   . HOH C 3 .   ? 5.040   -9.917  -12.411 1.00 26.67 ? 202 HOH A O   1 
HETATM 1255 O O   . HOH C 3 .   ? -13.544 10.930  15.415  1.00 37.38 ? 203 HOH A O   1 
HETATM 1256 O O   . HOH C 3 .   ? -0.848  -2.690  -22.234 1.00 52.16 ? 204 HOH A O   1 
HETATM 1257 O O   . HOH C 3 .   ? 16.321  15.477  5.578   1.00 35.64 ? 205 HOH A O   1 
HETATM 1258 O O   . HOH C 3 .   ? 6.704   -12.411 5.786   1.00 42.00 ? 206 HOH A O   1 
HETATM 1259 O O   . HOH C 3 .   ? -5.172  15.605  10.489  1.00 27.29 ? 207 HOH A O   1 
HETATM 1260 O O   . HOH C 3 .   ? 1.673   9.138   2.729   1.00 67.25 ? 208 HOH A O   1 
HETATM 1261 O O   . HOH C 3 .   ? -1.744  -14.430 6.536   1.00 30.67 ? 209 HOH A O   1 
HETATM 1262 O O   . HOH C 3 .   ? 16.486  5.472   15.905  1.00 58.52 ? 210 HOH A O   1 
HETATM 1263 O O   . HOH C 3 .   ? -6.927  -5.784  6.463   1.00 11.79 ? 211 HOH A O   1 
HETATM 1264 O O   . HOH C 3 .   ? 1.571   -10.288 -19.156 1.00 40.82 ? 212 HOH A O   1 
HETATM 1265 O O   . HOH C 3 .   ? 7.865   -2.324  -18.320 1.00 38.57 ? 213 HOH A O   1 
HETATM 1266 O O   . HOH C 3 .   ? 10.340  8.774   1.720   1.00 65.01 ? 214 HOH A O   1 
HETATM 1267 O O   . HOH C 3 .   ? -7.067  3.685   14.830  1.00 11.16 ? 215 HOH A O   1 
HETATM 1268 O O   . HOH C 3 .   ? -6.899  12.362  11.559  1.00 12.68 ? 216 HOH A O   1 
HETATM 1269 O O   . HOH C 3 .   ? -0.107  -11.164 -2.223  1.00 13.45 ? 217 HOH A O   1 
HETATM 1270 O O   . HOH C 3 .   ? 7.981   15.240  11.366  1.00 12.27 ? 218 HOH A O   1 
HETATM 1271 O O   . HOH C 3 .   ? -0.308  11.350  -9.786  1.00 12.27 ? 219 HOH A O   1 
HETATM 1272 O O   . HOH C 3 .   ? 2.944   16.856  16.856  1.00 12.29 ? 220 HOH A O   1 
HETATM 1273 O O   . HOH C 3 .   ? -9.302  -2.096  10.818  1.00 15.08 ? 221 HOH A O   1 
HETATM 1274 O O   . HOH C 3 .   ? 10.925  15.414  13.160  1.00 13.05 ? 222 HOH A O   1 
HETATM 1275 O O   . HOH C 3 .   ? -13.203 3.738   0.073   1.00 14.63 ? 223 HOH A O   1 
HETATM 1276 O O   . HOH C 3 .   ? -10.499 1.968   -10.812 1.00 18.06 ? 224 HOH A O   1 
HETATM 1277 O O   . HOH C 3 .   ? -12.295 7.810   -7.459  1.00 14.02 ? 225 HOH A O   1 
HETATM 1278 O O   . HOH C 3 .   ? 3.204   5.945   22.763  1.00 15.26 ? 226 HOH A O   1 
HETATM 1279 O O   . HOH C 3 .   ? 0.158   16.878  16.725  1.00 13.13 ? 227 HOH A O   1 
HETATM 1280 O O   . HOH C 3 .   ? -1.836  11.917  2.260   1.00 13.76 ? 228 HOH A O   1 
HETATM 1281 O O   . HOH C 3 .   ? -6.265  1.009   14.634  1.00 15.26 ? 229 HOH A O   1 
HETATM 1282 O O   . HOH C 3 .   ? -3.339  10.158  0.464   1.00 14.85 ? 230 HOH A O   1 
HETATM 1283 O O   . HOH C 3 .   ? -0.055  15.960  12.595  1.00 17.82 ? 231 HOH A O   1 
HETATM 1284 O O   . HOH C 3 .   ? -9.763  -4.102  9.037   1.00 14.26 ? 232 HOH A O   1 
HETATM 1285 O O   . HOH C 3 .   ? 5.333   18.653  17.363  1.00 14.81 ? 233 HOH A O   1 
HETATM 1286 O O   . HOH C 3 .   ? -11.672 -9.066  -4.019  1.00 19.17 ? 234 HOH A O   1 
HETATM 1287 O O   . HOH C 3 .   ? -9.689  -0.266  13.456  1.00 18.58 ? 235 HOH A O   1 
HETATM 1288 O O   . HOH C 3 .   ? 11.455  10.708  8.388   1.00 14.59 ? 236 HOH A O   1 
HETATM 1289 O O   . HOH C 3 .   ? -16.149 12.767  5.468   1.00 19.82 ? 237 HOH A O   1 
HETATM 1290 O O   . HOH C 3 .   ? -12.911 2.670   -13.547 1.00 19.25 ? 238 HOH A O   1 
HETATM 1291 O O   . HOH C 3 .   ? 3.242   3.601   -10.146 1.00 18.18 ? 239 HOH A O   1 
HETATM 1292 O O   . HOH C 3 .   ? -10.906 2.768   -17.511 1.00 22.84 ? 240 HOH A O   1 
HETATM 1293 O O   . HOH C 3 .   ? 9.398   17.245  14.435  1.00 17.47 ? 241 HOH A O   1 
HETATM 1294 O O   . HOH C 3 .   ? 16.749  14.130  -4.763  1.00 14.68 ? 242 HOH A O   1 
HETATM 1295 O O   . HOH C 3 .   ? -3.041  12.757  -12.064 1.00 15.37 ? 243 HOH A O   1 
HETATM 1296 O O   . HOH C 3 .   ? -8.259  0.680   -12.651 1.00 21.86 ? 244 HOH A O   1 
HETATM 1297 O O   . HOH C 3 .   ? 10.028  13.115  8.187   1.00 18.46 ? 245 HOH A O   1 
HETATM 1298 O O   . HOH C 3 .   ? -2.553  3.650   -17.717 1.00 22.84 ? 246 HOH A O   1 
HETATM 1299 O O   . HOH C 3 .   ? 6.353   -0.044  -10.829 1.00 19.44 ? 247 HOH A O   1 
HETATM 1300 O O   . HOH C 3 .   ? -18.894 4.612   -11.677 1.00 20.61 ? 248 HOH A O   1 
HETATM 1301 O O   . HOH C 3 .   ? 5.307   -3.424  -5.041  1.00 19.82 ? 249 HOH A O   1 
HETATM 1302 O O   . HOH C 3 .   ? -10.535 2.136   14.529  1.00 16.21 ? 250 HOH A O   1 
HETATM 1303 O O   . HOH C 3 .   ? 6.936   -12.622 0.980   1.00 22.24 ? 251 HOH A O   1 
HETATM 1304 O O   . HOH C 3 .   ? -11.653 -7.199  1.976   1.00 23.27 ? 252 HOH A O   1 
HETATM 1305 O O   . HOH C 3 .   ? -3.098  15.343  15.635  1.00 18.33 ? 253 HOH A O   1 
HETATM 1306 O O   . HOH C 3 .   ? 14.140  10.129  -4.206  1.00 24.51 ? 254 HOH A O   1 
HETATM 1307 O O   . HOH C 3 .   ? -7.599  -11.694 -0.065  1.00 19.78 ? 255 HOH A O   1 
HETATM 1308 O O   . HOH C 3 .   ? -2.432  -8.314  12.256  1.00 20.47 ? 256 HOH A O   1 
HETATM 1309 O O   . HOH C 3 .   ? -3.160  13.883  3.545   1.00 22.03 ? 257 HOH A O   1 
HETATM 1310 O O   . HOH C 3 .   ? 7.655   4.228   23.259  1.00 23.42 ? 258 HOH A O   1 
HETATM 1311 O O   . HOH C 3 .   ? -8.919  0.060   -9.933  1.00 18.21 ? 259 HOH A O   1 
HETATM 1312 O O   . HOH C 3 .   ? -14.487 -1.145  -7.600  1.00 18.71 ? 260 HOH A O   1 
HETATM 1313 O O   . HOH C 3 .   ? -5.600  -1.979  12.875  1.00 19.80 ? 261 HOH A O   1 
HETATM 1314 O O   . HOH C 3 .   ? -4.772  7.941   19.657  1.00 22.64 ? 262 HOH A O   1 
HETATM 1315 O O   . HOH C 3 .   ? -4.004  -2.102  -18.099 1.00 24.82 ? 263 HOH A O   1 
HETATM 1316 O O   . HOH C 3 .   ? -7.949  13.211  5.574   1.00 19.45 ? 264 HOH A O   1 
HETATM 1317 O O   . HOH C 3 .   ? 6.778   -3.561  -8.836  1.00 21.16 ? 265 HOH A O   1 
HETATM 1318 O O   . HOH C 3 .   ? -5.007  2.489   -18.828 1.00 25.25 ? 266 HOH A O   1 
HETATM 1319 O O   . HOH C 3 .   ? 2.570   12.548  -3.848  1.00 22.66 ? 267 HOH A O   1 
HETATM 1320 O O   . HOH C 3 .   ? 5.539   -2.109  -16.523 1.00 26.08 ? 268 HOH A O   1 
HETATM 1321 O O   . HOH C 3 .   ? -5.731  14.429  6.691   1.00 24.65 ? 269 HOH A O   1 
HETATM 1322 O O   . HOH C 3 .   ? 7.633   2.875   -4.607  1.00 27.45 ? 270 HOH A O   1 
HETATM 1323 O O   . HOH C 3 .   ? 4.563   6.878   -11.091 1.00 23.28 ? 271 HOH A O   1 
HETATM 1324 O O   . HOH C 3 .   ? -0.014  -12.968 3.952   1.00 23.22 ? 272 HOH A O   1 
HETATM 1325 O O   . HOH C 3 .   ? 17.086  3.783   9.791   1.00 30.55 ? 273 HOH A O   1 
HETATM 1326 O O   . HOH C 3 .   ? 12.043  -5.123  19.230  1.00 25.88 ? 274 HOH A O   1 
HETATM 1327 O O   . HOH C 3 .   ? -18.398 -1.842  -10.576 1.00 21.79 ? 275 HOH A O   1 
HETATM 1328 O O   . HOH C 3 .   ? -7.525  -9.772  4.245   1.00 21.18 ? 276 HOH A O   1 
HETATM 1329 O O   . HOH C 3 .   ? -10.648 0.331   -14.058 1.00 22.23 ? 277 HOH A O   1 
HETATM 1330 O O   . HOH C 3 .   ? -13.719 -10.739 -6.667  1.00 31.82 ? 278 HOH A O   1 
HETATM 1331 O O   . HOH C 3 .   ? -5.715  11.549  0.433   1.00 22.97 ? 279 HOH A O   1 
HETATM 1332 O O   . HOH C 3 .   ? -9.723  -14.594 -12.352 1.00 22.90 ? 280 HOH A O   1 
HETATM 1333 O O   . HOH C 3 .   ? -4.641  0.038   -19.577 1.00 26.61 ? 281 HOH A O   1 
HETATM 1334 O O   . HOH C 3 .   ? -10.280 -2.453  -13.955 1.00 20.94 ? 282 HOH A O   1 
HETATM 1335 O O   . HOH C 3 .   ? 8.374   -6.386  -0.711  1.00 19.48 ? 283 HOH A O   1 
HETATM 1336 O O   . HOH C 3 .   ? -8.085  14.736  -0.106  1.00 25.42 ? 284 HOH A O   1 
HETATM 1337 O O   . HOH C 3 .   ? -13.961 -2.944  9.343   1.00 25.79 ? 285 HOH A O   1 
HETATM 1338 O O   . HOH C 3 .   ? 5.500   -9.221  5.968   1.00 24.26 ? 286 HOH A O   1 
HETATM 1339 O O   . HOH C 3 .   ? -7.175  13.039  2.297   1.00 26.45 ? 287 HOH A O   1 
HETATM 1340 O O   . HOH C 3 .   ? 3.532   19.000  15.220  1.00 18.80 ? 288 HOH A O   1 
HETATM 1341 O O   . HOH C 3 .   ? -4.648  12.602  -4.740  1.00 24.55 ? 289 HOH A O   1 
HETATM 1342 O O   . HOH C 3 .   ? 18.098  18.147  1.700   1.00 31.95 ? 290 HOH A O   1 
HETATM 1343 O O   . HOH C 3 .   ? -3.607  1.276   14.159  1.00 26.88 ? 291 HOH A O   1 
HETATM 1344 O O   . HOH C 3 .   ? -12.463 13.524  7.670   1.00 22.27 ? 292 HOH A O   1 
HETATM 1345 O O   . HOH C 3 .   ? -15.579 -8.945  -13.011 1.00 31.20 ? 293 HOH A O   1 
HETATM 1346 O O   . HOH C 3 .   ? -17.607 1.938   -8.126  1.00 29.34 ? 294 HOH A O   1 
HETATM 1347 O O   . HOH C 3 .   ? -14.876 13.540  14.059  1.00 41.92 ? 295 HOH A O   1 
HETATM 1348 O O   . HOH C 3 .   ? 9.466   -6.333  -13.517 1.00 28.88 ? 296 HOH A O   1 
HETATM 1349 O O   . HOH C 3 .   ? -1.436  12.647  -3.067  1.00 25.25 ? 297 HOH A O   1 
HETATM 1350 O O   . HOH C 3 .   ? 14.917  -0.274  4.791   1.00 24.09 ? 298 HOH A O   1 
HETATM 1351 O O   . HOH C 3 .   ? 1.679   3.268   -18.337 1.00 27.36 ? 299 HOH A O   1 
HETATM 1352 O O   . HOH C 3 .   ? 4.095   0.563   19.319  1.00 29.34 ? 300 HOH A O   1 
HETATM 1353 O O   . HOH C 3 .   ? -8.173  13.860  8.970   1.00 24.28 ? 301 HOH A O   1 
HETATM 1354 O O   . HOH C 3 .   ? 1.950   -13.550 1.563   1.00 33.99 ? 302 HOH A O   1 
HETATM 1355 O O   . HOH C 3 .   ? 10.187  8.463   -5.173  1.00 33.66 ? 303 HOH A O   1 
HETATM 1356 O O   . HOH C 3 .   ? 14.152  2.187   -3.356  1.00 32.32 ? 304 HOH A O   1 
HETATM 1357 O O   . HOH C 3 .   ? 12.581  16.801  11.321  1.00 23.72 ? 305 HOH A O   1 
HETATM 1358 O O   . HOH C 3 .   ? 12.235  -7.504  5.991   1.00 38.79 ? 306 HOH A O   1 
HETATM 1359 O O   . HOH C 3 .   ? -1.957  3.206   14.924  1.00 24.77 ? 307 HOH A O   1 
HETATM 1360 O O   . HOH C 3 .   ? -20.959 4.049   -8.038  1.00 29.45 ? 308 HOH A O   1 
HETATM 1361 O O   . HOH C 3 .   ? -15.212 -2.562  -13.881 1.00 46.43 ? 309 HOH A O   1 
HETATM 1362 O O   . HOH C 3 .   ? 17.918  8.386   -2.271  1.00 36.62 ? 310 HOH A O   1 
HETATM 1363 O O   . HOH C 3 .   ? 0.846   -4.048  16.876  1.00 24.99 ? 311 HOH A O   1 
HETATM 1364 O O   . HOH C 3 .   ? -15.198 -7.076  -5.011  1.00 23.99 ? 312 HOH A O   1 
HETATM 1365 O O   . HOH C 3 .   ? -11.328 12.175  14.067  1.00 30.16 ? 313 HOH A O   1 
HETATM 1366 O O   . HOH C 3 .   ? -12.205 14.906  2.827   1.00 20.16 ? 314 HOH A O   1 
HETATM 1367 O O   . HOH C 3 .   ? 3.084   -9.554  15.230  1.00 27.79 ? 315 HOH A O   1 
HETATM 1368 O O   . HOH C 3 .   ? 12.154  -4.836  4.052   1.00 27.51 ? 316 HOH A O   1 
HETATM 1369 O O   . HOH C 3 .   ? 14.434  -6.518  12.848  1.00 44.04 ? 317 HOH A O   1 
HETATM 1370 O O   . HOH C 3 .   ? -14.550 -10.443 -9.155  1.00 28.22 ? 318 HOH A O   1 
HETATM 1371 O O   . HOH C 3 .   ? 3.259   -4.018  17.918  1.00 23.58 ? 319 HOH A O   1 
HETATM 1372 O O   . HOH C 3 .   ? -16.170 13.233  10.022  1.00 28.92 ? 320 HOH A O   1 
HETATM 1373 O O   . HOH C 3 .   ? 8.304   -4.411  -20.047 1.00 37.62 ? 321 HOH A O   1 
HETATM 1374 O O   . HOH C 3 .   ? 9.337   2.190   -9.499  1.00 43.36 ? 322 HOH A O   1 
HETATM 1375 O O   . HOH C 3 .   ? 16.610  1.164   8.860   1.00 34.69 ? 323 HOH A O   1 
HETATM 1376 O O   . HOH C 3 .   ? 16.953  -3.215  16.404  1.00 30.50 ? 324 HOH A O   1 
HETATM 1377 O O   . HOH C 3 .   ? 15.683  5.798   -3.469  1.00 33.55 ? 325 HOH A O   1 
HETATM 1378 O O   . HOH C 3 .   ? 5.309   -10.839 9.271   1.00 33.77 ? 326 HOH A O   1 
HETATM 1379 O O   . HOH C 3 .   ? -4.455  5.646   21.192  1.00 26.91 ? 327 HOH A O   1 
HETATM 1380 O O   . HOH C 3 .   ? 13.436  6.195   16.883  1.00 32.95 ? 328 HOH A O   1 
HETATM 1381 O O   . HOH C 3 .   ? 6.821   6.074   -5.228  1.00 26.45 ? 329 HOH A O   1 
HETATM 1382 O O   . HOH C 3 .   ? -2.961  -12.001 3.429   1.00 31.78 ? 330 HOH A O   1 
HETATM 1383 O O   . HOH C 3 .   ? -5.536  -4.145  14.340  1.00 33.63 ? 331 HOH A O   1 
HETATM 1384 O O   . HOH C 3 .   ? 15.788  7.390   17.511  1.00 37.18 ? 332 HOH A O   1 
HETATM 1385 O O   . HOH D 3 .   ? 6.842   -7.798  -4.404  1.00 49.27 ? 124 HOH B O   1 
HETATM 1386 O O   . HOH D 3 .   ? 0.457   -12.081 -13.937 1.00 29.65 ? 137 HOH B O   1 
HETATM 1387 O O   . HOH D 3 .   ? -9.524  -4.746  -22.184 1.00 37.98 ? 148 HOH B O   1 
HETATM 1388 O O   . HOH D 3 .   ? 6.053   -13.884 -13.115 1.00 45.54 ? 165 HOH B O   1 
HETATM 1389 O O   . HOH D 3 .   ? 5.923   -10.252 -4.529  1.00 30.74 ? 167 HOH B O   1 
HETATM 1390 O O   . HOH D 3 .   ? -1.214  -15.190 -8.870  1.00 32.19 ? 173 HOH B O   1 
HETATM 1391 O O   . HOH D 3 .   ? -2.400  -12.925 -16.276 1.00 39.50 ? 177 HOH B O   1 
HETATM 1392 O O   . HOH D 3 .   ? 3.051   -13.605 -12.334 1.00 32.23 ? 184 HOH B O   1 
HETATM 1393 O O   . HOH D 3 .   ? 2.249   -15.458 -10.310 1.00 46.45 ? 211 HOH B O   1 
# 
loop_
_pdbx_poly_seq_scheme.asym_id 
_pdbx_poly_seq_scheme.entity_id 
_pdbx_poly_seq_scheme.seq_id 
_pdbx_poly_seq_scheme.mon_id 
_pdbx_poly_seq_scheme.ndb_seq_num 
_pdbx_poly_seq_scheme.pdb_seq_num 
_pdbx_poly_seq_scheme.auth_seq_num 
_pdbx_poly_seq_scheme.pdb_mon_id 
_pdbx_poly_seq_scheme.auth_mon_id 
_pdbx_poly_seq_scheme.pdb_strand_id 
_pdbx_poly_seq_scheme.pdb_ins_code 
_pdbx_poly_seq_scheme.hetero 
A 1 1   GLY 1   -3  ?   ?   ?   A . n 
A 1 2   ALA 2   -2  ?   ?   ?   A . n 
A 1 3   MET 3   -1  ?   ?   ?   A . n 
A 1 4   GLY 4   0   ?   ?   ?   A . n 
A 1 5   SER 5   1   ?   ?   ?   A . n 
A 1 6   ALA 6   2   2   ALA ALA A . n 
A 1 7   VAL 7   3   3   VAL VAL A . n 
A 1 8   SER 8   4   4   SER SER A . n 
A 1 9   GLU 9   5   5   GLU GLU A . n 
A 1 10  SER 10  6   6   SER SER A . n 
A 1 11  GLN 11  7   7   GLN GLN A . n 
A 1 12  LEU 12  8   8   LEU LEU A . n 
A 1 13  LYS 13  9   9   LYS LYS A . n 
A 1 14  LYS 14  10  10  LYS LYS A . n 
A 1 15  MET 15  11  11  MET MET A . n 
A 1 16  VAL 16  12  12  VAL VAL A . n 
A 1 17  SER 17  13  13  SER SER A . n 
A 1 18  LYS 18  14  14  LYS LYS A . n 
A 1 19  TYR 19  15  15  TYR TYR A . n 
A 1 20  LYS 20  16  16  LYS LYS A . n 
A 1 21  TYR 21  17  17  TYR TYR A . n 
A 1 22  ARG 22  18  18  ARG ARG A . n 
A 1 23  ASP 23  19  19  ASP ASP A . n 
A 1 24  LEU 24  20  20  LEU LEU A . n 
A 1 25  THR 25  21  21  THR THR A . n 
A 1 26  VAL 26  22  22  VAL VAL A . n 
A 1 27  ARG 27  23  23  ARG ARG A . n 
A 1 28  GLU 28  24  24  GLU GLU A . n 
A 1 29  THR 29  25  25  THR THR A . n 
A 1 30  VAL 30  26  26  VAL VAL A . n 
A 1 31  ASN 31  27  27  ASN ASN A . n 
A 1 32  VAL 32  28  28  VAL VAL A . n 
A 1 33  ILE 33  29  29  ILE ILE A . n 
A 1 34  THR 34  30  30  THR THR A . n 
A 1 35  LEU 35  31  31  LEU LEU A . n 
A 1 36  TYR 36  32  32  TYR TYR A . n 
A 1 37  LYS 37  33  33  LYS LYS A . n 
A 1 38  ASP 38  34  34  ASP ASP A . n 
A 1 39  LEU 39  35  35  LEU LEU A . n 
A 1 40  LYS 40  36  36  LYS LYS A . n 
A 1 41  PRO 41  37  37  PRO PRO A . n 
A 1 42  VAL 42  38  38  VAL VAL A . n 
A 1 43  LEU 43  39  39  LEU LEU A . n 
A 1 44  ASP 44  40  40  ASP ASP A . n 
A 1 45  SER 45  41  41  SER SER A . n 
A 1 46  TYR 46  42  42  TYR TYR A . n 
A 1 47  GLY 47  43  43  GLY GLY A . n 
A 1 48  THR 48  44  44  THR THR A . n 
A 1 49  GLY 49  48  48  GLY GLY A . n 
A 1 50  SER 50  49  49  SER SER A . n 
A 1 51  ARG 51  50  50  ARG ARG A . n 
A 1 52  GLU 52  51  51  GLU GLU A . n 
A 1 53  LEU 53  52  52  LEU LEU A . n 
A 1 54  MET 54  53  53  MET MET A . n 
A 1 55  ASN 55  54  54  ASN ASN A . n 
A 1 56  LEU 56  55  55  LEU LEU A . n 
A 1 57  THR 57  56  56  THR THR A . n 
A 1 58  GLY 58  57  57  GLY GLY A . n 
A 1 59  THR 59  58  58  THR THR A . n 
A 1 60  ILE 60  59  59  ILE ILE A . n 
A 1 61  PRO 61  60  60  PRO PRO A . n 
A 1 62  VAL 62  61  61  VAL VAL A . n 
A 1 63  PRO 63  62  62  PRO PRO A . n 
A 1 64  TYR 64  63  63  TYR TYR A . n 
A 1 65  ARG 65  64  64  ARG ARG A . n 
A 1 66  GLY 66  65  65  GLY GLY A . n 
A 1 67  ASN 67  66  66  ASN ASN A . n 
A 1 68  THR 68  67  67  THR THR A . n 
A 1 69  TYR 69  68  68  TYR TYR A . n 
A 1 70  ASN 70  69  69  ASN ASN A . n 
A 1 71  ILE 71  70  70  ILE ILE A . n 
A 1 72  PRO 72  71  71  PRO PRO A . n 
A 1 73  ILE 73  72  72  ILE ILE A . n 
A 1 74  CYS 74  73  73  CYS CYS A . n 
A 1 75  LEU 75  74  74  LEU LEU A . n 
A 1 76  TRP 76  75  75  TRP TRP A . n 
A 1 77  LEU 77  76  76  LEU LEU A . n 
A 1 78  LEU 78  77  77  LEU LEU A . n 
A 1 79  ASP 79  78  78  ASP ASP A . n 
A 1 80  THR 80  79  79  THR THR A . n 
A 1 81  TYR 81  80  80  TYR TYR A . n 
A 1 82  PRO 82  81  81  PRO PRO A . n 
A 1 83  TYR 83  82  82  TYR TYR A . n 
A 1 84  ASN 84  83  83  ASN ASN A . n 
A 1 85  PRO 85  84  84  PRO PRO A . n 
A 1 86  PRO 86  85  85  PRO PRO A . n 
A 1 87  ILE 87  86  86  ILE ILE A . n 
A 1 88  CYS 88  87  87  CYS CYS A . n 
A 1 89  PHE 89  88  88  PHE PHE A . n 
A 1 90  VAL 90  89  89  VAL VAL A . n 
A 1 91  LYS 91  90  90  LYS LYS A . n 
A 1 92  PRO 92  91  91  PRO PRO A . n 
A 1 93  THR 93  92  92  THR THR A . n 
A 1 94  SER 94  93  93  SER SER A . n 
A 1 95  SER 95  94  94  SER SER A . n 
A 1 96  MET 96  95  95  MET MET A . n 
A 1 97  THR 97  96  96  THR THR A . n 
A 1 98  ILE 98  97  97  ILE ILE A . n 
A 1 99  LYS 99  98  98  LYS LYS A . n 
A 1 100 THR 100 99  99  THR THR A . n 
A 1 101 GLY 101 100 100 GLY GLY A . n 
A 1 102 LYS 102 101 101 LYS LYS A . n 
A 1 103 HIS 103 102 102 HIS HIS A . n 
A 1 104 VAL 104 103 103 VAL VAL A . n 
A 1 105 ASP 105 104 104 ASP ASP A . n 
A 1 106 ALA 106 105 105 ALA ALA A . n 
A 1 107 ASN 107 106 106 ASN ASN A . n 
A 1 108 GLY 108 107 107 GLY GLY A . n 
A 1 109 LYS 109 108 108 LYS LYS A . n 
A 1 110 ILE 110 109 109 ILE ILE A . n 
A 1 111 TYR 111 110 110 TYR TYR A . n 
A 1 112 LEU 112 111 111 LEU LEU A . n 
A 1 113 PRO 113 112 112 PRO PRO A . n 
A 1 114 TYR 114 113 113 TYR TYR A . n 
A 1 115 LEU 115 114 114 LEU LEU A . n 
A 1 116 HIS 116 115 115 HIS HIS A . n 
A 1 117 GLU 117 116 116 GLU GLU A . n 
A 1 118 TRP 118 117 117 TRP TRP A . n 
A 1 119 LYS 119 118 118 LYS LYS A . n 
A 1 120 HIS 120 119 119 HIS HIS A . n 
A 1 121 PRO 121 120 120 PRO PRO A . n 
A 1 122 GLN 122 121 121 GLN GLN A . n 
A 1 123 SER 123 122 122 SER SER A . n 
A 1 124 ASP 124 123 123 ASP ASP A . n 
A 1 125 LEU 125 124 124 LEU LEU A . n 
A 1 126 LEU 126 125 125 LEU LEU A . n 
A 1 127 GLY 127 126 126 GLY GLY A . n 
A 1 128 LEU 128 127 127 LEU LEU A . n 
A 1 129 ILE 129 128 128 ILE ILE A . n 
A 1 130 GLN 130 129 129 GLN GLN A . n 
A 1 131 VAL 131 130 130 VAL VAL A . n 
A 1 132 MET 132 131 131 MET MET A . n 
A 1 133 ILE 133 132 132 ILE ILE A . n 
A 1 134 VAL 134 133 133 VAL VAL A . n 
A 1 135 VAL 135 134 134 VAL VAL A . n 
A 1 136 PHE 136 135 135 PHE PHE A . n 
A 1 137 GLY 137 136 136 GLY GLY A . n 
A 1 138 ASP 138 137 137 ASP ASP A . n 
A 1 139 GLU 139 138 138 GLU GLU A . n 
A 1 140 PRO 140 139 139 PRO PRO A . n 
A 1 141 PRO 141 140 140 PRO PRO A . n 
A 1 142 VAL 142 141 141 VAL VAL A . n 
A 1 143 PHE 143 142 142 PHE PHE A . n 
A 1 144 SER 144 143 143 SER SER A . n 
A 1 145 ARG 145 144 144 ARG ARG A . n 
A 1 146 PRO 146 145 145 PRO PRO A . n 
B 2 1   PRO 1   346 346 PRO PRO B . n 
B 2 2   THR 2   347 347 THR THR B . n 
B 2 3   PRO 3   348 348 PRO PRO B . n 
B 2 4   SER 4   349 349 SER SER B . n 
B 2 5   ALA 5   350 350 ALA ALA B . n 
B 2 6   PRO 6   351 351 PRO PRO B . n 
B 2 7   VAL 7   352 352 VAL VAL B . n 
B 2 8   PRO 8   353 353 PRO PRO B . n 
B 2 9   LEU 9   354 354 LEU LEU B . n 
# 
loop_
_pdbx_nonpoly_scheme.asym_id 
_pdbx_nonpoly_scheme.entity_id 
_pdbx_nonpoly_scheme.mon_id 
_pdbx_nonpoly_scheme.ndb_seq_num 
_pdbx_nonpoly_scheme.pdb_seq_num 
_pdbx_nonpoly_scheme.auth_seq_num 
_pdbx_nonpoly_scheme.pdb_mon_id 
_pdbx_nonpoly_scheme.auth_mon_id 
_pdbx_nonpoly_scheme.pdb_strand_id 
_pdbx_nonpoly_scheme.pdb_ins_code 
C 3 HOH 1   45  45  HOH TIP A . 
C 3 HOH 2   46  46  HOH TIP A . 
C 3 HOH 3   47  47  HOH TIP A . 
C 3 HOH 4   146 146 HOH TIP A . 
C 3 HOH 5   147 147 HOH TIP A . 
C 3 HOH 6   148 1   HOH TIP A . 
C 3 HOH 7   149 149 HOH TIP A . 
C 3 HOH 8   150 150 HOH TIP A . 
C 3 HOH 9   151 151 HOH TIP A . 
C 3 HOH 10  152 152 HOH TIP A . 
C 3 HOH 11  153 153 HOH TIP A . 
C 3 HOH 12  154 154 HOH TIP A . 
C 3 HOH 13  155 155 HOH TIP A . 
C 3 HOH 14  156 156 HOH TIP A . 
C 3 HOH 15  157 157 HOH TIP A . 
C 3 HOH 16  158 158 HOH TIP A . 
C 3 HOH 17  159 159 HOH TIP A . 
C 3 HOH 18  160 160 HOH TIP A . 
C 3 HOH 19  161 161 HOH TIP A . 
C 3 HOH 20  162 162 HOH TIP A . 
C 3 HOH 21  163 2   HOH TIP A . 
C 3 HOH 22  164 3   HOH TIP A . 
C 3 HOH 23  166 166 HOH TIP A . 
C 3 HOH 24  167 4   HOH TIP A . 
C 3 HOH 25  168 168 HOH TIP A . 
C 3 HOH 26  169 169 HOH TIP A . 
C 3 HOH 27  170 170 HOH TIP A . 
C 3 HOH 28  171 171 HOH TIP A . 
C 3 HOH 29  172 5   HOH TIP A . 
C 3 HOH 30  173 6   HOH TIP A . 
C 3 HOH 31  174 7   HOH TIP A . 
C 3 HOH 32  175 175 HOH TIP A . 
C 3 HOH 33  176 176 HOH TIP A . 
C 3 HOH 34  177 8   HOH TIP A . 
C 3 HOH 35  178 178 HOH TIP A . 
C 3 HOH 36  179 9   HOH TIP A . 
C 3 HOH 37  180 180 HOH TIP A . 
C 3 HOH 38  181 181 HOH TIP A . 
C 3 HOH 39  182 182 HOH TIP A . 
C 3 HOH 40  183 183 HOH TIP A . 
C 3 HOH 41  184 10  HOH TIP A . 
C 3 HOH 42  185 11  HOH TIP A . 
C 3 HOH 43  186 186 HOH TIP A . 
C 3 HOH 44  187 187 HOH TIP A . 
C 3 HOH 45  188 188 HOH TIP A . 
C 3 HOH 46  189 189 HOH TIP A . 
C 3 HOH 47  190 12  HOH TIP A . 
C 3 HOH 48  191 191 HOH TIP A . 
C 3 HOH 49  192 192 HOH TIP A . 
C 3 HOH 50  193 193 HOH TIP A . 
C 3 HOH 51  194 13  HOH TIP A . 
C 3 HOH 52  195 195 HOH TIP A . 
C 3 HOH 53  196 196 HOH TIP A . 
C 3 HOH 54  197 197 HOH TIP A . 
C 3 HOH 55  198 198 HOH TIP A . 
C 3 HOH 56  199 14  HOH TIP A . 
C 3 HOH 57  200 15  HOH TIP A . 
C 3 HOH 58  201 201 HOH TIP A . 
C 3 HOH 59  202 202 HOH TIP A . 
C 3 HOH 60  203 203 HOH TIP A . 
C 3 HOH 61  204 204 HOH TIP A . 
C 3 HOH 62  205 205 HOH TIP A . 
C 3 HOH 63  206 206 HOH TIP A . 
C 3 HOH 64  207 207 HOH TIP A . 
C 3 HOH 65  208 208 HOH TIP A . 
C 3 HOH 66  209 209 HOH TIP A . 
C 3 HOH 67  210 210 HOH TIP A . 
C 3 HOH 68  211 16  HOH TIP A . 
C 3 HOH 69  212 212 HOH TIP A . 
C 3 HOH 70  213 213 HOH TIP A . 
C 3 HOH 71  214 214 HOH TIP A . 
C 3 HOH 72  215 17  HOH TIP A . 
C 3 HOH 73  216 18  HOH TIP A . 
C 3 HOH 74  217 19  HOH TIP A . 
C 3 HOH 75  218 20  HOH TIP A . 
C 3 HOH 76  219 21  HOH TIP A . 
C 3 HOH 77  220 22  HOH TIP A . 
C 3 HOH 78  221 23  HOH TIP A . 
C 3 HOH 79  222 24  HOH TIP A . 
C 3 HOH 80  223 25  HOH TIP A . 
C 3 HOH 81  224 26  HOH TIP A . 
C 3 HOH 82  225 27  HOH TIP A . 
C 3 HOH 83  226 28  HOH TIP A . 
C 3 HOH 84  227 29  HOH TIP A . 
C 3 HOH 85  228 30  HOH TIP A . 
C 3 HOH 86  229 31  HOH TIP A . 
C 3 HOH 87  230 32  HOH TIP A . 
C 3 HOH 88  231 33  HOH TIP A . 
C 3 HOH 89  232 34  HOH TIP A . 
C 3 HOH 90  233 35  HOH TIP A . 
C 3 HOH 91  234 36  HOH TIP A . 
C 3 HOH 92  235 37  HOH TIP A . 
C 3 HOH 93  236 38  HOH TIP A . 
C 3 HOH 94  237 39  HOH TIP A . 
C 3 HOH 95  238 40  HOH TIP A . 
C 3 HOH 96  239 41  HOH TIP A . 
C 3 HOH 97  240 42  HOH TIP A . 
C 3 HOH 98  241 43  HOH TIP A . 
C 3 HOH 99  242 44  HOH TIP A . 
C 3 HOH 100 243 48  HOH TIP A . 
C 3 HOH 101 244 49  HOH TIP A . 
C 3 HOH 102 245 50  HOH TIP A . 
C 3 HOH 103 246 51  HOH TIP A . 
C 3 HOH 104 247 52  HOH TIP A . 
C 3 HOH 105 248 53  HOH TIP A . 
C 3 HOH 106 249 54  HOH TIP A . 
C 3 HOH 107 250 55  HOH TIP A . 
C 3 HOH 108 251 56  HOH TIP A . 
C 3 HOH 109 252 57  HOH TIP A . 
C 3 HOH 110 253 58  HOH TIP A . 
C 3 HOH 111 254 59  HOH TIP A . 
C 3 HOH 112 255 61  HOH TIP A . 
C 3 HOH 113 256 62  HOH TIP A . 
C 3 HOH 114 257 63  HOH TIP A . 
C 3 HOH 115 258 64  HOH TIP A . 
C 3 HOH 116 259 65  HOH TIP A . 
C 3 HOH 117 260 66  HOH TIP A . 
C 3 HOH 118 261 67  HOH TIP A . 
C 3 HOH 119 262 68  HOH TIP A . 
C 3 HOH 120 263 69  HOH TIP A . 
C 3 HOH 121 264 70  HOH TIP A . 
C 3 HOH 122 265 71  HOH TIP A . 
C 3 HOH 123 266 72  HOH TIP A . 
C 3 HOH 124 267 73  HOH TIP A . 
C 3 HOH 125 268 74  HOH TIP A . 
C 3 HOH 126 269 75  HOH TIP A . 
C 3 HOH 127 270 76  HOH TIP A . 
C 3 HOH 128 271 77  HOH TIP A . 
C 3 HOH 129 272 78  HOH TIP A . 
C 3 HOH 130 273 79  HOH TIP A . 
C 3 HOH 131 274 80  HOH TIP A . 
C 3 HOH 132 275 81  HOH TIP A . 
C 3 HOH 133 276 82  HOH TIP A . 
C 3 HOH 134 277 83  HOH TIP A . 
C 3 HOH 135 278 84  HOH TIP A . 
C 3 HOH 136 279 85  HOH TIP A . 
C 3 HOH 137 280 86  HOH TIP A . 
C 3 HOH 138 281 87  HOH TIP A . 
C 3 HOH 139 282 88  HOH TIP A . 
C 3 HOH 140 283 89  HOH TIP A . 
C 3 HOH 141 284 90  HOH TIP A . 
C 3 HOH 142 285 91  HOH TIP A . 
C 3 HOH 143 286 92  HOH TIP A . 
C 3 HOH 144 287 93  HOH TIP A . 
C 3 HOH 145 288 95  HOH TIP A . 
C 3 HOH 146 289 97  HOH TIP A . 
C 3 HOH 147 290 98  HOH TIP A . 
C 3 HOH 148 291 99  HOH TIP A . 
C 3 HOH 149 292 100 HOH TIP A . 
C 3 HOH 150 293 101 HOH TIP A . 
C 3 HOH 151 294 102 HOH TIP A . 
C 3 HOH 152 295 103 HOH TIP A . 
C 3 HOH 153 296 104 HOH TIP A . 
C 3 HOH 154 297 105 HOH TIP A . 
C 3 HOH 155 298 106 HOH TIP A . 
C 3 HOH 156 299 107 HOH TIP A . 
C 3 HOH 157 300 108 HOH TIP A . 
C 3 HOH 158 301 109 HOH TIP A . 
C 3 HOH 159 302 110 HOH TIP A . 
C 3 HOH 160 303 111 HOH TIP A . 
C 3 HOH 161 304 112 HOH TIP A . 
C 3 HOH 162 305 113 HOH TIP A . 
C 3 HOH 163 306 114 HOH TIP A . 
C 3 HOH 164 307 115 HOH TIP A . 
C 3 HOH 165 308 116 HOH TIP A . 
C 3 HOH 166 309 117 HOH TIP A . 
C 3 HOH 167 310 118 HOH TIP A . 
C 3 HOH 168 311 119 HOH TIP A . 
C 3 HOH 169 312 120 HOH TIP A . 
C 3 HOH 170 313 121 HOH TIP A . 
C 3 HOH 171 314 122 HOH TIP A . 
C 3 HOH 172 315 123 HOH TIP A . 
C 3 HOH 173 316 126 HOH TIP A . 
C 3 HOH 174 317 127 HOH TIP A . 
C 3 HOH 175 318 128 HOH TIP A . 
C 3 HOH 176 319 129 HOH TIP A . 
C 3 HOH 177 320 130 HOH TIP A . 
C 3 HOH 178 321 131 HOH TIP A . 
C 3 HOH 179 322 132 HOH TIP A . 
C 3 HOH 180 323 133 HOH TIP A . 
C 3 HOH 181 324 134 HOH TIP A . 
C 3 HOH 182 325 135 HOH TIP A . 
C 3 HOH 183 326 136 HOH TIP A . 
C 3 HOH 184 327 138 HOH TIP A . 
C 3 HOH 185 328 140 HOH TIP A . 
C 3 HOH 186 329 141 HOH TIP A . 
C 3 HOH 187 330 142 HOH TIP A . 
C 3 HOH 188 331 143 HOH TIP A . 
C 3 HOH 189 332 144 HOH TIP A . 
D 3 HOH 1   124 124 HOH TIP B . 
D 3 HOH 2   137 137 HOH TIP B . 
D 3 HOH 3   148 148 HOH TIP B . 
D 3 HOH 4   165 165 HOH TIP B . 
D 3 HOH 5   167 167 HOH TIP B . 
D 3 HOH 6   173 173 HOH TIP B . 
D 3 HOH 7   177 177 HOH TIP B . 
D 3 HOH 8   184 184 HOH TIP B . 
D 3 HOH 9   211 211 HOH TIP B . 
# 
_pdbx_struct_assembly.id                   1 
_pdbx_struct_assembly.details              author_and_software_defined_assembly 
_pdbx_struct_assembly.method_details       PISA 
_pdbx_struct_assembly.oligomeric_details   dimeric 
_pdbx_struct_assembly.oligomeric_count     2 
# 
_pdbx_struct_assembly_gen.assembly_id       1 
_pdbx_struct_assembly_gen.oper_expression   1 
_pdbx_struct_assembly_gen.asym_id_list      A,B,C,D 
# 
loop_
_pdbx_struct_assembly_prop.biol_id 
_pdbx_struct_assembly_prop.type 
_pdbx_struct_assembly_prop.value 
_pdbx_struct_assembly_prop.details 
1 'ABSA (A^2)' 980  ? 
1 MORE         -8   ? 
1 'SSA (A^2)'  8410 ? 
# 
_pdbx_struct_oper_list.id                   1 
_pdbx_struct_oper_list.type                 'identity operation' 
_pdbx_struct_oper_list.name                 1_555 
_pdbx_struct_oper_list.symmetry_operation   x,y,z 
_pdbx_struct_oper_list.matrix[1][1]         1.0000000000 
_pdbx_struct_oper_list.matrix[1][2]         0.0000000000 
_pdbx_struct_oper_list.matrix[1][3]         0.0000000000 
_pdbx_struct_oper_list.vector[1]            0.0000000000 
_pdbx_struct_oper_list.matrix[2][1]         0.0000000000 
_pdbx_struct_oper_list.matrix[2][2]         1.0000000000 
_pdbx_struct_oper_list.matrix[2][3]         0.0000000000 
_pdbx_struct_oper_list.vector[2]            0.0000000000 
_pdbx_struct_oper_list.matrix[3][1]         0.0000000000 
_pdbx_struct_oper_list.matrix[3][2]         0.0000000000 
_pdbx_struct_oper_list.matrix[3][3]         1.0000000000 
_pdbx_struct_oper_list.vector[3]            0.0000000000 
# 
loop_
_pdbx_audit_revision_history.ordinal 
_pdbx_audit_revision_history.data_content_type 
_pdbx_audit_revision_history.major_revision 
_pdbx_audit_revision_history.minor_revision 
_pdbx_audit_revision_history.revision_date 
1 'Structure model' 1 0 2010-12-01 
2 'Structure model' 1 1 2011-07-13 
3 'Structure model' 1 2 2015-05-27 
4 'Structure model' 1 3 2023-09-06 
# 
_pdbx_audit_revision_details.ordinal             1 
_pdbx_audit_revision_details.revision_ordinal    1 
_pdbx_audit_revision_details.data_content_type   'Structure model' 
_pdbx_audit_revision_details.provider            repository 
_pdbx_audit_revision_details.type                'Initial release' 
_pdbx_audit_revision_details.description         ? 
_pdbx_audit_revision_details.details             ? 
# 
loop_
_pdbx_audit_revision_group.ordinal 
_pdbx_audit_revision_group.revision_ordinal 
_pdbx_audit_revision_group.data_content_type 
_pdbx_audit_revision_group.group 
1 2 'Structure model' 'Version format compliance' 
2 3 'Structure model' 'Source and taxonomy'       
3 4 'Structure model' 'Data collection'           
4 4 'Structure model' 'Database references'       
5 4 'Structure model' 'Refinement description'    
# 
loop_
_pdbx_audit_revision_category.ordinal 
_pdbx_audit_revision_category.revision_ordinal 
_pdbx_audit_revision_category.data_content_type 
_pdbx_audit_revision_category.category 
1 4 'Structure model' chem_comp_atom                
2 4 'Structure model' chem_comp_bond                
3 4 'Structure model' database_2                    
4 4 'Structure model' pdbx_initial_refinement_model 
5 4 'Structure model' struct_ref_seq_dif            
# 
loop_
_pdbx_audit_revision_item.ordinal 
_pdbx_audit_revision_item.revision_ordinal 
_pdbx_audit_revision_item.data_content_type 
_pdbx_audit_revision_item.item 
1 4 'Structure model' '_database_2.pdbx_DOI'                
2 4 'Structure model' '_database_2.pdbx_database_accession' 
3 4 'Structure model' '_struct_ref_seq_dif.details'         
# 
loop_
_software.name 
_software.classification 
_software.version 
_software.citation_id 
_software.pdbx_ordinal 
MAR345dtb 'data collection' .   ? 1 
MOLREP    phasing           .   ? 2 
CNS       refinement        1.1 ? 3 
HKL-2000  'data reduction'  .   ? 4 
HKL-2000  'data scaling'    .   ? 5 
# 
_pdbx_entry_details.entry_id                 3OBQ 
_pdbx_entry_details.nonpolymer_details       ? 
_pdbx_entry_details.sequence_details         'ENGINEERED MUTATION 43VFNDGS48 -> GTG' 
_pdbx_entry_details.compound_details         ? 
_pdbx_entry_details.source_details           ? 
_pdbx_entry_details.has_ligand_of_interest   ? 
# 
_pdbx_validate_planes.id              1 
_pdbx_validate_planes.PDB_model_num   1 
_pdbx_validate_planes.auth_comp_id    TYR 
_pdbx_validate_planes.auth_asym_id    A 
_pdbx_validate_planes.auth_seq_id     80 
_pdbx_validate_planes.PDB_ins_code    ? 
_pdbx_validate_planes.label_alt_id    ? 
_pdbx_validate_planes.rmsd            0.073 
_pdbx_validate_planes.type            'SIDE CHAIN' 
# 
loop_
_pdbx_unobs_or_zero_occ_residues.id 
_pdbx_unobs_or_zero_occ_residues.PDB_model_num 
_pdbx_unobs_or_zero_occ_residues.polymer_flag 
_pdbx_unobs_or_zero_occ_residues.occupancy_flag 
_pdbx_unobs_or_zero_occ_residues.auth_asym_id 
_pdbx_unobs_or_zero_occ_residues.auth_comp_id 
_pdbx_unobs_or_zero_occ_residues.auth_seq_id 
_pdbx_unobs_or_zero_occ_residues.PDB_ins_code 
_pdbx_unobs_or_zero_occ_residues.label_asym_id 
_pdbx_unobs_or_zero_occ_residues.label_comp_id 
_pdbx_unobs_or_zero_occ_residues.label_seq_id 
1 1 Y 1 A GLY -3 ? A GLY 1 
2 1 Y 1 A ALA -2 ? A ALA 2 
3 1 Y 1 A MET -1 ? A MET 3 
4 1 Y 1 A GLY 0  ? A GLY 4 
5 1 Y 1 A SER 1  ? A SER 5 
# 
loop_
_chem_comp_atom.comp_id 
_chem_comp_atom.atom_id 
_chem_comp_atom.type_symbol 
_chem_comp_atom.pdbx_aromatic_flag 
_chem_comp_atom.pdbx_stereo_config 
_chem_comp_atom.pdbx_ordinal 
ALA N    N N N 1   
ALA CA   C N S 2   
ALA C    C N N 3   
ALA O    O N N 4   
ALA CB   C N N 5   
ALA OXT  O N N 6   
ALA H    H N N 7   
ALA H2   H N N 8   
ALA HA   H N N 9   
ALA HB1  H N N 10  
ALA HB2  H N N 11  
ALA HB3  H N N 12  
ALA HXT  H N N 13  
ARG N    N N N 14  
ARG CA   C N S 15  
ARG C    C N N 16  
ARG O    O N N 17  
ARG CB   C N N 18  
ARG CG   C N N 19  
ARG CD   C N N 20  
ARG NE   N N N 21  
ARG CZ   C N N 22  
ARG NH1  N N N 23  
ARG NH2  N N N 24  
ARG OXT  O N N 25  
ARG H    H N N 26  
ARG H2   H N N 27  
ARG HA   H N N 28  
ARG HB2  H N N 29  
ARG HB3  H N N 30  
ARG HG2  H N N 31  
ARG HG3  H N N 32  
ARG HD2  H N N 33  
ARG HD3  H N N 34  
ARG HE   H N N 35  
ARG HH11 H N N 36  
ARG HH12 H N N 37  
ARG HH21 H N N 38  
ARG HH22 H N N 39  
ARG HXT  H N N 40  
ASN N    N N N 41  
ASN CA   C N S 42  
ASN C    C N N 43  
ASN O    O N N 44  
ASN CB   C N N 45  
ASN CG   C N N 46  
ASN OD1  O N N 47  
ASN ND2  N N N 48  
ASN OXT  O N N 49  
ASN H    H N N 50  
ASN H2   H N N 51  
ASN HA   H N N 52  
ASN HB2  H N N 53  
ASN HB3  H N N 54  
ASN HD21 H N N 55  
ASN HD22 H N N 56  
ASN HXT  H N N 57  
ASP N    N N N 58  
ASP CA   C N S 59  
ASP C    C N N 60  
ASP O    O N N 61  
ASP CB   C N N 62  
ASP CG   C N N 63  
ASP OD1  O N N 64  
ASP OD2  O N N 65  
ASP OXT  O N N 66  
ASP H    H N N 67  
ASP H2   H N N 68  
ASP HA   H N N 69  
ASP HB2  H N N 70  
ASP HB3  H N N 71  
ASP HD2  H N N 72  
ASP HXT  H N N 73  
CYS N    N N N 74  
CYS CA   C N R 75  
CYS C    C N N 76  
CYS O    O N N 77  
CYS CB   C N N 78  
CYS SG   S N N 79  
CYS OXT  O N N 80  
CYS H    H N N 81  
CYS H2   H N N 82  
CYS HA   H N N 83  
CYS HB2  H N N 84  
CYS HB3  H N N 85  
CYS HG   H N N 86  
CYS HXT  H N N 87  
GLN N    N N N 88  
GLN CA   C N S 89  
GLN C    C N N 90  
GLN O    O N N 91  
GLN CB   C N N 92  
GLN CG   C N N 93  
GLN CD   C N N 94  
GLN OE1  O N N 95  
GLN NE2  N N N 96  
GLN OXT  O N N 97  
GLN H    H N N 98  
GLN H2   H N N 99  
GLN HA   H N N 100 
GLN HB2  H N N 101 
GLN HB3  H N N 102 
GLN HG2  H N N 103 
GLN HG3  H N N 104 
GLN HE21 H N N 105 
GLN HE22 H N N 106 
GLN HXT  H N N 107 
GLU N    N N N 108 
GLU CA   C N S 109 
GLU C    C N N 110 
GLU O    O N N 111 
GLU CB   C N N 112 
GLU CG   C N N 113 
GLU CD   C N N 114 
GLU OE1  O N N 115 
GLU OE2  O N N 116 
GLU OXT  O N N 117 
GLU H    H N N 118 
GLU H2   H N N 119 
GLU HA   H N N 120 
GLU HB2  H N N 121 
GLU HB3  H N N 122 
GLU HG2  H N N 123 
GLU HG3  H N N 124 
GLU HE2  H N N 125 
GLU HXT  H N N 126 
GLY N    N N N 127 
GLY CA   C N N 128 
GLY C    C N N 129 
GLY O    O N N 130 
GLY OXT  O N N 131 
GLY H    H N N 132 
GLY H2   H N N 133 
GLY HA2  H N N 134 
GLY HA3  H N N 135 
GLY HXT  H N N 136 
HIS N    N N N 137 
HIS CA   C N S 138 
HIS C    C N N 139 
HIS O    O N N 140 
HIS CB   C N N 141 
HIS CG   C Y N 142 
HIS ND1  N Y N 143 
HIS CD2  C Y N 144 
HIS CE1  C Y N 145 
HIS NE2  N Y N 146 
HIS OXT  O N N 147 
HIS H    H N N 148 
HIS H2   H N N 149 
HIS HA   H N N 150 
HIS HB2  H N N 151 
HIS HB3  H N N 152 
HIS HD1  H N N 153 
HIS HD2  H N N 154 
HIS HE1  H N N 155 
HIS HE2  H N N 156 
HIS HXT  H N N 157 
HOH O    O N N 158 
HOH H1   H N N 159 
HOH H2   H N N 160 
ILE N    N N N 161 
ILE CA   C N S 162 
ILE C    C N N 163 
ILE O    O N N 164 
ILE CB   C N S 165 
ILE CG1  C N N 166 
ILE CG2  C N N 167 
ILE CD1  C N N 168 
ILE OXT  O N N 169 
ILE H    H N N 170 
ILE H2   H N N 171 
ILE HA   H N N 172 
ILE HB   H N N 173 
ILE HG12 H N N 174 
ILE HG13 H N N 175 
ILE HG21 H N N 176 
ILE HG22 H N N 177 
ILE HG23 H N N 178 
ILE HD11 H N N 179 
ILE HD12 H N N 180 
ILE HD13 H N N 181 
ILE HXT  H N N 182 
LEU N    N N N 183 
LEU CA   C N S 184 
LEU C    C N N 185 
LEU O    O N N 186 
LEU CB   C N N 187 
LEU CG   C N N 188 
LEU CD1  C N N 189 
LEU CD2  C N N 190 
LEU OXT  O N N 191 
LEU H    H N N 192 
LEU H2   H N N 193 
LEU HA   H N N 194 
LEU HB2  H N N 195 
LEU HB3  H N N 196 
LEU HG   H N N 197 
LEU HD11 H N N 198 
LEU HD12 H N N 199 
LEU HD13 H N N 200 
LEU HD21 H N N 201 
LEU HD22 H N N 202 
LEU HD23 H N N 203 
LEU HXT  H N N 204 
LYS N    N N N 205 
LYS CA   C N S 206 
LYS C    C N N 207 
LYS O    O N N 208 
LYS CB   C N N 209 
LYS CG   C N N 210 
LYS CD   C N N 211 
LYS CE   C N N 212 
LYS NZ   N N N 213 
LYS OXT  O N N 214 
LYS H    H N N 215 
LYS H2   H N N 216 
LYS HA   H N N 217 
LYS HB2  H N N 218 
LYS HB3  H N N 219 
LYS HG2  H N N 220 
LYS HG3  H N N 221 
LYS HD2  H N N 222 
LYS HD3  H N N 223 
LYS HE2  H N N 224 
LYS HE3  H N N 225 
LYS HZ1  H N N 226 
LYS HZ2  H N N 227 
LYS HZ3  H N N 228 
LYS HXT  H N N 229 
MET N    N N N 230 
MET CA   C N S 231 
MET C    C N N 232 
MET O    O N N 233 
MET CB   C N N 234 
MET CG   C N N 235 
MET SD   S N N 236 
MET CE   C N N 237 
MET OXT  O N N 238 
MET H    H N N 239 
MET H2   H N N 240 
MET HA   H N N 241 
MET HB2  H N N 242 
MET HB3  H N N 243 
MET HG2  H N N 244 
MET HG3  H N N 245 
MET HE1  H N N 246 
MET HE2  H N N 247 
MET HE3  H N N 248 
MET HXT  H N N 249 
PHE N    N N N 250 
PHE CA   C N S 251 
PHE C    C N N 252 
PHE O    O N N 253 
PHE CB   C N N 254 
PHE CG   C Y N 255 
PHE CD1  C Y N 256 
PHE CD2  C Y N 257 
PHE CE1  C Y N 258 
PHE CE2  C Y N 259 
PHE CZ   C Y N 260 
PHE OXT  O N N 261 
PHE H    H N N 262 
PHE H2   H N N 263 
PHE HA   H N N 264 
PHE HB2  H N N 265 
PHE HB3  H N N 266 
PHE HD1  H N N 267 
PHE HD2  H N N 268 
PHE HE1  H N N 269 
PHE HE2  H N N 270 
PHE HZ   H N N 271 
PHE HXT  H N N 272 
PRO N    N N N 273 
PRO CA   C N S 274 
PRO C    C N N 275 
PRO O    O N N 276 
PRO CB   C N N 277 
PRO CG   C N N 278 
PRO CD   C N N 279 
PRO OXT  O N N 280 
PRO H    H N N 281 
PRO HA   H N N 282 
PRO HB2  H N N 283 
PRO HB3  H N N 284 
PRO HG2  H N N 285 
PRO HG3  H N N 286 
PRO HD2  H N N 287 
PRO HD3  H N N 288 
PRO HXT  H N N 289 
SER N    N N N 290 
SER CA   C N S 291 
SER C    C N N 292 
SER O    O N N 293 
SER CB   C N N 294 
SER OG   O N N 295 
SER OXT  O N N 296 
SER H    H N N 297 
SER H2   H N N 298 
SER HA   H N N 299 
SER HB2  H N N 300 
SER HB3  H N N 301 
SER HG   H N N 302 
SER HXT  H N N 303 
THR N    N N N 304 
THR CA   C N S 305 
THR C    C N N 306 
THR O    O N N 307 
THR CB   C N R 308 
THR OG1  O N N 309 
THR CG2  C N N 310 
THR OXT  O N N 311 
THR H    H N N 312 
THR H2   H N N 313 
THR HA   H N N 314 
THR HB   H N N 315 
THR HG1  H N N 316 
THR HG21 H N N 317 
THR HG22 H N N 318 
THR HG23 H N N 319 
THR HXT  H N N 320 
TRP N    N N N 321 
TRP CA   C N S 322 
TRP C    C N N 323 
TRP O    O N N 324 
TRP CB   C N N 325 
TRP CG   C Y N 326 
TRP CD1  C Y N 327 
TRP CD2  C Y N 328 
TRP NE1  N Y N 329 
TRP CE2  C Y N 330 
TRP CE3  C Y N 331 
TRP CZ2  C Y N 332 
TRP CZ3  C Y N 333 
TRP CH2  C Y N 334 
TRP OXT  O N N 335 
TRP H    H N N 336 
TRP H2   H N N 337 
TRP HA   H N N 338 
TRP HB2  H N N 339 
TRP HB3  H N N 340 
TRP HD1  H N N 341 
TRP HE1  H N N 342 
TRP HE3  H N N 343 
TRP HZ2  H N N 344 
TRP HZ3  H N N 345 
TRP HH2  H N N 346 
TRP HXT  H N N 347 
TYR N    N N N 348 
TYR CA   C N S 349 
TYR C    C N N 350 
TYR O    O N N 351 
TYR CB   C N N 352 
TYR CG   C Y N 353 
TYR CD1  C Y N 354 
TYR CD2  C Y N 355 
TYR CE1  C Y N 356 
TYR CE2  C Y N 357 
TYR CZ   C Y N 358 
TYR OH   O N N 359 
TYR OXT  O N N 360 
TYR H    H N N 361 
TYR H2   H N N 362 
TYR HA   H N N 363 
TYR HB2  H N N 364 
TYR HB3  H N N 365 
TYR HD1  H N N 366 
TYR HD2  H N N 367 
TYR HE1  H N N 368 
TYR HE2  H N N 369 
TYR HH   H N N 370 
TYR HXT  H N N 371 
VAL N    N N N 372 
VAL CA   C N S 373 
VAL C    C N N 374 
VAL O    O N N 375 
VAL CB   C N N 376 
VAL CG1  C N N 377 
VAL CG2  C N N 378 
VAL OXT  O N N 379 
VAL H    H N N 380 
VAL H2   H N N 381 
VAL HA   H N N 382 
VAL HB   H N N 383 
VAL HG11 H N N 384 
VAL HG12 H N N 385 
VAL HG13 H N N 386 
VAL HG21 H N N 387 
VAL HG22 H N N 388 
VAL HG23 H N N 389 
VAL HXT  H N N 390 
# 
loop_
_chem_comp_bond.comp_id 
_chem_comp_bond.atom_id_1 
_chem_comp_bond.atom_id_2 
_chem_comp_bond.value_order 
_chem_comp_bond.pdbx_aromatic_flag 
_chem_comp_bond.pdbx_stereo_config 
_chem_comp_bond.pdbx_ordinal 
ALA N   CA   sing N N 1   
ALA N   H    sing N N 2   
ALA N   H2   sing N N 3   
ALA CA  C    sing N N 4   
ALA CA  CB   sing N N 5   
ALA CA  HA   sing N N 6   
ALA C   O    doub N N 7   
ALA C   OXT  sing N N 8   
ALA CB  HB1  sing N N 9   
ALA CB  HB2  sing N N 10  
ALA CB  HB3  sing N N 11  
ALA OXT HXT  sing N N 12  
ARG N   CA   sing N N 13  
ARG N   H    sing N N 14  
ARG N   H2   sing N N 15  
ARG CA  C    sing N N 16  
ARG CA  CB   sing N N 17  
ARG CA  HA   sing N N 18  
ARG C   O    doub N N 19  
ARG C   OXT  sing N N 20  
ARG CB  CG   sing N N 21  
ARG CB  HB2  sing N N 22  
ARG CB  HB3  sing N N 23  
ARG CG  CD   sing N N 24  
ARG CG  HG2  sing N N 25  
ARG CG  HG3  sing N N 26  
ARG CD  NE   sing N N 27  
ARG CD  HD2  sing N N 28  
ARG CD  HD3  sing N N 29  
ARG NE  CZ   sing N N 30  
ARG NE  HE   sing N N 31  
ARG CZ  NH1  sing N N 32  
ARG CZ  NH2  doub N N 33  
ARG NH1 HH11 sing N N 34  
ARG NH1 HH12 sing N N 35  
ARG NH2 HH21 sing N N 36  
ARG NH2 HH22 sing N N 37  
ARG OXT HXT  sing N N 38  
ASN N   CA   sing N N 39  
ASN N   H    sing N N 40  
ASN N   H2   sing N N 41  
ASN CA  C    sing N N 42  
ASN CA  CB   sing N N 43  
ASN CA  HA   sing N N 44  
ASN C   O    doub N N 45  
ASN C   OXT  sing N N 46  
ASN CB  CG   sing N N 47  
ASN CB  HB2  sing N N 48  
ASN CB  HB3  sing N N 49  
ASN CG  OD1  doub N N 50  
ASN CG  ND2  sing N N 51  
ASN ND2 HD21 sing N N 52  
ASN ND2 HD22 sing N N 53  
ASN OXT HXT  sing N N 54  
ASP N   CA   sing N N 55  
ASP N   H    sing N N 56  
ASP N   H2   sing N N 57  
ASP CA  C    sing N N 58  
ASP CA  CB   sing N N 59  
ASP CA  HA   sing N N 60  
ASP C   O    doub N N 61  
ASP C   OXT  sing N N 62  
ASP CB  CG   sing N N 63  
ASP CB  HB2  sing N N 64  
ASP CB  HB3  sing N N 65  
ASP CG  OD1  doub N N 66  
ASP CG  OD2  sing N N 67  
ASP OD2 HD2  sing N N 68  
ASP OXT HXT  sing N N 69  
CYS N   CA   sing N N 70  
CYS N   H    sing N N 71  
CYS N   H2   sing N N 72  
CYS CA  C    sing N N 73  
CYS CA  CB   sing N N 74  
CYS CA  HA   sing N N 75  
CYS C   O    doub N N 76  
CYS C   OXT  sing N N 77  
CYS CB  SG   sing N N 78  
CYS CB  HB2  sing N N 79  
CYS CB  HB3  sing N N 80  
CYS SG  HG   sing N N 81  
CYS OXT HXT  sing N N 82  
GLN N   CA   sing N N 83  
GLN N   H    sing N N 84  
GLN N   H2   sing N N 85  
GLN CA  C    sing N N 86  
GLN CA  CB   sing N N 87  
GLN CA  HA   sing N N 88  
GLN C   O    doub N N 89  
GLN C   OXT  sing N N 90  
GLN CB  CG   sing N N 91  
GLN CB  HB2  sing N N 92  
GLN CB  HB3  sing N N 93  
GLN CG  CD   sing N N 94  
GLN CG  HG2  sing N N 95  
GLN CG  HG3  sing N N 96  
GLN CD  OE1  doub N N 97  
GLN CD  NE2  sing N N 98  
GLN NE2 HE21 sing N N 99  
GLN NE2 HE22 sing N N 100 
GLN OXT HXT  sing N N 101 
GLU N   CA   sing N N 102 
GLU N   H    sing N N 103 
GLU N   H2   sing N N 104 
GLU CA  C    sing N N 105 
GLU CA  CB   sing N N 106 
GLU CA  HA   sing N N 107 
GLU C   O    doub N N 108 
GLU C   OXT  sing N N 109 
GLU CB  CG   sing N N 110 
GLU CB  HB2  sing N N 111 
GLU CB  HB3  sing N N 112 
GLU CG  CD   sing N N 113 
GLU CG  HG2  sing N N 114 
GLU CG  HG3  sing N N 115 
GLU CD  OE1  doub N N 116 
GLU CD  OE2  sing N N 117 
GLU OE2 HE2  sing N N 118 
GLU OXT HXT  sing N N 119 
GLY N   CA   sing N N 120 
GLY N   H    sing N N 121 
GLY N   H2   sing N N 122 
GLY CA  C    sing N N 123 
GLY CA  HA2  sing N N 124 
GLY CA  HA3  sing N N 125 
GLY C   O    doub N N 126 
GLY C   OXT  sing N N 127 
GLY OXT HXT  sing N N 128 
HIS N   CA   sing N N 129 
HIS N   H    sing N N 130 
HIS N   H2   sing N N 131 
HIS CA  C    sing N N 132 
HIS CA  CB   sing N N 133 
HIS CA  HA   sing N N 134 
HIS C   O    doub N N 135 
HIS C   OXT  sing N N 136 
HIS CB  CG   sing N N 137 
HIS CB  HB2  sing N N 138 
HIS CB  HB3  sing N N 139 
HIS CG  ND1  sing Y N 140 
HIS CG  CD2  doub Y N 141 
HIS ND1 CE1  doub Y N 142 
HIS ND1 HD1  sing N N 143 
HIS CD2 NE2  sing Y N 144 
HIS CD2 HD2  sing N N 145 
HIS CE1 NE2  sing Y N 146 
HIS CE1 HE1  sing N N 147 
HIS NE2 HE2  sing N N 148 
HIS OXT HXT  sing N N 149 
HOH O   H1   sing N N 150 
HOH O   H2   sing N N 151 
ILE N   CA   sing N N 152 
ILE N   H    sing N N 153 
ILE N   H2   sing N N 154 
ILE CA  C    sing N N 155 
ILE CA  CB   sing N N 156 
ILE CA  HA   sing N N 157 
ILE C   O    doub N N 158 
ILE C   OXT  sing N N 159 
ILE CB  CG1  sing N N 160 
ILE CB  CG2  sing N N 161 
ILE CB  HB   sing N N 162 
ILE CG1 CD1  sing N N 163 
ILE CG1 HG12 sing N N 164 
ILE CG1 HG13 sing N N 165 
ILE CG2 HG21 sing N N 166 
ILE CG2 HG22 sing N N 167 
ILE CG2 HG23 sing N N 168 
ILE CD1 HD11 sing N N 169 
ILE CD1 HD12 sing N N 170 
ILE CD1 HD13 sing N N 171 
ILE OXT HXT  sing N N 172 
LEU N   CA   sing N N 173 
LEU N   H    sing N N 174 
LEU N   H2   sing N N 175 
LEU CA  C    sing N N 176 
LEU CA  CB   sing N N 177 
LEU CA  HA   sing N N 178 
LEU C   O    doub N N 179 
LEU C   OXT  sing N N 180 
LEU CB  CG   sing N N 181 
LEU CB  HB2  sing N N 182 
LEU CB  HB3  sing N N 183 
LEU CG  CD1  sing N N 184 
LEU CG  CD2  sing N N 185 
LEU CG  HG   sing N N 186 
LEU CD1 HD11 sing N N 187 
LEU CD1 HD12 sing N N 188 
LEU CD1 HD13 sing N N 189 
LEU CD2 HD21 sing N N 190 
LEU CD2 HD22 sing N N 191 
LEU CD2 HD23 sing N N 192 
LEU OXT HXT  sing N N 193 
LYS N   CA   sing N N 194 
LYS N   H    sing N N 195 
LYS N   H2   sing N N 196 
LYS CA  C    sing N N 197 
LYS CA  CB   sing N N 198 
LYS CA  HA   sing N N 199 
LYS C   O    doub N N 200 
LYS C   OXT  sing N N 201 
LYS CB  CG   sing N N 202 
LYS CB  HB2  sing N N 203 
LYS CB  HB3  sing N N 204 
LYS CG  CD   sing N N 205 
LYS CG  HG2  sing N N 206 
LYS CG  HG3  sing N N 207 
LYS CD  CE   sing N N 208 
LYS CD  HD2  sing N N 209 
LYS CD  HD3  sing N N 210 
LYS CE  NZ   sing N N 211 
LYS CE  HE2  sing N N 212 
LYS CE  HE3  sing N N 213 
LYS NZ  HZ1  sing N N 214 
LYS NZ  HZ2  sing N N 215 
LYS NZ  HZ3  sing N N 216 
LYS OXT HXT  sing N N 217 
MET N   CA   sing N N 218 
MET N   H    sing N N 219 
MET N   H2   sing N N 220 
MET CA  C    sing N N 221 
MET CA  CB   sing N N 222 
MET CA  HA   sing N N 223 
MET C   O    doub N N 224 
MET C   OXT  sing N N 225 
MET CB  CG   sing N N 226 
MET CB  HB2  sing N N 227 
MET CB  HB3  sing N N 228 
MET CG  SD   sing N N 229 
MET CG  HG2  sing N N 230 
MET CG  HG3  sing N N 231 
MET SD  CE   sing N N 232 
MET CE  HE1  sing N N 233 
MET CE  HE2  sing N N 234 
MET CE  HE3  sing N N 235 
MET OXT HXT  sing N N 236 
PHE N   CA   sing N N 237 
PHE N   H    sing N N 238 
PHE N   H2   sing N N 239 
PHE CA  C    sing N N 240 
PHE CA  CB   sing N N 241 
PHE CA  HA   sing N N 242 
PHE C   O    doub N N 243 
PHE C   OXT  sing N N 244 
PHE CB  CG   sing N N 245 
PHE CB  HB2  sing N N 246 
PHE CB  HB3  sing N N 247 
PHE CG  CD1  doub Y N 248 
PHE CG  CD2  sing Y N 249 
PHE CD1 CE1  sing Y N 250 
PHE CD1 HD1  sing N N 251 
PHE CD2 CE2  doub Y N 252 
PHE CD2 HD2  sing N N 253 
PHE CE1 CZ   doub Y N 254 
PHE CE1 HE1  sing N N 255 
PHE CE2 CZ   sing Y N 256 
PHE CE2 HE2  sing N N 257 
PHE CZ  HZ   sing N N 258 
PHE OXT HXT  sing N N 259 
PRO N   CA   sing N N 260 
PRO N   CD   sing N N 261 
PRO N   H    sing N N 262 
PRO CA  C    sing N N 263 
PRO CA  CB   sing N N 264 
PRO CA  HA   sing N N 265 
PRO C   O    doub N N 266 
PRO C   OXT  sing N N 267 
PRO CB  CG   sing N N 268 
PRO CB  HB2  sing N N 269 
PRO CB  HB3  sing N N 270 
PRO CG  CD   sing N N 271 
PRO CG  HG2  sing N N 272 
PRO CG  HG3  sing N N 273 
PRO CD  HD2  sing N N 274 
PRO CD  HD3  sing N N 275 
PRO OXT HXT  sing N N 276 
SER N   CA   sing N N 277 
SER N   H    sing N N 278 
SER N   H2   sing N N 279 
SER CA  C    sing N N 280 
SER CA  CB   sing N N 281 
SER CA  HA   sing N N 282 
SER C   O    doub N N 283 
SER C   OXT  sing N N 284 
SER CB  OG   sing N N 285 
SER CB  HB2  sing N N 286 
SER CB  HB3  sing N N 287 
SER OG  HG   sing N N 288 
SER OXT HXT  sing N N 289 
THR N   CA   sing N N 290 
THR N   H    sing N N 291 
THR N   H2   sing N N 292 
THR CA  C    sing N N 293 
THR CA  CB   sing N N 294 
THR CA  HA   sing N N 295 
THR C   O    doub N N 296 
THR C   OXT  sing N N 297 
THR CB  OG1  sing N N 298 
THR CB  CG2  sing N N 299 
THR CB  HB   sing N N 300 
THR OG1 HG1  sing N N 301 
THR CG2 HG21 sing N N 302 
THR CG2 HG22 sing N N 303 
THR CG2 HG23 sing N N 304 
THR OXT HXT  sing N N 305 
TRP N   CA   sing N N 306 
TRP N   H    sing N N 307 
TRP N   H2   sing N N 308 
TRP CA  C    sing N N 309 
TRP CA  CB   sing N N 310 
TRP CA  HA   sing N N 311 
TRP C   O    doub N N 312 
TRP C   OXT  sing N N 313 
TRP CB  CG   sing N N 314 
TRP CB  HB2  sing N N 315 
TRP CB  HB3  sing N N 316 
TRP CG  CD1  doub Y N 317 
TRP CG  CD2  sing Y N 318 
TRP CD1 NE1  sing Y N 319 
TRP CD1 HD1  sing N N 320 
TRP CD2 CE2  doub Y N 321 
TRP CD2 CE3  sing Y N 322 
TRP NE1 CE2  sing Y N 323 
TRP NE1 HE1  sing N N 324 
TRP CE2 CZ2  sing Y N 325 
TRP CE3 CZ3  doub Y N 326 
TRP CE3 HE3  sing N N 327 
TRP CZ2 CH2  doub Y N 328 
TRP CZ2 HZ2  sing N N 329 
TRP CZ3 CH2  sing Y N 330 
TRP CZ3 HZ3  sing N N 331 
TRP CH2 HH2  sing N N 332 
TRP OXT HXT  sing N N 333 
TYR N   CA   sing N N 334 
TYR N   H    sing N N 335 
TYR N   H2   sing N N 336 
TYR CA  C    sing N N 337 
TYR CA  CB   sing N N 338 
TYR CA  HA   sing N N 339 
TYR C   O    doub N N 340 
TYR C   OXT  sing N N 341 
TYR CB  CG   sing N N 342 
TYR CB  HB2  sing N N 343 
TYR CB  HB3  sing N N 344 
TYR CG  CD1  doub Y N 345 
TYR CG  CD2  sing Y N 346 
TYR CD1 CE1  sing Y N 347 
TYR CD1 HD1  sing N N 348 
TYR CD2 CE2  doub Y N 349 
TYR CD2 HD2  sing N N 350 
TYR CE1 CZ   doub Y N 351 
TYR CE1 HE1  sing N N 352 
TYR CE2 CZ   sing Y N 353 
TYR CE2 HE2  sing N N 354 
TYR CZ  OH   sing N N 355 
TYR OH  HH   sing N N 356 
TYR OXT HXT  sing N N 357 
VAL N   CA   sing N N 358 
VAL N   H    sing N N 359 
VAL N   H2   sing N N 360 
VAL CA  C    sing N N 361 
VAL CA  CB   sing N N 362 
VAL CA  HA   sing N N 363 
VAL C   O    doub N N 364 
VAL C   OXT  sing N N 365 
VAL CB  CG1  sing N N 366 
VAL CB  CG2  sing N N 367 
VAL CB  HB   sing N N 368 
VAL CG1 HG11 sing N N 369 
VAL CG1 HG12 sing N N 370 
VAL CG1 HG13 sing N N 371 
VAL CG2 HG21 sing N N 372 
VAL CG2 HG22 sing N N 373 
VAL CG2 HG23 sing N N 374 
VAL OXT HXT  sing N N 375 
# 
_pdbx_entity_nonpoly.entity_id   3 
_pdbx_entity_nonpoly.name        water 
_pdbx_entity_nonpoly.comp_id     HOH 
# 
_pdbx_initial_refinement_model.id               1 
_pdbx_initial_refinement_model.entity_id_list   ? 
_pdbx_initial_refinement_model.type             'experimental model' 
_pdbx_initial_refinement_model.source_name      PDB 
_pdbx_initial_refinement_model.accession_code   2F0R 
_pdbx_initial_refinement_model.details          'PDB ENTRY 2F0R' 
# 
